data_6IGX
#
_entry.id   6IGX
#
_cell.length_a   122.433
_cell.length_b   61.998
_cell.length_c   130.885
_cell.angle_alpha   90.00
_cell.angle_beta   93.47
_cell.angle_gamma   90.00
#
_symmetry.space_group_name_H-M   'P 1 21 1'
#
loop_
_entity.id
_entity.type
_entity.pdbx_description
1 polymer 'Condensin complex subunit 3'
2 polymer 'Condensin complex subunit 2'
3 non-polymer '4-(2-HYDROXYETHYL)-1-PIPERAZINE ETHANESULFONIC ACID'
4 water water
#
loop_
_entity_poly.entity_id
_entity_poly.type
_entity_poly.pdbx_seq_one_letter_code
_entity_poly.pdbx_strand_id
1 'polypeptide(L)'
;MGSSHHHHHHSQDPMGAERRLLSIKEAFRLAQQPHQNQAKLVVALSRTYRTMDDKTVFHEEFIHYLKYVMVVYKREPAVE
RVIEFAAKFVTSFHQSDMEDDEEEEDGGLLNYLFTFLLKSHEANSNAVRFRVCLLINKLLGSMPENAQIDDDVFDKINKA
MLIRLKDKIPNVRIQAVLALSRLQDPKDDECPVVNAYATLIENDSNPEVRRAVLSCIAPSAKTLPKIVGRTKDVKEAVRK
LAYQVLAEKVHMRAMSIAQRVMLLQQGLNDRSDAVKQAMQKHLLQGWLRFSEGNILELLHRLDVENSSEVAVSVLNALFS
ITPLSELVGLCKNNDGRKLIPVETLTPEIALYWCALCEYLKSKGDEGEEFLEQILPEPVVYADYLLSYIQSIPVVNEEHR
GDFSYIGNLMTKEFIGQQLILIIKSLDTSEEGGRKKLLAVLQEILILPTIPISLVSFLVERLLHIIIDDNKRTQIVTEII
SEIRAPIVTVGVAETLQKCLILCYELLKQMSISTGLSATMNGIIESLILPGIISIHPVVRNLAVLCLGCCGLQNQDFARK
HFVLLLQVLQIDDVTIKISALKAIFDQLMTFGIEPFKTKKIKTLHCEGTEINSDDEQESKEVEETATAKNVLKLLSDFLD
SEVSELRTGAAEGLAKLMFSGLLVSSRILSRLILLWYNPVTEEDVQLRHCLGVFFPVFAYASRTNQECFEEAFLPTLQTL
ANAPASSPLAEIDITNVAELLVDLTRPSGLNPQAKTSQDYQALTVHDNLAMKICNEILTSPCSPEIRVYTKALSSLELSS
HLAKDLLVLLNEILEQVKDRTCLRALEKIKIQLEKGNKE
;
B,D
2 'polypeptide(L)' MEIDFEDDIDFDVYFRKTKAATILTKSTLENQNWRATTLPTDFNYNVDTLVQLHLKP A,C
#
loop_
_chem_comp.id
_chem_comp.type
_chem_comp.name
_chem_comp.formula
EPE non-polymer '4-(2-HYDROXYETHYL)-1-PIPERAZINE ETHANESULFONIC ACID' 'C8 H18 N2 O4 S'
#
# COMPACT_ATOMS: atom_id res chain seq x y z
N LEU A 21 -30.41 71.88 13.67
CA LEU A 21 -30.77 70.80 12.77
C LEU A 21 -29.81 69.63 12.91
N LEU A 22 -29.82 68.73 11.95
CA LEU A 22 -28.79 67.70 11.85
C LEU A 22 -27.54 68.27 11.18
N SER A 23 -26.44 68.29 11.92
CA SER A 23 -25.18 68.80 11.37
C SER A 23 -24.45 67.67 10.67
N ILE A 24 -23.52 68.02 9.79
CA ILE A 24 -22.73 67.03 9.06
C ILE A 24 -22.01 66.09 10.01
N LYS A 25 -21.56 66.60 11.15
CA LYS A 25 -20.78 65.82 12.10
C LYS A 25 -21.65 64.77 12.80
N GLU A 26 -22.87 65.14 13.16
CA GLU A 26 -23.79 64.17 13.74
C GLU A 26 -24.18 63.14 12.70
N ALA A 27 -24.44 63.61 11.49
CA ALA A 27 -24.82 62.74 10.38
C ALA A 27 -23.73 61.69 10.13
N PHE A 28 -22.48 62.12 10.20
CA PHE A 28 -21.35 61.21 10.00
C PHE A 28 -21.15 60.32 11.21
N ARG A 29 -21.17 60.92 12.40
CA ARG A 29 -21.02 60.16 13.63
C ARG A 29 -22.10 59.08 13.75
N LEU A 30 -23.27 59.38 13.21
CA LEU A 30 -24.39 58.44 13.23
C LEU A 30 -24.20 57.34 12.20
N ALA A 31 -23.75 57.71 11.01
CA ALA A 31 -23.55 56.75 9.92
C ALA A 31 -22.48 55.74 10.30
N GLN A 32 -21.62 56.13 11.24
CA GLN A 32 -20.57 55.28 11.75
C GLN A 32 -21.14 54.03 12.44
N GLN A 33 -22.27 54.20 13.11
CA GLN A 33 -22.90 53.13 13.88
C GLN A 33 -23.43 52.02 12.97
N PRO A 34 -23.37 50.77 13.46
CA PRO A 34 -23.73 49.57 12.70
C PRO A 34 -25.20 49.54 12.32
N HIS A 35 -26.07 49.58 13.32
CA HIS A 35 -27.50 49.57 13.07
C HIS A 35 -28.09 50.96 13.20
N GLN A 36 -28.00 51.69 12.09
CA GLN A 36 -28.52 53.05 11.97
C GLN A 36 -28.94 53.26 10.53
N ASN A 37 -30.22 53.56 10.31
CA ASN A 37 -30.75 53.63 8.95
C ASN A 37 -30.13 54.81 8.20
N GLN A 38 -29.79 54.59 6.93
CA GLN A 38 -29.09 55.60 6.15
C GLN A 38 -30.05 56.40 5.29
N ALA A 39 -31.12 55.77 4.85
CA ALA A 39 -32.16 56.43 4.08
C ALA A 39 -32.68 57.63 4.87
N LYS A 40 -32.84 57.44 6.17
CA LYS A 40 -33.27 58.49 7.08
C LYS A 40 -32.26 59.63 7.15
N LEU A 41 -31.02 59.29 7.51
CA LEU A 41 -29.94 60.26 7.64
C LEU A 41 -29.76 61.12 6.39
N VAL A 42 -30.01 60.52 5.23
CA VAL A 42 -29.99 61.26 3.99
C VAL A 42 -31.04 62.35 4.02
N VAL A 43 -32.27 61.99 4.38
CA VAL A 43 -33.38 62.94 4.42
C VAL A 43 -33.16 64.05 5.43
N ALA A 44 -32.74 63.67 6.64
CA ALA A 44 -32.45 64.65 7.68
C ALA A 44 -31.42 65.66 7.24
N LEU A 45 -30.24 65.17 6.85
CA LEU A 45 -29.16 66.03 6.43
C LEU A 45 -29.46 66.74 5.11
N SER A 46 -30.23 66.07 4.23
CA SER A 46 -30.57 66.65 2.93
C SER A 46 -31.35 67.94 3.07
N ARG A 47 -32.26 67.98 4.05
CA ARG A 47 -32.94 69.22 4.37
C ARG A 47 -31.96 70.24 4.94
N THR A 48 -31.12 69.79 5.86
CA THR A 48 -30.11 70.64 6.49
C THR A 48 -29.27 71.34 5.43
N TYR A 49 -29.12 70.70 4.29
CA TYR A 49 -28.33 71.24 3.19
C TYR A 49 -29.08 72.35 2.49
N ARG A 50 -30.31 72.05 2.04
CA ARG A 50 -31.12 73.02 1.32
C ARG A 50 -31.60 74.15 2.24
N THR A 51 -31.77 73.86 3.53
CA THR A 51 -32.22 74.88 4.47
C THR A 51 -31.13 75.93 4.73
N MET A 52 -29.87 75.49 4.65
CA MET A 52 -28.76 76.44 4.75
C MET A 52 -28.78 77.39 3.56
N ASP A 53 -28.26 78.60 3.77
CA ASP A 53 -28.13 79.56 2.70
C ASP A 53 -26.64 79.70 2.42
N ASP A 54 -26.27 79.96 1.17
CA ASP A 54 -24.87 80.00 0.79
C ASP A 54 -24.29 78.61 1.03
N LYS A 55 -24.61 77.69 0.11
CA LYS A 55 -24.28 76.28 0.27
C LYS A 55 -22.79 76.01 0.46
N THR A 56 -21.96 76.98 0.07
CA THR A 56 -20.51 76.81 0.12
C THR A 56 -19.99 76.61 1.54
N VAL A 57 -20.73 77.08 2.53
CA VAL A 57 -20.33 76.86 3.92
C VAL A 57 -20.57 75.40 4.28
N PHE A 58 -21.62 74.82 3.71
CA PHE A 58 -21.89 73.39 3.88
C PHE A 58 -20.87 72.57 3.10
N HIS A 59 -20.56 73.02 1.89
CA HIS A 59 -19.57 72.36 1.03
C HIS A 59 -18.24 72.17 1.74
N GLU A 60 -17.74 73.23 2.35
CA GLU A 60 -16.45 73.18 3.02
C GLU A 60 -16.54 72.34 4.30
N GLU A 61 -17.72 72.33 4.91
CA GLU A 61 -17.96 71.52 6.09
C GLU A 61 -17.98 70.03 5.77
N PHE A 62 -18.57 69.67 4.64
CA PHE A 62 -18.70 68.28 4.24
C PHE A 62 -17.35 67.62 4.00
N ILE A 63 -16.50 68.30 3.25
CA ILE A 63 -15.17 67.77 2.94
C ILE A 63 -14.29 67.67 4.19
N HIS A 64 -14.47 68.60 5.11
CA HIS A 64 -13.64 68.65 6.31
C HIS A 64 -13.80 67.40 7.18
N TYR A 65 -15.04 66.95 7.35
CA TYR A 65 -15.30 65.79 8.19
C TYR A 65 -15.14 64.50 7.40
N LEU A 66 -15.21 64.61 6.08
CA LEU A 66 -14.96 63.46 5.22
C LEU A 66 -13.48 63.08 5.29
N LYS A 67 -12.64 64.05 5.60
CA LYS A 67 -11.20 63.83 5.72
C LYS A 67 -10.87 62.83 6.82
N TYR A 68 -11.73 62.73 7.83
CA TYR A 68 -11.47 61.84 8.96
C TYR A 68 -11.56 60.37 8.56
N VAL A 69 -12.16 60.09 7.41
CA VAL A 69 -12.32 58.72 6.94
C VAL A 69 -11.56 58.46 5.65
N MET A 70 -10.86 59.47 5.17
CA MET A 70 -10.05 59.34 3.96
C MET A 70 -8.61 59.03 4.33
N VAL A 71 -8.29 59.15 5.62
CA VAL A 71 -6.93 58.92 6.09
C VAL A 71 -6.76 57.57 6.75
N VAL A 72 -7.69 56.66 6.48
CA VAL A 72 -7.60 55.31 7.01
C VAL A 72 -7.56 54.30 5.87
N TYR A 73 -6.44 53.59 5.75
CA TYR A 73 -6.25 52.62 4.68
C TYR A 73 -6.98 51.31 4.97
N LYS A 74 -6.89 50.86 6.22
CA LYS A 74 -7.52 49.60 6.60
C LYS A 74 -9.03 49.71 6.57
N ARG A 75 -9.69 48.63 6.18
CA ARG A 75 -11.13 48.62 5.98
C ARG A 75 -11.95 48.44 7.25
N GLU A 76 -11.67 49.26 8.27
CA GLU A 76 -12.53 49.28 9.46
C GLU A 76 -13.95 49.63 9.02
N PRO A 77 -14.94 48.88 9.52
CA PRO A 77 -16.32 49.01 9.05
C PRO A 77 -16.94 50.38 9.32
N ALA A 78 -16.56 50.99 10.45
CA ALA A 78 -16.97 52.36 10.75
C ALA A 78 -16.64 53.30 9.59
N VAL A 79 -15.38 53.28 9.16
CA VAL A 79 -14.92 54.09 8.03
C VAL A 79 -15.73 53.82 6.77
N GLU A 80 -16.05 52.56 6.54
CA GLU A 80 -16.73 52.16 5.32
C GLU A 80 -18.18 52.63 5.30
N ARG A 81 -18.78 52.75 6.47
CA ARG A 81 -20.17 53.16 6.59
C ARG A 81 -20.31 54.65 6.25
N VAL A 82 -19.40 55.45 6.78
CA VAL A 82 -19.39 56.89 6.49
C VAL A 82 -19.14 57.16 5.01
N ILE A 83 -18.15 56.48 4.43
CA ILE A 83 -17.89 56.59 3.01
C ILE A 83 -19.14 56.31 2.19
N GLU A 84 -19.81 55.21 2.53
CA GLU A 84 -21.03 54.85 1.84
C GLU A 84 -22.08 55.92 2.03
N PHE A 85 -22.15 56.48 3.24
CA PHE A 85 -23.13 57.50 3.54
C PHE A 85 -22.83 58.78 2.75
N ALA A 86 -21.63 59.31 2.91
CA ALA A 86 -21.21 60.51 2.21
C ALA A 86 -21.42 60.40 0.70
N ALA A 87 -21.16 59.21 0.16
CA ALA A 87 -21.29 58.96 -1.27
C ALA A 87 -22.76 58.87 -1.68
N LYS A 88 -23.53 58.13 -0.90
CA LYS A 88 -24.96 57.95 -1.15
C LYS A 88 -25.68 59.29 -1.02
N PHE A 89 -25.37 60.02 0.04
CA PHE A 89 -25.98 61.33 0.29
C PHE A 89 -25.77 62.29 -0.87
N VAL A 90 -24.51 62.43 -1.28
CA VAL A 90 -24.14 63.35 -2.34
C VAL A 90 -24.80 63.01 -3.68
N THR A 91 -24.96 61.72 -3.96
CA THR A 91 -25.48 61.31 -5.27
C THR A 91 -26.97 61.01 -5.27
N SER A 92 -27.64 61.27 -4.15
CA SER A 92 -29.08 61.08 -4.07
C SER A 92 -29.83 62.38 -4.35
N ASP A 106 -21.63 79.08 -6.36
CA ASP A 106 -20.95 78.34 -7.42
C ASP A 106 -21.31 76.86 -7.36
N GLY A 107 -20.90 76.11 -8.38
CA GLY A 107 -21.22 74.70 -8.51
C GLY A 107 -20.85 73.82 -7.32
N GLY A 108 -21.80 72.97 -6.93
CA GLY A 108 -21.66 72.05 -5.81
C GLY A 108 -22.97 71.28 -5.75
N LEU A 109 -23.11 70.29 -4.86
CA LEU A 109 -22.09 69.83 -3.92
C LEU A 109 -21.25 68.67 -4.46
N LEU A 110 -21.86 67.83 -5.29
CA LEU A 110 -21.17 66.69 -5.88
C LEU A 110 -20.00 67.14 -6.73
N ASN A 111 -20.11 68.32 -7.31
CA ASN A 111 -19.05 68.87 -8.14
C ASN A 111 -17.95 69.47 -7.27
N TYR A 112 -18.35 69.97 -6.10
CA TYR A 112 -17.39 70.47 -5.13
C TYR A 112 -16.56 69.30 -4.61
N LEU A 113 -17.24 68.21 -4.26
CA LEU A 113 -16.58 67.00 -3.79
C LEU A 113 -15.66 66.41 -4.84
N PHE A 114 -16.10 66.44 -6.10
CA PHE A 114 -15.30 65.93 -7.21
C PHE A 114 -14.02 66.75 -7.37
N THR A 115 -14.16 68.07 -7.30
CA THR A 115 -13.02 68.96 -7.36
C THR A 115 -11.99 68.65 -6.28
N PHE A 116 -12.47 68.39 -5.07
CA PHE A 116 -11.61 68.11 -3.93
C PHE A 116 -10.85 66.79 -4.08
N LEU A 117 -11.55 65.77 -4.59
CA LEU A 117 -10.98 64.45 -4.77
C LEU A 117 -9.84 64.48 -5.79
N LEU A 118 -10.06 65.18 -6.89
CA LEU A 118 -9.08 65.27 -7.96
C LEU A 118 -7.82 66.06 -7.57
N LYS A 119 -7.94 66.92 -6.56
CA LYS A 119 -6.79 67.68 -6.08
C LYS A 119 -5.98 66.88 -5.05
N SER A 120 -6.59 65.82 -4.53
CA SER A 120 -5.99 65.07 -3.44
C SER A 120 -5.46 63.70 -3.86
N HIS A 121 -5.56 63.39 -5.16
CA HIS A 121 -5.26 62.04 -5.63
C HIS A 121 -3.76 61.79 -5.76
N GLU A 122 -2.95 62.77 -5.40
CA GLU A 122 -1.51 62.59 -5.40
C GLU A 122 -0.93 62.82 -4.01
N ALA A 123 -1.81 62.77 -3.01
CA ALA A 123 -1.41 62.93 -1.61
C ALA A 123 -0.44 61.84 -1.19
N ASN A 124 0.55 62.20 -0.37
CA ASN A 124 1.60 61.26 0.01
C ASN A 124 1.07 60.06 0.78
N SER A 125 -0.03 60.26 1.51
CA SER A 125 -0.65 59.17 2.26
C SER A 125 -1.26 58.14 1.32
N ASN A 126 -0.89 56.87 1.51
CA ASN A 126 -1.46 55.78 0.74
C ASN A 126 -2.97 55.69 0.93
N ALA A 127 -3.40 55.89 2.18
CA ALA A 127 -4.81 55.84 2.54
C ALA A 127 -5.63 56.83 1.72
N VAL A 128 -5.19 58.09 1.73
CA VAL A 128 -5.89 59.15 1.01
C VAL A 128 -6.07 58.83 -0.47
N ARG A 129 -4.96 58.51 -1.13
CA ARG A 129 -5.01 58.14 -2.55
C ARG A 129 -5.97 56.97 -2.78
N PHE A 130 -5.96 56.02 -1.86
CA PHE A 130 -6.85 54.87 -1.95
C PHE A 130 -8.30 55.31 -1.77
N ARG A 131 -8.54 56.14 -0.76
CA ARG A 131 -9.89 56.62 -0.48
C ARG A 131 -10.42 57.50 -1.59
N VAL A 132 -9.57 58.39 -2.10
CA VAL A 132 -9.91 59.27 -3.21
C VAL A 132 -10.43 58.46 -4.40
N CYS A 133 -9.67 57.46 -4.79
CA CYS A 133 -10.04 56.61 -5.91
C CYS A 133 -11.32 55.87 -5.58
N LEU A 134 -11.39 55.36 -4.35
CA LEU A 134 -12.57 54.66 -3.85
C LEU A 134 -13.82 55.52 -3.97
N LEU A 135 -13.77 56.72 -3.39
CA LEU A 135 -14.88 57.66 -3.46
C LEU A 135 -15.26 58.00 -4.90
N ILE A 136 -14.26 58.33 -5.72
CA ILE A 136 -14.50 58.60 -7.13
C ILE A 136 -15.24 57.43 -7.78
N ASN A 137 -14.76 56.22 -7.47
CA ASN A 137 -15.39 55.01 -7.99
C ASN A 137 -16.84 54.92 -7.55
N LYS A 138 -17.07 55.04 -6.24
CA LYS A 138 -18.42 54.94 -5.67
C LYS A 138 -19.33 56.06 -6.15
N LEU A 139 -18.76 57.27 -6.27
CA LEU A 139 -19.49 58.41 -6.81
C LEU A 139 -19.94 58.12 -8.24
N LEU A 140 -18.98 57.83 -9.11
CA LEU A 140 -19.26 57.48 -10.50
C LEU A 140 -20.30 56.38 -10.64
N GLY A 141 -20.44 55.56 -9.60
CA GLY A 141 -21.38 54.45 -9.66
C GLY A 141 -22.77 54.73 -9.12
N SER A 142 -22.90 55.78 -8.31
CA SER A 142 -24.20 56.10 -7.72
C SER A 142 -24.95 57.27 -8.37
N MET A 143 -24.28 58.06 -9.20
CA MET A 143 -24.89 59.24 -9.79
C MET A 143 -25.76 58.96 -11.01
N PRO A 144 -26.82 59.77 -11.20
CA PRO A 144 -27.74 59.66 -12.33
C PRO A 144 -27.09 60.09 -13.64
N ASP A 151 -18.65 69.69 -19.12
CA ASP A 151 -17.85 69.86 -17.91
C ASP A 151 -16.55 69.05 -18.01
N ASP A 152 -15.46 69.66 -17.55
CA ASP A 152 -14.14 69.01 -17.59
C ASP A 152 -13.88 68.07 -16.40
N VAL A 153 -14.93 67.70 -15.68
CA VAL A 153 -14.76 66.82 -14.53
C VAL A 153 -14.60 65.37 -14.97
N PHE A 154 -15.33 64.99 -16.01
CA PHE A 154 -15.19 63.64 -16.57
C PHE A 154 -13.78 63.46 -17.11
N ASP A 155 -13.25 64.52 -17.71
CA ASP A 155 -11.92 64.50 -18.30
C ASP A 155 -10.81 64.46 -17.25
N LYS A 156 -11.01 65.20 -16.16
CA LYS A 156 -10.02 65.23 -15.09
C LYS A 156 -10.00 63.91 -14.33
N ILE A 157 -11.17 63.28 -14.20
CA ILE A 157 -11.27 61.97 -13.56
C ILE A 157 -10.56 60.93 -14.42
N ASN A 158 -10.95 60.87 -15.69
CA ASN A 158 -10.35 59.96 -16.66
C ASN A 158 -8.84 60.11 -16.67
N LYS A 159 -8.37 61.35 -16.57
CA LYS A 159 -6.94 61.65 -16.53
C LYS A 159 -6.30 61.19 -15.23
N ALA A 160 -6.94 61.51 -14.11
CA ALA A 160 -6.37 61.25 -12.80
C ALA A 160 -6.32 59.77 -12.48
N MET A 161 -7.43 59.07 -12.74
CA MET A 161 -7.50 57.64 -12.48
C MET A 161 -6.55 56.87 -13.39
N LEU A 162 -6.37 57.36 -14.61
CA LEU A 162 -5.45 56.75 -15.55
C LEU A 162 -4.02 56.81 -15.00
N ILE A 163 -3.73 57.86 -14.26
CA ILE A 163 -2.44 57.99 -13.58
C ILE A 163 -2.33 56.97 -12.45
N ARG A 164 -3.38 56.90 -11.63
CA ARG A 164 -3.43 56.02 -10.47
C ARG A 164 -3.43 54.54 -10.83
N LEU A 165 -3.61 54.24 -12.11
CA LEU A 165 -3.47 52.87 -12.60
C LEU A 165 -2.05 52.39 -12.39
N LYS A 166 -1.13 53.33 -12.23
CA LYS A 166 0.28 53.03 -12.02
C LYS A 166 0.70 53.17 -10.56
N ASP A 167 -0.26 53.23 -9.65
CA ASP A 167 0.05 53.50 -8.25
C ASP A 167 0.93 52.40 -7.66
N LYS A 168 1.82 52.79 -6.75
CA LYS A 168 2.67 51.83 -6.05
C LYS A 168 1.82 50.81 -5.29
N ILE A 169 0.81 51.30 -4.60
CA ILE A 169 -0.10 50.45 -3.82
C ILE A 169 -1.13 49.77 -4.71
N PRO A 170 -1.11 48.43 -4.75
CA PRO A 170 -2.03 47.62 -5.55
C PRO A 170 -3.49 48.01 -5.40
N ASN A 171 -3.96 48.16 -4.15
CA ASN A 171 -5.35 48.53 -3.90
C ASN A 171 -5.75 49.85 -4.55
N VAL A 172 -4.82 50.81 -4.55
CA VAL A 172 -5.08 52.09 -5.18
C VAL A 172 -5.28 51.91 -6.68
N ARG A 173 -4.48 51.02 -7.27
CA ARG A 173 -4.60 50.72 -8.69
C ARG A 173 -5.95 50.07 -8.97
N ILE A 174 -6.39 49.22 -8.05
CA ILE A 174 -7.68 48.53 -8.19
C ILE A 174 -8.85 49.50 -8.23
N GLN A 175 -8.86 50.43 -7.27
CA GLN A 175 -9.92 51.43 -7.21
C GLN A 175 -9.92 52.31 -8.45
N ALA A 176 -8.72 52.58 -8.97
CA ALA A 176 -8.56 53.38 -10.17
C ALA A 176 -9.18 52.66 -11.37
N VAL A 177 -8.97 51.34 -11.42
CA VAL A 177 -9.56 50.51 -12.46
C VAL A 177 -11.09 50.53 -12.38
N LEU A 178 -11.59 50.36 -11.17
CA LEU A 178 -13.03 50.37 -10.93
C LEU A 178 -13.60 51.74 -11.28
N ALA A 179 -12.85 52.78 -10.92
CA ALA A 179 -13.21 54.16 -11.23
C ALA A 179 -13.31 54.39 -12.73
N LEU A 180 -12.25 54.00 -13.45
CA LEU A 180 -12.17 54.21 -14.89
C LEU A 180 -13.04 53.24 -15.69
N SER A 181 -13.73 52.35 -14.99
CA SER A 181 -14.52 51.29 -15.64
C SER A 181 -15.66 51.86 -16.49
N ARG A 182 -16.41 52.79 -15.92
CA ARG A 182 -17.54 53.40 -16.62
C ARG A 182 -17.09 54.27 -17.80
N LEU A 183 -15.81 54.64 -17.80
CA LEU A 183 -15.29 55.61 -18.77
C LEU A 183 -14.61 54.93 -19.95
N GLN A 184 -15.01 53.69 -20.23
CA GLN A 184 -14.47 52.96 -21.36
C GLN A 184 -15.19 53.29 -22.65
N ASP A 185 -14.58 52.97 -23.77
CA ASP A 185 -15.20 53.17 -25.07
C ASP A 185 -14.57 52.19 -26.04
N PRO A 186 -15.27 51.06 -26.27
CA PRO A 186 -14.92 49.96 -27.17
C PRO A 186 -14.86 50.38 -28.63
N LYS A 187 -15.85 51.15 -29.07
CA LYS A 187 -15.95 51.57 -30.46
C LYS A 187 -14.74 52.38 -30.90
N ASP A 188 -14.44 53.44 -30.15
CA ASP A 188 -13.26 54.25 -30.43
C ASP A 188 -12.00 53.42 -30.23
N ASP A 189 -11.32 53.13 -31.34
CA ASP A 189 -10.14 52.30 -31.32
C ASP A 189 -9.03 52.93 -30.49
N GLU A 190 -8.34 52.08 -29.75
CA GLU A 190 -7.21 52.48 -28.93
C GLU A 190 -7.69 53.51 -27.90
N CYS A 191 -8.72 53.15 -27.13
CA CYS A 191 -9.16 53.99 -26.05
C CYS A 191 -8.06 53.94 -24.98
N PRO A 192 -7.87 55.03 -24.21
CA PRO A 192 -6.74 54.92 -23.28
C PRO A 192 -7.10 54.16 -22.00
N VAL A 193 -8.40 53.90 -21.81
CA VAL A 193 -8.83 53.04 -20.71
C VAL A 193 -8.67 51.57 -21.08
N VAL A 194 -9.18 51.21 -22.26
CA VAL A 194 -9.10 49.83 -22.75
C VAL A 194 -7.65 49.43 -23.02
N ASN A 195 -6.82 50.41 -23.39
CA ASN A 195 -5.40 50.17 -23.56
C ASN A 195 -4.73 49.78 -22.25
N ALA A 196 -4.88 50.64 -21.25
CA ALA A 196 -4.36 50.38 -19.90
C ALA A 196 -4.86 49.04 -19.37
N TYR A 197 -6.16 48.78 -19.56
CA TYR A 197 -6.75 47.51 -19.17
C TYR A 197 -6.06 46.34 -19.87
N ALA A 198 -5.78 46.52 -21.16
CA ALA A 198 -5.14 45.49 -21.96
C ALA A 198 -3.72 45.21 -21.45
N THR A 199 -3.03 46.26 -21.05
CA THR A 199 -1.72 46.14 -20.44
C THR A 199 -1.82 45.51 -19.05
N LEU A 200 -2.66 46.10 -18.21
CA LEU A 200 -2.79 45.71 -16.81
C LEU A 200 -3.27 44.26 -16.63
N ILE A 201 -4.23 43.85 -17.44
CA ILE A 201 -4.86 42.54 -17.28
C ILE A 201 -3.86 41.39 -17.42
N GLU A 202 -2.75 41.65 -18.11
CA GLU A 202 -1.73 40.62 -18.32
C GLU A 202 -0.44 40.90 -17.57
N ASN A 203 -0.17 42.17 -17.27
CA ASN A 203 1.16 42.58 -16.84
C ASN A 203 1.28 43.00 -15.37
N ASP A 204 0.16 43.12 -14.67
CA ASP A 204 0.23 43.57 -13.28
C ASP A 204 0.67 42.44 -12.36
N SER A 205 1.68 42.73 -11.55
CA SER A 205 2.21 41.77 -10.58
C SER A 205 1.12 41.19 -9.66
N ASN A 206 0.09 41.98 -9.39
CA ASN A 206 -0.91 41.63 -8.39
C ASN A 206 -2.16 41.00 -9.00
N PRO A 207 -2.50 39.79 -8.54
CA PRO A 207 -3.63 39.01 -9.07
C PRO A 207 -4.98 39.74 -9.00
N GLU A 208 -5.21 40.47 -7.91
CA GLU A 208 -6.49 41.18 -7.75
C GLU A 208 -6.61 42.34 -8.73
N VAL A 209 -5.50 43.04 -8.98
CA VAL A 209 -5.49 44.10 -9.98
C VAL A 209 -5.94 43.54 -11.33
N ARG A 210 -5.38 42.39 -11.70
CA ARG A 210 -5.77 41.72 -12.93
C ARG A 210 -7.23 41.27 -12.86
N ARG A 211 -7.56 40.54 -11.80
CA ARG A 211 -8.93 40.09 -11.57
C ARG A 211 -9.92 41.26 -11.59
N ALA A 212 -9.43 42.44 -11.20
CA ALA A 212 -10.25 43.64 -11.24
C ALA A 212 -10.48 44.06 -12.68
N VAL A 213 -9.40 44.18 -13.44
CA VAL A 213 -9.48 44.58 -14.85
C VAL A 213 -10.28 43.59 -15.67
N LEU A 214 -10.29 42.33 -15.23
CA LEU A 214 -10.98 41.28 -15.95
C LEU A 214 -12.50 41.38 -15.84
N SER A 215 -12.97 42.02 -14.78
CA SER A 215 -14.42 42.17 -14.57
C SER A 215 -14.94 43.48 -15.14
N CYS A 216 -14.03 44.37 -15.48
CA CYS A 216 -14.40 45.68 -16.02
C CYS A 216 -14.28 45.72 -17.54
N ILE A 217 -13.17 45.16 -18.04
CA ILE A 217 -12.82 45.23 -19.46
C ILE A 217 -14.01 44.94 -20.38
N ALA A 218 -14.25 45.84 -21.31
CA ALA A 218 -15.33 45.69 -22.27
C ALA A 218 -14.92 44.75 -23.40
N PRO A 219 -15.72 43.70 -23.63
CA PRO A 219 -15.43 42.74 -24.68
C PRO A 219 -15.43 43.39 -26.07
N SER A 220 -14.24 43.69 -26.57
CA SER A 220 -14.10 44.24 -27.92
C SER A 220 -13.24 43.30 -28.74
N ALA A 221 -12.94 43.68 -29.98
CA ALA A 221 -12.14 42.82 -30.85
C ALA A 221 -10.72 42.60 -30.34
N LYS A 222 -10.04 43.67 -29.96
CA LYS A 222 -8.65 43.55 -29.51
C LYS A 222 -8.63 43.04 -28.08
N THR A 223 -9.69 43.30 -27.34
CA THR A 223 -9.77 42.95 -25.93
C THR A 223 -10.04 41.46 -25.73
N LEU A 224 -10.81 40.87 -26.63
CA LEU A 224 -11.22 39.47 -26.51
C LEU A 224 -10.06 38.51 -26.23
N PRO A 225 -8.95 38.62 -26.98
CA PRO A 225 -7.81 37.72 -26.79
C PRO A 225 -7.19 37.82 -25.39
N LYS A 226 -7.15 39.03 -24.83
CA LYS A 226 -6.66 39.22 -23.47
C LYS A 226 -7.58 38.56 -22.45
N ILE A 227 -8.89 38.71 -22.65
CA ILE A 227 -9.88 38.12 -21.75
C ILE A 227 -9.80 36.59 -21.72
N VAL A 228 -9.82 35.97 -22.90
CA VAL A 228 -9.74 34.52 -22.99
C VAL A 228 -8.36 34.04 -22.54
N GLY A 229 -7.37 34.93 -22.62
CA GLY A 229 -6.02 34.61 -22.20
C GLY A 229 -5.90 34.49 -20.70
N ARG A 230 -6.91 34.98 -19.98
CA ARG A 230 -6.91 34.94 -18.52
C ARG A 230 -7.43 33.59 -18.02
N THR A 231 -7.79 32.72 -18.95
CA THR A 231 -8.15 31.35 -18.59
C THR A 231 -6.89 30.53 -18.35
N LYS A 232 -5.73 31.15 -18.58
CA LYS A 232 -4.45 30.53 -18.32
C LYS A 232 -3.71 31.25 -17.20
N ASP A 233 -4.39 32.17 -16.53
CA ASP A 233 -3.79 32.94 -15.45
C ASP A 233 -3.33 32.02 -14.33
N VAL A 234 -2.23 32.39 -13.67
CA VAL A 234 -1.68 31.59 -12.59
C VAL A 234 -2.67 31.42 -11.43
N LYS A 235 -3.46 32.47 -11.18
CA LYS A 235 -4.36 32.44 -10.03
C LYS A 235 -5.73 31.90 -10.39
N GLU A 236 -6.14 30.90 -9.60
CA GLU A 236 -7.38 30.16 -9.83
C GLU A 236 -8.60 31.08 -9.90
N ALA A 237 -8.58 32.14 -9.09
CA ALA A 237 -9.72 33.04 -9.02
C ALA A 237 -9.86 33.86 -10.31
N VAL A 238 -8.73 34.16 -10.93
CA VAL A 238 -8.73 34.88 -12.19
C VAL A 238 -9.24 33.99 -13.32
N ARG A 239 -8.79 32.74 -13.32
CA ARG A 239 -9.22 31.77 -14.33
C ARG A 239 -10.72 31.49 -14.20
N LYS A 240 -11.18 31.26 -12.99
CA LYS A 240 -12.60 31.06 -12.73
C LYS A 240 -13.46 32.20 -13.26
N LEU A 241 -12.96 33.42 -13.08
CA LEU A 241 -13.71 34.62 -13.46
C LEU A 241 -13.74 34.83 -14.98
N ALA A 242 -12.65 34.45 -15.64
CA ALA A 242 -12.54 34.63 -17.08
C ALA A 242 -13.64 33.89 -17.82
N TYR A 243 -14.02 32.73 -17.30
CA TYR A 243 -15.07 31.93 -17.92
C TYR A 243 -16.44 32.59 -17.73
N GLN A 244 -16.62 33.26 -16.60
CA GLN A 244 -17.86 33.98 -16.34
C GLN A 244 -18.02 35.19 -17.25
N VAL A 245 -16.97 36.00 -17.35
CA VAL A 245 -17.01 37.19 -18.20
C VAL A 245 -17.20 36.79 -19.65
N LEU A 246 -16.54 35.72 -20.05
CA LEU A 246 -16.68 35.20 -21.40
C LEU A 246 -18.12 34.76 -21.65
N ALA A 247 -18.66 34.00 -20.71
CA ALA A 247 -20.01 33.47 -20.84
C ALA A 247 -21.08 34.54 -20.72
N GLU A 248 -20.79 35.59 -19.96
CA GLU A 248 -21.82 36.58 -19.61
C GLU A 248 -21.67 37.92 -20.31
N LYS A 249 -20.52 38.17 -20.93
CA LYS A 249 -20.27 39.49 -21.52
C LYS A 249 -19.93 39.41 -23.00
N VAL A 250 -19.54 38.24 -23.47
CA VAL A 250 -19.18 38.05 -24.87
C VAL A 250 -20.13 37.07 -25.55
N HIS A 251 -20.47 37.36 -26.80
CA HIS A 251 -21.36 36.51 -27.57
C HIS A 251 -20.57 35.33 -28.15
N MET A 252 -21.24 34.19 -28.30
CA MET A 252 -20.60 32.98 -28.82
C MET A 252 -20.02 33.18 -30.21
N ARG A 253 -20.66 34.04 -31.00
CA ARG A 253 -20.20 34.34 -32.35
C ARG A 253 -18.83 35.00 -32.38
N ALA A 254 -18.61 35.92 -31.45
CA ALA A 254 -17.36 36.68 -31.38
C ALA A 254 -16.13 35.78 -31.34
N MET A 255 -16.31 34.53 -30.92
CA MET A 255 -15.19 33.62 -30.75
C MET A 255 -15.06 32.71 -31.97
N SER A 256 -13.83 32.56 -32.47
CA SER A 256 -13.55 31.63 -33.54
C SER A 256 -13.84 30.21 -33.07
N ILE A 257 -14.13 29.31 -34.01
CA ILE A 257 -14.41 27.91 -33.69
C ILE A 257 -13.24 27.31 -32.93
N ALA A 258 -12.03 27.73 -33.30
CA ALA A 258 -10.82 27.21 -32.68
C ALA A 258 -10.75 27.64 -31.21
N GLN A 259 -11.20 28.86 -30.91
CA GLN A 259 -11.17 29.37 -29.55
C GLN A 259 -12.17 28.64 -28.66
N ARG A 260 -13.33 28.33 -29.22
CA ARG A 260 -14.37 27.63 -28.48
C ARG A 260 -13.89 26.25 -28.02
N VAL A 261 -13.11 25.59 -28.87
CA VAL A 261 -12.57 24.28 -28.53
C VAL A 261 -11.45 24.39 -27.52
N MET A 262 -10.67 25.47 -27.60
CA MET A 262 -9.59 25.68 -26.63
C MET A 262 -10.18 25.90 -25.25
N LEU A 263 -11.23 26.71 -25.18
CA LEU A 263 -11.87 27.00 -23.91
C LEU A 263 -12.52 25.76 -23.31
N LEU A 264 -13.28 25.05 -24.14
CA LEU A 264 -13.93 23.82 -23.69
C LEU A 264 -12.93 22.78 -23.22
N GLN A 265 -11.88 22.59 -24.00
CA GLN A 265 -10.88 21.59 -23.66
C GLN A 265 -10.11 22.05 -22.43
N GLN A 266 -9.49 23.23 -22.51
CA GLN A 266 -8.66 23.74 -21.42
C GLN A 266 -9.34 23.76 -20.06
N GLY A 267 -10.53 24.35 -20.01
CA GLY A 267 -11.27 24.45 -18.78
C GLY A 267 -11.69 23.09 -18.24
N LEU A 268 -11.86 22.13 -19.15
CA LEU A 268 -12.36 20.82 -18.77
C LEU A 268 -11.32 20.03 -17.98
N ASN A 269 -10.06 20.11 -18.41
CA ASN A 269 -8.98 19.53 -17.63
C ASN A 269 -8.07 20.61 -17.04
N ASP A 270 -8.64 21.43 -16.17
CA ASP A 270 -7.89 22.47 -15.50
C ASP A 270 -7.69 21.98 -14.07
N ARG A 271 -6.54 22.30 -13.49
CA ARG A 271 -6.12 21.71 -12.22
C ARG A 271 -7.18 21.70 -11.12
N SER A 272 -8.09 22.66 -11.13
CA SER A 272 -9.08 22.76 -10.06
C SER A 272 -10.50 22.53 -10.56
N ASP A 273 -11.28 21.78 -9.79
CA ASP A 273 -12.69 21.55 -10.09
C ASP A 273 -13.48 22.86 -9.99
N ALA A 274 -12.90 23.83 -9.29
CA ALA A 274 -13.50 25.15 -9.17
C ALA A 274 -13.54 25.81 -10.55
N VAL A 275 -12.47 25.61 -11.31
CA VAL A 275 -12.38 26.14 -12.66
C VAL A 275 -13.16 25.28 -13.66
N LYS A 276 -13.15 23.97 -13.46
CA LYS A 276 -13.97 23.07 -14.27
C LYS A 276 -15.45 23.45 -14.19
N GLN A 277 -15.95 23.49 -12.96
CA GLN A 277 -17.35 23.80 -12.71
C GLN A 277 -17.69 25.20 -13.21
N ALA A 278 -16.72 26.09 -13.14
CA ALA A 278 -16.92 27.47 -13.56
C ALA A 278 -17.19 27.55 -15.06
N MET A 279 -16.38 26.86 -15.85
CA MET A 279 -16.55 26.85 -17.30
C MET A 279 -17.83 26.11 -17.71
N GLN A 280 -18.09 24.99 -17.06
CA GLN A 280 -19.25 24.15 -17.38
C GLN A 280 -20.57 24.80 -16.99
N LYS A 281 -20.54 25.58 -15.91
CA LYS A 281 -21.75 26.23 -15.40
C LYS A 281 -22.10 27.48 -16.21
N HIS A 282 -21.10 28.30 -16.48
CA HIS A 282 -21.32 29.57 -17.14
C HIS A 282 -21.18 29.48 -18.66
N LEU A 283 -20.09 28.87 -19.12
CA LEU A 283 -19.75 28.90 -20.54
C LEU A 283 -20.42 27.82 -21.38
N LEU A 284 -20.31 26.56 -20.94
CA LEU A 284 -20.86 25.46 -21.73
C LEU A 284 -22.38 25.45 -21.70
N GLN A 285 -22.95 25.54 -20.50
CA GLN A 285 -24.39 25.63 -20.35
C GLN A 285 -24.92 26.92 -20.97
N GLY A 286 -24.02 27.90 -21.13
CA GLY A 286 -24.37 29.14 -21.79
C GLY A 286 -24.31 28.99 -23.29
N TRP A 287 -23.28 28.33 -23.78
CA TRP A 287 -23.14 28.03 -25.20
C TRP A 287 -24.26 27.07 -25.60
N LEU A 288 -24.61 26.16 -24.69
CA LEU A 288 -25.71 25.22 -24.89
C LEU A 288 -27.06 25.94 -24.93
N ARG A 289 -27.15 27.04 -24.20
CA ARG A 289 -28.39 27.82 -24.12
C ARG A 289 -28.67 28.52 -25.45
N PHE A 290 -27.64 29.09 -26.06
CA PHE A 290 -27.79 29.75 -27.36
C PHE A 290 -28.26 28.78 -28.43
N SER A 291 -27.98 27.50 -28.23
CA SER A 291 -28.46 26.42 -29.09
C SER A 291 -29.91 26.03 -28.84
N GLU A 292 -30.52 26.65 -27.83
CA GLU A 292 -31.88 26.35 -27.38
C GLU A 292 -31.89 25.12 -26.49
N GLY A 293 -30.75 24.82 -25.89
CA GLY A 293 -30.64 23.68 -24.99
C GLY A 293 -30.56 22.40 -25.80
N ASN A 294 -30.27 22.57 -27.09
CA ASN A 294 -30.06 21.45 -28.00
C ASN A 294 -28.57 21.15 -28.18
N ILE A 295 -28.19 19.91 -27.93
CA ILE A 295 -26.80 19.50 -28.02
C ILE A 295 -26.31 19.39 -29.47
N LEU A 296 -27.16 18.89 -30.35
CA LEU A 296 -26.80 18.73 -31.76
C LEU A 296 -26.37 20.04 -32.42
N GLU A 297 -27.15 21.09 -32.21
CA GLU A 297 -26.85 22.39 -32.78
C GLU A 297 -25.54 22.94 -32.24
N LEU A 298 -25.25 22.65 -30.97
CA LEU A 298 -24.01 23.06 -30.34
C LEU A 298 -22.79 22.39 -30.97
N LEU A 299 -22.92 21.12 -31.31
CA LEU A 299 -21.85 20.37 -31.96
C LEU A 299 -21.39 20.98 -33.27
N HIS A 300 -22.34 21.50 -34.06
CA HIS A 300 -22.02 22.11 -35.34
C HIS A 300 -21.00 23.23 -35.15
N ARG A 301 -21.11 23.91 -34.01
CA ARG A 301 -20.28 25.06 -33.70
C ARG A 301 -18.89 24.69 -33.19
N LEU A 302 -18.72 23.44 -32.79
CA LEU A 302 -17.43 22.97 -32.27
C LEU A 302 -16.51 22.29 -33.28
N ASP A 303 -16.87 22.32 -34.56
CA ASP A 303 -16.06 21.70 -35.61
C ASP A 303 -15.72 20.26 -35.25
N VAL A 304 -16.75 19.42 -35.21
CA VAL A 304 -16.65 18.06 -34.67
C VAL A 304 -15.67 17.14 -35.40
N GLU A 305 -15.51 17.33 -36.71
CA GLU A 305 -14.67 16.45 -37.52
C GLU A 305 -13.22 16.34 -37.02
N ASN A 306 -12.58 17.47 -36.79
CA ASN A 306 -11.18 17.48 -36.40
C ASN A 306 -10.97 17.28 -34.90
N SER A 307 -11.60 18.12 -34.10
CA SER A 307 -11.46 18.04 -32.64
C SER A 307 -12.62 17.26 -32.03
N SER A 308 -12.69 15.97 -32.34
CA SER A 308 -13.80 15.13 -31.89
C SER A 308 -13.61 14.61 -30.46
N GLU A 309 -12.36 14.40 -30.07
CA GLU A 309 -12.05 13.92 -28.73
C GLU A 309 -12.53 14.91 -27.69
N VAL A 310 -12.25 16.19 -27.94
CA VAL A 310 -12.72 17.27 -27.10
C VAL A 310 -14.24 17.31 -27.09
N ALA A 311 -14.83 17.12 -28.26
CA ALA A 311 -16.28 17.12 -28.41
C ALA A 311 -16.93 16.01 -27.58
N VAL A 312 -16.30 14.85 -27.56
CA VAL A 312 -16.79 13.73 -26.76
C VAL A 312 -16.76 14.07 -25.27
N SER A 313 -15.66 14.67 -24.83
CA SER A 313 -15.52 15.14 -23.45
C SER A 313 -16.65 16.10 -23.10
N VAL A 314 -16.87 17.07 -23.97
CA VAL A 314 -17.98 18.02 -23.81
C VAL A 314 -19.29 17.26 -23.72
N LEU A 315 -19.43 16.24 -24.57
CA LEU A 315 -20.63 15.41 -24.58
C LEU A 315 -20.78 14.65 -23.26
N ASN A 316 -19.74 13.92 -22.87
CA ASN A 316 -19.75 13.17 -21.62
C ASN A 316 -20.04 14.04 -20.40
N ALA A 317 -19.44 15.23 -20.37
CA ALA A 317 -19.68 16.17 -19.28
C ALA A 317 -21.13 16.63 -19.30
N LEU A 318 -21.64 16.88 -20.49
CA LEU A 318 -23.02 17.32 -20.66
C LEU A 318 -24.02 16.18 -20.46
N PHE A 319 -23.66 14.98 -20.92
CA PHE A 319 -24.52 13.80 -20.75
C PHE A 319 -24.88 13.56 -19.29
N SER A 320 -23.88 13.62 -18.43
CA SER A 320 -24.04 13.29 -17.01
C SER A 320 -24.94 14.27 -16.26
N ILE A 321 -25.42 15.31 -16.95
CA ILE A 321 -26.27 16.31 -16.29
C ILE A 321 -27.59 16.54 -17.03
N THR A 322 -28.03 15.54 -17.78
CA THR A 322 -29.34 15.56 -18.40
C THR A 322 -29.94 14.16 -18.49
N PRO A 323 -31.26 14.06 -18.31
CA PRO A 323 -31.92 12.74 -18.26
C PRO A 323 -31.86 12.03 -19.62
N LEU A 324 -31.78 10.71 -19.58
CA LEU A 324 -31.58 9.91 -20.78
C LEU A 324 -32.71 10.07 -21.79
N SER A 325 -33.93 10.25 -21.29
CA SER A 325 -35.11 10.41 -22.14
C SER A 325 -34.92 11.53 -23.16
N GLU A 326 -34.15 12.54 -22.76
CA GLU A 326 -33.91 13.70 -23.60
C GLU A 326 -32.73 13.48 -24.55
N LEU A 327 -31.64 12.91 -24.03
CA LEU A 327 -30.44 12.68 -24.83
C LEU A 327 -30.71 11.71 -25.97
N VAL A 328 -31.48 10.67 -25.70
CA VAL A 328 -31.82 9.67 -26.72
C VAL A 328 -32.85 10.26 -27.67
N GLY A 329 -33.58 11.27 -27.19
CA GLY A 329 -34.62 11.93 -27.95
C GLY A 329 -34.09 12.52 -29.25
N LEU A 330 -32.83 12.96 -29.23
CA LEU A 330 -32.21 13.57 -30.39
C LEU A 330 -32.12 12.60 -31.58
N CYS A 331 -32.48 11.34 -31.33
CA CYS A 331 -32.51 10.33 -32.37
C CYS A 331 -33.92 9.77 -32.53
N LYS A 332 -34.49 9.95 -33.71
CA LYS A 332 -35.86 9.49 -33.98
C LYS A 332 -35.94 7.97 -33.88
N ILE A 340 -33.69 2.95 -34.13
CA ILE A 340 -33.38 2.68 -35.53
C ILE A 340 -32.84 3.94 -36.23
N PRO A 341 -31.75 3.76 -36.98
CA PRO A 341 -30.95 4.75 -37.71
C PRO A 341 -31.69 5.53 -38.80
N VAL A 342 -31.20 6.74 -39.07
CA VAL A 342 -31.64 7.53 -40.21
C VAL A 342 -30.40 7.91 -41.00
N GLU A 343 -30.38 7.53 -42.28
CA GLU A 343 -29.13 7.44 -43.05
C GLU A 343 -28.48 8.77 -43.42
N THR A 344 -29.27 9.77 -43.80
CA THR A 344 -28.68 11.04 -44.22
C THR A 344 -28.39 11.90 -42.99
N LEU A 345 -27.12 11.93 -42.62
CA LEU A 345 -26.68 12.48 -41.34
C LEU A 345 -25.42 13.32 -41.50
N THR A 346 -25.17 14.20 -40.54
CA THR A 346 -23.95 14.98 -40.53
C THR A 346 -22.94 14.31 -39.59
N PRO A 347 -21.67 14.72 -39.67
CA PRO A 347 -20.65 14.18 -38.77
C PRO A 347 -20.94 14.52 -37.32
N GLU A 348 -21.65 15.62 -37.10
CA GLU A 348 -22.05 16.01 -35.75
C GLU A 348 -23.10 15.03 -35.24
N ILE A 349 -23.98 14.58 -36.14
CA ILE A 349 -24.99 13.60 -35.81
C ILE A 349 -24.39 12.23 -35.52
N ALA A 350 -23.52 11.79 -36.41
CA ALA A 350 -22.85 10.50 -36.26
C ALA A 350 -22.07 10.42 -34.96
N LEU A 351 -21.20 11.41 -34.71
CA LEU A 351 -20.37 11.42 -33.52
C LEU A 351 -21.20 11.46 -32.24
N TYR A 352 -22.33 12.16 -32.29
CA TYR A 352 -23.26 12.21 -31.16
C TYR A 352 -23.76 10.82 -30.81
N TRP A 353 -24.41 10.18 -31.77
CA TRP A 353 -25.04 8.88 -31.55
C TRP A 353 -24.02 7.84 -31.08
N CYS A 354 -22.81 7.94 -31.63
CA CYS A 354 -21.73 7.02 -31.26
C CYS A 354 -21.29 7.24 -29.82
N ALA A 355 -21.20 8.50 -29.42
CA ALA A 355 -20.77 8.84 -28.07
C ALA A 355 -21.88 8.57 -27.07
N LEU A 356 -23.13 8.63 -27.53
CA LEU A 356 -24.27 8.36 -26.68
C LEU A 356 -24.46 6.86 -26.43
N CYS A 357 -24.29 6.08 -27.49
CA CYS A 357 -24.41 4.62 -27.39
C CYS A 357 -23.36 4.04 -26.46
N GLU A 358 -22.17 4.61 -26.50
CA GLU A 358 -21.08 4.17 -25.62
C GLU A 358 -21.37 4.62 -24.19
N TYR A 359 -22.00 5.78 -24.06
CA TYR A 359 -22.39 6.30 -22.76
C TYR A 359 -23.49 5.42 -22.17
N LEU A 360 -24.53 5.17 -22.96
CA LEU A 360 -25.69 4.42 -22.50
C LEU A 360 -25.33 2.99 -22.09
N LYS A 361 -24.27 2.44 -22.69
CA LYS A 361 -23.84 1.09 -22.33
C LYS A 361 -23.11 1.09 -20.98
N SER A 362 -22.62 2.27 -20.59
CA SER A 362 -21.89 2.40 -19.33
C SER A 362 -22.84 2.59 -18.16
N LYS A 363 -23.93 3.32 -18.39
CA LYS A 363 -25.02 3.34 -17.44
C LYS A 363 -25.73 1.98 -17.53
N GLY A 364 -25.10 0.99 -16.92
CA GLY A 364 -25.44 -0.43 -17.05
C GLY A 364 -26.87 -0.85 -17.36
N ASP A 365 -27.72 -0.79 -16.35
CA ASP A 365 -29.07 -1.34 -16.47
C ASP A 365 -30.09 -0.34 -17.02
N GLU A 366 -30.12 0.86 -16.43
CA GLU A 366 -31.04 1.89 -16.88
C GLU A 366 -30.77 2.23 -18.33
N GLY A 367 -29.50 2.22 -18.70
CA GLY A 367 -29.09 2.60 -20.05
C GLY A 367 -29.43 1.51 -21.04
N GLU A 368 -29.56 0.29 -20.56
CA GLU A 368 -29.96 -0.84 -21.40
C GLU A 368 -31.30 -0.54 -22.06
N GLU A 369 -32.24 0.02 -21.30
CA GLU A 369 -33.55 0.37 -21.84
C GLU A 369 -33.48 1.47 -22.89
N PHE A 370 -32.73 2.53 -22.59
CA PHE A 370 -32.60 3.67 -23.51
C PHE A 370 -31.66 3.37 -24.68
N LEU A 371 -30.77 2.41 -24.49
CA LEU A 371 -29.84 2.03 -25.55
C LEU A 371 -30.54 1.24 -26.64
N GLU A 372 -31.40 0.30 -26.23
CA GLU A 372 -32.16 -0.51 -27.17
C GLU A 372 -33.13 0.34 -27.99
N GLN A 373 -33.40 1.56 -27.53
CA GLN A 373 -34.25 2.48 -28.27
C GLN A 373 -33.61 2.99 -29.56
N ILE A 374 -32.30 3.17 -29.55
CA ILE A 374 -31.61 3.77 -30.69
C ILE A 374 -30.86 2.77 -31.57
N LEU A 375 -30.49 1.62 -31.00
CA LEU A 375 -29.76 0.62 -31.77
C LEU A 375 -30.62 -0.58 -32.14
N PRO A 376 -30.48 -1.06 -33.39
CA PRO A 376 -31.06 -2.30 -33.87
C PRO A 376 -30.17 -3.49 -33.53
N GLU A 377 -30.73 -4.69 -33.48
CA GLU A 377 -29.96 -5.91 -33.22
C GLU A 377 -28.71 -5.97 -34.10
N PRO A 378 -27.62 -6.49 -33.54
CA PRO A 378 -26.26 -6.52 -34.11
C PRO A 378 -26.21 -6.72 -35.63
N VAL A 379 -26.99 -7.65 -36.16
CA VAL A 379 -26.90 -8.02 -37.57
C VAL A 379 -27.46 -6.96 -38.51
N VAL A 380 -28.65 -6.44 -38.22
CA VAL A 380 -29.28 -5.45 -39.10
C VAL A 380 -28.42 -4.19 -39.18
N TYR A 381 -27.55 -4.00 -38.17
CA TYR A 381 -26.62 -2.89 -38.17
C TYR A 381 -25.53 -3.12 -39.20
N ALA A 382 -25.12 -4.37 -39.35
CA ALA A 382 -24.09 -4.75 -40.31
C ALA A 382 -24.44 -4.32 -41.73
N ASP A 383 -25.67 -4.62 -42.16
CA ASP A 383 -26.14 -4.19 -43.47
C ASP A 383 -26.14 -2.68 -43.56
N TYR A 384 -26.47 -2.04 -42.45
CA TYR A 384 -26.49 -0.59 -42.35
C TYR A 384 -25.08 -0.02 -42.50
N LEU A 385 -24.13 -0.64 -41.81
CA LEU A 385 -22.73 -0.26 -41.92
C LEU A 385 -22.24 -0.40 -43.36
N LEU A 386 -22.52 -1.57 -43.93
CA LEU A 386 -22.08 -1.93 -45.28
C LEU A 386 -22.56 -0.97 -46.36
N SER A 387 -23.85 -0.65 -46.37
CA SER A 387 -24.43 0.20 -47.40
C SER A 387 -23.85 1.60 -47.42
N TYR A 388 -23.23 2.00 -46.31
CA TYR A 388 -22.63 3.33 -46.23
C TYR A 388 -21.24 3.36 -46.87
N ILE A 389 -20.39 2.41 -46.48
CA ILE A 389 -19.05 2.31 -47.02
C ILE A 389 -19.01 2.23 -48.55
N GLN A 390 -20.08 1.68 -49.13
CA GLN A 390 -20.18 1.57 -50.58
C GLN A 390 -20.18 2.94 -51.25
N SER A 391 -20.82 3.92 -50.61
CA SER A 391 -20.95 5.25 -51.20
C SER A 391 -19.67 6.07 -51.07
N ILE A 392 -18.56 5.50 -51.53
CA ILE A 392 -17.26 6.15 -51.46
C ILE A 392 -16.38 5.73 -52.65
N PRO A 393 -15.96 6.70 -53.47
CA PRO A 393 -15.09 6.43 -54.61
C PRO A 393 -13.72 5.90 -54.21
N GLY A 407 -16.13 18.60 -52.97
CA GLY A 407 -15.90 17.36 -53.69
C GLY A 407 -15.20 16.31 -52.83
N ASN A 408 -14.14 16.73 -52.15
CA ASN A 408 -13.37 15.83 -51.30
C ASN A 408 -14.11 15.60 -49.99
N LEU A 409 -14.89 14.52 -49.94
CA LEU A 409 -15.66 14.21 -48.74
C LEU A 409 -14.89 13.36 -47.73
N MET A 410 -13.89 13.99 -47.10
CA MET A 410 -13.25 13.45 -45.91
C MET A 410 -14.33 13.15 -44.89
N THR A 411 -15.34 14.02 -44.89
CA THR A 411 -16.48 13.95 -43.99
C THR A 411 -17.16 12.58 -44.01
N LYS A 412 -17.10 11.89 -45.14
CA LYS A 412 -17.73 10.59 -45.25
C LYS A 412 -16.86 9.50 -44.64
N GLU A 413 -15.55 9.73 -44.62
CA GLU A 413 -14.64 8.82 -43.93
C GLU A 413 -14.79 8.95 -42.42
N PHE A 414 -14.90 10.18 -41.94
CA PHE A 414 -15.09 10.45 -40.51
C PHE A 414 -16.37 9.82 -39.98
N ILE A 415 -17.50 10.18 -40.60
CA ILE A 415 -18.79 9.61 -40.24
C ILE A 415 -18.76 8.08 -40.31
N GLY A 416 -17.98 7.56 -41.26
CA GLY A 416 -17.82 6.13 -41.43
C GLY A 416 -17.20 5.49 -40.19
N GLN A 417 -16.16 6.13 -39.67
CA GLN A 417 -15.50 5.66 -38.46
C GLN A 417 -16.47 5.61 -37.28
N GLN A 418 -17.28 6.65 -37.16
CA GLN A 418 -18.21 6.77 -36.05
C GLN A 418 -19.21 5.61 -36.02
N LEU A 419 -19.66 5.20 -37.20
CA LEU A 419 -20.60 4.08 -37.31
C LEU A 419 -19.87 2.74 -37.14
N ILE A 420 -18.66 2.66 -37.67
CA ILE A 420 -17.81 1.49 -37.46
C ILE A 420 -17.50 1.33 -35.98
N LEU A 421 -17.43 2.46 -35.26
CA LEU A 421 -17.07 2.46 -33.86
C LEU A 421 -18.26 2.14 -32.96
N ILE A 422 -19.47 2.33 -33.48
CA ILE A 422 -20.69 2.03 -32.73
C ILE A 422 -20.84 0.52 -32.56
N ILE A 423 -20.10 -0.23 -33.37
CA ILE A 423 -20.16 -1.69 -33.37
C ILE A 423 -19.94 -2.31 -31.99
N LYS A 424 -19.05 -1.71 -31.20
CA LYS A 424 -18.80 -2.22 -29.86
C LYS A 424 -19.80 -1.69 -28.85
N SER A 425 -21.06 -1.61 -29.27
CA SER A 425 -22.16 -1.29 -28.38
C SER A 425 -23.38 -2.13 -28.77
N LEU A 426 -23.12 -3.33 -29.29
CA LEU A 426 -24.18 -4.13 -29.87
C LEU A 426 -24.50 -5.33 -28.99
N ASP A 427 -23.78 -6.44 -29.23
CA ASP A 427 -24.00 -7.71 -28.53
C ASP A 427 -23.30 -8.85 -29.27
N GLU A 430 -27.43 -14.84 -29.34
CA GLU A 430 -26.76 -13.77 -30.09
C GLU A 430 -25.61 -14.31 -30.93
N GLU A 431 -25.39 -15.63 -30.86
CA GLU A 431 -24.27 -16.25 -31.57
C GLU A 431 -24.44 -16.16 -33.08
N GLY A 432 -25.68 -16.23 -33.56
CA GLY A 432 -25.97 -16.03 -34.95
C GLY A 432 -25.54 -14.65 -35.43
N GLY A 433 -25.79 -13.65 -34.59
CA GLY A 433 -25.51 -12.27 -34.93
C GLY A 433 -24.03 -11.97 -35.07
N ARG A 434 -23.22 -12.62 -34.26
CA ARG A 434 -21.77 -12.48 -34.32
C ARG A 434 -21.28 -12.84 -35.72
N LYS A 435 -21.75 -13.96 -36.24
CA LYS A 435 -21.30 -14.49 -37.51
C LYS A 435 -21.69 -13.58 -38.66
N LYS A 436 -22.81 -12.87 -38.50
CA LYS A 436 -23.32 -12.02 -39.56
C LYS A 436 -22.77 -10.60 -39.44
N LEU A 437 -22.20 -10.29 -38.28
CA LEU A 437 -21.42 -9.07 -38.13
C LEU A 437 -20.03 -9.34 -38.71
N LEU A 438 -19.46 -10.47 -38.31
CA LEU A 438 -18.20 -10.94 -38.88
C LEU A 438 -18.31 -11.09 -40.39
N ALA A 439 -19.52 -11.37 -40.87
CA ALA A 439 -19.76 -11.54 -42.29
C ALA A 439 -19.61 -10.22 -43.05
N VAL A 440 -20.36 -9.20 -42.62
CA VAL A 440 -20.32 -7.90 -43.28
C VAL A 440 -18.95 -7.24 -43.10
N LEU A 441 -18.39 -7.38 -41.90
CA LEU A 441 -17.08 -6.81 -41.60
C LEU A 441 -16.04 -7.38 -42.56
N GLN A 442 -16.05 -8.70 -42.73
CA GLN A 442 -15.18 -9.36 -43.70
C GLN A 442 -15.43 -8.84 -45.11
N GLU A 443 -16.71 -8.75 -45.49
CA GLU A 443 -17.07 -8.25 -46.81
C GLU A 443 -16.51 -6.86 -47.06
N ILE A 444 -16.66 -5.98 -46.08
CA ILE A 444 -16.18 -4.62 -46.20
C ILE A 444 -14.66 -4.62 -46.35
N LEU A 445 -13.98 -5.43 -45.55
CA LEU A 445 -12.52 -5.46 -45.59
C LEU A 445 -12.03 -5.98 -46.93
N ILE A 446 -12.77 -6.93 -47.50
CA ILE A 446 -12.41 -7.51 -48.80
C ILE A 446 -12.62 -6.51 -49.93
N LEU A 447 -13.72 -5.77 -49.86
CA LEU A 447 -14.08 -4.79 -50.88
C LEU A 447 -12.98 -3.77 -51.09
N PRO A 448 -12.59 -3.55 -52.36
CA PRO A 448 -11.62 -2.49 -52.68
C PRO A 448 -12.31 -1.13 -52.64
N THR A 449 -11.61 -0.09 -53.06
CA THR A 449 -12.17 1.27 -53.13
C THR A 449 -12.41 1.86 -51.74
N ILE A 450 -12.46 1.01 -50.72
CA ILE A 450 -12.62 1.46 -49.34
C ILE A 450 -11.33 2.13 -48.90
N PRO A 451 -11.44 3.23 -48.16
CA PRO A 451 -10.21 3.91 -47.72
C PRO A 451 -9.55 3.21 -46.54
N ILE A 452 -8.22 3.26 -46.51
CA ILE A 452 -7.43 2.51 -45.54
C ILE A 452 -7.66 3.04 -44.13
N SER A 453 -8.07 4.30 -44.04
CA SER A 453 -8.38 4.94 -42.77
C SER A 453 -9.38 4.12 -41.95
N LEU A 454 -10.29 3.44 -42.64
CA LEU A 454 -11.34 2.67 -41.98
C LEU A 454 -10.92 1.23 -41.73
N VAL A 455 -9.90 0.78 -42.45
CA VAL A 455 -9.40 -0.59 -42.32
C VAL A 455 -9.09 -0.95 -40.88
N SER A 456 -8.14 -0.24 -40.29
CA SER A 456 -7.73 -0.46 -38.90
C SER A 456 -8.90 -0.50 -37.91
N PHE A 457 -9.87 0.40 -38.11
CA PHE A 457 -11.02 0.47 -37.20
C PHE A 457 -11.95 -0.71 -37.38
N LEU A 458 -12.12 -1.15 -38.63
CA LEU A 458 -12.96 -2.30 -38.94
C LEU A 458 -12.32 -3.58 -38.43
N VAL A 459 -11.02 -3.72 -38.66
CA VAL A 459 -10.28 -4.90 -38.23
C VAL A 459 -10.36 -5.05 -36.71
N GLU A 460 -10.20 -3.94 -36.00
CA GLU A 460 -10.27 -3.95 -34.54
C GLU A 460 -11.66 -4.38 -34.04
N ARG A 461 -12.70 -3.83 -34.65
CA ARG A 461 -14.06 -4.22 -34.32
C ARG A 461 -14.29 -5.70 -34.59
N LEU A 462 -13.69 -6.18 -35.67
CA LEU A 462 -13.84 -7.57 -36.10
C LEU A 462 -13.11 -8.52 -35.16
N LEU A 463 -11.87 -8.19 -34.82
CA LEU A 463 -11.03 -9.03 -33.98
C LEU A 463 -11.51 -9.09 -32.53
N HIS A 464 -12.21 -8.05 -32.09
CA HIS A 464 -12.74 -7.98 -30.73
C HIS A 464 -13.67 -9.14 -30.43
N ILE A 465 -14.52 -9.45 -31.40
CA ILE A 465 -15.59 -10.45 -31.26
C ILE A 465 -15.16 -11.93 -31.27
N ILE A 466 -14.16 -12.26 -32.07
CA ILE A 466 -13.81 -13.66 -32.32
C ILE A 466 -13.42 -14.48 -31.09
N ILE A 467 -12.77 -13.87 -30.11
CA ILE A 467 -12.43 -14.57 -28.86
C ILE A 467 -11.24 -15.54 -29.00
N ASP A 468 -11.01 -16.10 -30.19
CA ASP A 468 -9.97 -17.10 -30.34
C ASP A 468 -8.83 -16.60 -31.22
N ASP A 469 -7.61 -16.68 -30.70
CA ASP A 469 -6.41 -16.26 -31.43
C ASP A 469 -6.22 -17.01 -32.75
N ASN A 470 -6.55 -18.30 -32.75
CA ASN A 470 -6.41 -19.10 -33.97
C ASN A 470 -7.54 -18.80 -34.95
N LYS A 471 -8.72 -18.55 -34.43
CA LYS A 471 -9.87 -18.20 -35.27
C LYS A 471 -9.70 -16.79 -35.84
N ARG A 472 -8.98 -15.94 -35.13
CA ARG A 472 -8.71 -14.60 -35.63
C ARG A 472 -7.71 -14.68 -36.78
N THR A 473 -6.63 -15.43 -36.56
CA THR A 473 -5.60 -15.63 -37.58
C THR A 473 -6.16 -16.25 -38.85
N GLN A 474 -7.20 -17.07 -38.70
CA GLN A 474 -7.82 -17.74 -39.84
C GLN A 474 -8.76 -16.80 -40.59
N ILE A 475 -9.69 -16.17 -39.86
CA ILE A 475 -10.61 -15.21 -40.45
C ILE A 475 -9.81 -14.13 -41.19
N VAL A 476 -8.67 -13.77 -40.63
CA VAL A 476 -7.78 -12.78 -41.24
C VAL A 476 -7.14 -13.35 -42.50
N THR A 477 -6.61 -14.57 -42.42
CA THR A 477 -5.95 -15.22 -43.54
C THR A 477 -6.91 -15.35 -44.73
N GLU A 478 -8.16 -15.66 -44.43
CA GLU A 478 -9.20 -15.73 -45.44
C GLU A 478 -9.32 -14.40 -46.18
N ILE A 479 -9.30 -13.32 -45.43
CA ILE A 479 -9.51 -11.97 -45.97
C ILE A 479 -8.35 -11.45 -46.82
N ILE A 480 -7.13 -11.75 -46.40
CA ILE A 480 -5.94 -11.30 -47.13
C ILE A 480 -5.81 -12.00 -48.48
N SER A 481 -6.02 -13.32 -48.49
CA SER A 481 -5.99 -14.10 -49.72
C SER A 481 -6.99 -13.57 -50.73
N GLU A 482 -8.12 -13.08 -50.23
CA GLU A 482 -9.14 -12.49 -51.09
C GLU A 482 -8.59 -11.26 -51.80
N ILE A 483 -7.96 -10.37 -51.03
CA ILE A 483 -7.42 -9.12 -51.53
C ILE A 483 -6.19 -9.34 -52.41
N ARG A 484 -5.62 -10.55 -52.36
CA ARG A 484 -4.39 -10.87 -53.07
C ARG A 484 -4.62 -11.63 -54.38
N ALA A 485 -5.88 -11.87 -54.72
CA ALA A 485 -6.24 -12.68 -55.89
C ALA A 485 -6.02 -12.00 -57.25
N PRO A 486 -6.65 -10.84 -57.47
CA PRO A 486 -6.69 -10.18 -58.79
C PRO A 486 -5.33 -9.82 -59.42
N ILE A 487 -4.55 -8.98 -58.75
CA ILE A 487 -3.32 -8.48 -59.38
C ILE A 487 -2.08 -8.79 -58.54
N VAL A 492 -2.87 -1.39 -55.64
CA VAL A 492 -1.58 -2.03 -55.84
C VAL A 492 -0.81 -2.12 -54.52
N ALA A 493 -0.07 -1.06 -54.20
CA ALA A 493 0.66 -0.99 -52.94
C ALA A 493 -0.31 -0.85 -51.77
N GLU A 494 -1.41 -0.14 -51.99
CA GLU A 494 -2.41 0.07 -50.95
C GLU A 494 -3.21 -1.20 -50.69
N THR A 495 -3.12 -2.16 -51.61
CA THR A 495 -3.74 -3.46 -51.41
C THR A 495 -2.84 -4.27 -50.48
N LEU A 496 -1.55 -3.97 -50.54
CA LEU A 496 -0.58 -4.53 -49.61
C LEU A 496 -0.70 -3.88 -48.24
N GLN A 497 -0.96 -2.57 -48.24
CA GLN A 497 -1.16 -1.82 -47.01
C GLN A 497 -2.37 -2.33 -46.23
N LYS A 498 -3.50 -2.46 -46.92
CA LYS A 498 -4.72 -2.99 -46.32
C LYS A 498 -4.45 -4.32 -45.61
N CYS A 499 -3.71 -5.20 -46.28
CA CYS A 499 -3.38 -6.50 -45.73
C CYS A 499 -2.52 -6.39 -44.46
N LEU A 500 -1.43 -5.63 -44.56
CA LEU A 500 -0.51 -5.47 -43.44
C LEU A 500 -1.18 -4.76 -42.26
N ILE A 501 -2.11 -3.87 -42.55
CA ILE A 501 -2.90 -3.22 -41.50
C ILE A 501 -3.67 -4.27 -40.70
N LEU A 502 -4.12 -5.32 -41.38
CA LEU A 502 -4.81 -6.42 -40.72
C LEU A 502 -3.82 -7.25 -39.91
N CYS A 503 -2.70 -7.59 -40.53
CA CYS A 503 -1.63 -8.32 -39.87
C CYS A 503 -1.18 -7.65 -38.57
N TYR A 504 -0.95 -6.35 -38.64
CA TYR A 504 -0.52 -5.57 -37.48
C TYR A 504 -1.58 -5.64 -36.38
N GLU A 505 -2.81 -5.30 -36.72
CA GLU A 505 -3.88 -5.23 -35.74
C GLU A 505 -4.19 -6.62 -35.18
N LEU A 506 -3.70 -7.64 -35.87
CA LEU A 506 -3.84 -9.03 -35.39
C LEU A 506 -2.75 -9.36 -34.38
N LEU A 507 -1.53 -8.93 -34.68
CA LEU A 507 -0.37 -9.26 -33.85
C LEU A 507 -0.38 -8.53 -32.50
N LYS A 508 -0.84 -7.29 -32.50
CA LYS A 508 -0.82 -6.49 -31.29
C LYS A 508 -1.84 -6.94 -30.25
N GLN A 509 -3.00 -7.42 -30.72
CA GLN A 509 -4.03 -7.92 -29.82
C GLN A 509 -3.83 -9.38 -29.45
N MET A 510 -2.85 -10.03 -30.08
CA MET A 510 -2.59 -11.44 -29.85
C MET A 510 -1.78 -11.67 -28.56
N SER A 511 -2.26 -12.59 -27.74
CA SER A 511 -1.60 -12.89 -26.47
C SER A 511 -0.32 -13.68 -26.72
N ILE A 512 0.65 -13.52 -25.84
CA ILE A 512 1.98 -14.11 -26.03
C ILE A 512 1.96 -15.64 -26.03
N SER A 513 0.96 -16.25 -25.40
CA SER A 513 0.96 -17.71 -25.24
C SER A 513 0.94 -18.43 -26.58
N THR A 514 0.06 -17.98 -27.47
CA THR A 514 -0.19 -18.65 -28.75
C THR A 514 0.75 -18.14 -29.83
N GLY A 515 1.97 -17.80 -29.44
CA GLY A 515 2.98 -17.26 -30.33
C GLY A 515 3.28 -17.97 -31.64
N LEU A 516 3.05 -17.30 -32.76
CA LEU A 516 3.48 -17.80 -34.06
C LEU A 516 2.85 -19.12 -34.49
N SER A 517 1.53 -19.23 -34.40
CA SER A 517 0.81 -20.36 -34.97
C SER A 517 1.27 -20.64 -36.39
N ALA A 518 1.49 -21.91 -36.73
CA ALA A 518 2.04 -22.29 -38.02
C ALA A 518 1.29 -21.65 -39.18
N THR A 519 0.08 -21.18 -38.92
CA THR A 519 -0.69 -20.41 -39.88
C THR A 519 -0.09 -19.02 -40.03
N MET A 520 0.35 -18.45 -38.92
CA MET A 520 0.98 -17.13 -38.91
C MET A 520 2.27 -17.14 -39.73
N ASN A 521 3.05 -18.20 -39.58
CA ASN A 521 4.31 -18.33 -40.30
C ASN A 521 4.09 -18.32 -41.81
N GLY A 522 2.86 -18.65 -42.21
CA GLY A 522 2.45 -18.54 -43.59
C GLY A 522 2.41 -17.08 -43.97
N ILE A 523 1.68 -16.29 -43.18
CA ILE A 523 1.55 -14.86 -43.42
C ILE A 523 2.89 -14.16 -43.29
N ILE A 524 3.70 -14.60 -42.33
CA ILE A 524 5.03 -14.04 -42.13
C ILE A 524 5.89 -14.26 -43.38
N GLU A 525 5.85 -15.48 -43.91
CA GLU A 525 6.61 -15.83 -45.10
C GLU A 525 5.98 -15.26 -46.36
N SER A 526 4.65 -15.25 -46.39
CA SER A 526 3.92 -14.82 -47.58
C SER A 526 3.83 -13.30 -47.72
N LEU A 527 3.50 -12.62 -46.64
CA LEU A 527 3.20 -11.20 -46.69
C LEU A 527 4.24 -10.36 -45.94
N ILE A 528 4.50 -10.73 -44.70
CA ILE A 528 5.29 -9.90 -43.79
C ILE A 528 6.74 -9.73 -44.23
N LEU A 529 7.43 -10.84 -44.50
CA LEU A 529 8.83 -10.78 -44.87
C LEU A 529 9.05 -10.09 -46.23
N PRO A 530 8.37 -10.58 -47.28
CA PRO A 530 8.44 -9.95 -48.60
C PRO A 530 8.06 -8.47 -48.58
N GLY A 531 7.27 -8.06 -47.59
CA GLY A 531 6.92 -6.67 -47.42
C GLY A 531 8.11 -5.78 -47.14
N ILE A 532 9.10 -6.32 -46.41
CA ILE A 532 10.29 -5.57 -46.04
C ILE A 532 11.14 -5.10 -47.23
N ILE A 533 11.11 -5.83 -48.32
CA ILE A 533 11.91 -5.44 -49.49
C ILE A 533 11.06 -4.71 -50.53
N SER A 534 9.78 -4.56 -50.24
CA SER A 534 8.84 -3.92 -51.14
C SER A 534 9.36 -2.57 -51.64
N ILE A 535 9.05 -2.25 -52.89
CA ILE A 535 9.49 -0.99 -53.48
C ILE A 535 8.75 0.18 -52.85
N HIS A 536 7.50 -0.07 -52.45
CA HIS A 536 6.69 0.96 -51.85
C HIS A 536 7.03 1.11 -50.36
N PRO A 537 7.30 2.36 -49.94
CA PRO A 537 7.75 2.67 -48.58
C PRO A 537 6.67 2.43 -47.53
N VAL A 538 5.42 2.72 -47.88
CA VAL A 538 4.30 2.51 -46.97
C VAL A 538 4.18 1.03 -46.62
N VAL A 539 4.61 0.19 -47.55
CA VAL A 539 4.58 -1.26 -47.35
C VAL A 539 5.61 -1.69 -46.33
N ARG A 540 6.86 -1.32 -46.56
CA ARG A 540 7.97 -1.63 -45.67
C ARG A 540 7.70 -1.29 -44.20
N ASN A 541 7.16 -0.10 -43.96
CA ASN A 541 6.90 0.36 -42.60
C ASN A 541 6.05 -0.60 -41.78
N LEU A 542 4.89 -0.97 -42.32
CA LEU A 542 4.01 -1.92 -41.66
C LEU A 542 4.65 -3.30 -41.59
N ALA A 543 5.46 -3.64 -42.59
CA ALA A 543 6.18 -4.90 -42.59
C ALA A 543 7.09 -5.00 -41.37
N VAL A 544 7.91 -3.98 -41.16
CA VAL A 544 8.78 -3.91 -39.98
C VAL A 544 8.00 -4.01 -38.68
N LEU A 545 6.97 -3.17 -38.54
CA LEU A 545 6.12 -3.16 -37.36
C LEU A 545 5.55 -4.55 -37.09
N CYS A 546 5.20 -5.27 -38.16
CA CYS A 546 4.65 -6.61 -38.04
C CYS A 546 5.71 -7.62 -37.65
N LEU A 547 6.90 -7.50 -38.25
CA LEU A 547 8.03 -8.36 -37.91
C LEU A 547 8.37 -8.28 -36.43
N GLY A 548 8.42 -7.06 -35.90
CA GLY A 548 8.73 -6.83 -34.51
C GLY A 548 7.68 -7.43 -33.57
N CYS A 549 6.42 -7.39 -33.99
CA CYS A 549 5.34 -7.97 -33.20
C CYS A 549 5.45 -9.48 -33.19
N CYS A 550 5.97 -10.04 -34.27
CA CYS A 550 6.16 -11.48 -34.38
C CYS A 550 7.32 -11.93 -33.49
N GLY A 551 8.44 -11.22 -33.60
CA GLY A 551 9.61 -11.47 -32.76
C GLY A 551 9.30 -11.51 -31.28
N LEU A 552 8.26 -10.78 -30.87
CA LEU A 552 7.84 -10.72 -29.49
C LEU A 552 7.16 -12.02 -29.09
N GLN A 553 6.78 -12.79 -30.10
CA GLN A 553 5.99 -13.98 -29.88
C GLN A 553 6.91 -15.17 -29.59
N ASN A 554 7.90 -15.35 -30.45
CA ASN A 554 8.91 -16.39 -30.29
C ASN A 554 10.33 -15.82 -30.20
N GLN A 555 11.05 -16.16 -29.14
CA GLN A 555 12.40 -15.65 -28.93
C GLN A 555 13.37 -16.05 -30.05
N ASP A 556 13.24 -17.28 -30.52
CA ASP A 556 14.09 -17.76 -31.61
C ASP A 556 13.81 -16.99 -32.89
N PHE A 557 12.54 -16.65 -33.11
CA PHE A 557 12.12 -15.88 -34.26
C PHE A 557 12.77 -14.49 -34.23
N ALA A 558 12.75 -13.87 -33.06
CA ALA A 558 13.40 -12.58 -32.86
C ALA A 558 14.88 -12.66 -33.22
N ARG A 559 15.52 -13.72 -32.76
CA ARG A 559 16.96 -13.90 -32.94
C ARG A 559 17.35 -13.97 -34.41
N LYS A 560 16.58 -14.73 -35.18
CA LYS A 560 16.83 -14.88 -36.61
C LYS A 560 16.75 -13.53 -37.33
N HIS A 561 15.64 -12.83 -37.11
CA HIS A 561 15.33 -11.62 -37.86
C HIS A 561 15.78 -10.33 -37.15
N PHE A 562 16.33 -10.44 -35.95
CA PHE A 562 16.80 -9.26 -35.23
C PHE A 562 17.88 -8.55 -36.03
N VAL A 563 18.76 -9.34 -36.65
CA VAL A 563 19.81 -8.80 -37.50
C VAL A 563 19.21 -8.05 -38.69
N LEU A 564 18.08 -8.53 -39.18
CA LEU A 564 17.37 -7.88 -40.27
C LEU A 564 16.83 -6.52 -39.80
N LEU A 565 16.30 -6.49 -38.59
CA LEU A 565 15.73 -5.27 -38.02
C LEU A 565 16.78 -4.18 -37.92
N LEU A 566 17.99 -4.56 -37.56
CA LEU A 566 19.11 -3.62 -37.50
C LEU A 566 19.46 -3.10 -38.89
N GLN A 567 19.37 -3.97 -39.88
CA GLN A 567 19.61 -3.58 -41.28
C GLN A 567 18.68 -2.45 -41.68
N VAL A 568 17.39 -2.62 -41.39
CA VAL A 568 16.39 -1.59 -41.64
C VAL A 568 16.77 -0.27 -40.96
N LEU A 569 17.38 -0.38 -39.79
CA LEU A 569 17.72 0.80 -38.99
C LEU A 569 18.64 1.78 -39.71
N GLN A 570 19.67 1.28 -40.38
CA GLN A 570 20.68 2.17 -40.98
C GLN A 570 20.43 2.44 -42.47
N ILE A 571 19.97 1.43 -43.20
CA ILE A 571 19.78 1.56 -44.64
C ILE A 571 18.49 2.31 -44.97
N ASP A 572 17.39 1.84 -44.41
CA ASP A 572 16.04 2.20 -44.86
C ASP A 572 15.67 3.68 -44.65
N ASP A 573 14.47 4.01 -45.12
CA ASP A 573 13.88 5.34 -44.95
C ASP A 573 13.74 5.71 -43.47
N VAL A 574 13.56 7.00 -43.20
CA VAL A 574 13.51 7.50 -41.83
C VAL A 574 12.29 7.05 -41.04
N THR A 575 11.12 7.12 -41.66
CA THR A 575 9.88 6.79 -40.95
C THR A 575 9.79 5.31 -40.63
N ILE A 576 10.50 4.51 -41.41
CA ILE A 576 10.61 3.07 -41.16
C ILE A 576 11.55 2.82 -39.99
N LYS A 577 12.64 3.57 -39.94
CA LYS A 577 13.61 3.50 -38.83
C LYS A 577 12.90 3.59 -37.49
N ILE A 578 12.08 4.63 -37.33
CA ILE A 578 11.31 4.85 -36.11
C ILE A 578 10.56 3.60 -35.70
N SER A 579 9.98 2.92 -36.68
CA SER A 579 9.31 1.64 -36.43
C SER A 579 10.33 0.59 -36.03
N ALA A 580 11.47 0.59 -36.71
CA ALA A 580 12.56 -0.32 -36.40
C ALA A 580 13.04 -0.17 -34.95
N LEU A 581 13.28 1.07 -34.53
CA LEU A 581 13.69 1.36 -33.17
C LEU A 581 12.70 0.80 -32.16
N LYS A 582 11.41 1.03 -32.41
CA LYS A 582 10.35 0.54 -31.56
C LYS A 582 10.43 -0.98 -31.45
N ALA A 583 10.56 -1.63 -32.60
CA ALA A 583 10.72 -3.08 -32.67
C ALA A 583 11.92 -3.55 -31.85
N ILE A 584 13.10 -3.09 -32.24
CA ILE A 584 14.34 -3.47 -31.56
C ILE A 584 14.30 -3.24 -30.06
N PHE A 585 13.75 -2.10 -29.65
CA PHE A 585 13.73 -1.75 -28.23
C PHE A 585 12.75 -2.59 -27.44
N ASP A 586 11.59 -2.87 -28.01
CA ASP A 586 10.60 -3.71 -27.36
C ASP A 586 11.12 -5.14 -27.22
N GLN A 587 11.99 -5.53 -28.14
CA GLN A 587 12.56 -6.88 -28.11
C GLN A 587 13.73 -6.97 -27.13
N LEU A 588 14.51 -5.90 -27.04
CA LEU A 588 15.59 -5.84 -26.07
C LEU A 588 15.02 -5.78 -24.65
N MET A 589 13.87 -5.13 -24.51
CA MET A 589 13.23 -4.98 -23.20
C MET A 589 12.57 -6.27 -22.74
N THR A 590 12.36 -7.20 -23.67
CA THR A 590 11.61 -8.41 -23.38
C THR A 590 12.51 -9.65 -23.29
N PHE A 591 13.62 -9.63 -24.00
CA PHE A 591 14.52 -10.77 -24.03
C PHE A 591 15.91 -10.44 -23.52
N GLY A 592 16.15 -9.16 -23.23
CA GLY A 592 17.47 -8.72 -22.80
C GLY A 592 18.42 -8.58 -23.96
N ILE A 593 19.60 -8.02 -23.69
CA ILE A 593 20.60 -7.80 -24.73
C ILE A 593 21.41 -9.05 -25.02
N GLU A 594 21.58 -9.89 -24.00
CA GLU A 594 22.52 -11.01 -24.05
C GLU A 594 22.21 -12.07 -25.12
N PRO A 595 20.93 -12.44 -25.27
CA PRO A 595 20.61 -13.50 -26.23
C PRO A 595 20.84 -13.08 -27.68
N PHE A 596 21.15 -11.81 -27.92
CA PHE A 596 21.35 -11.32 -29.28
C PHE A 596 22.84 -11.17 -29.62
N LYS A 597 23.69 -11.61 -28.70
CA LYS A 597 25.14 -11.54 -28.93
C LYS A 597 25.77 -12.92 -28.80
N THR A 598 25.04 -13.95 -29.24
CA THR A 598 25.50 -15.32 -29.08
C THR A 598 25.34 -16.13 -30.36
N THR A 627 25.48 -12.78 -33.80
CA THR A 627 25.13 -12.05 -35.02
C THR A 627 25.42 -10.56 -34.89
N ALA A 628 24.69 -9.89 -34.00
CA ALA A 628 24.86 -8.46 -33.79
C ALA A 628 25.54 -8.18 -32.45
N LYS A 629 26.86 -8.25 -32.44
CA LYS A 629 27.66 -7.97 -31.25
C LYS A 629 27.69 -6.47 -30.96
N ASN A 630 27.28 -5.69 -31.95
CA ASN A 630 27.41 -4.23 -31.92
C ASN A 630 26.09 -3.50 -31.72
N VAL A 631 25.05 -4.23 -31.32
CA VAL A 631 23.71 -3.67 -31.18
C VAL A 631 23.67 -2.42 -30.31
N LEU A 632 24.47 -2.39 -29.26
CA LEU A 632 24.44 -1.26 -28.34
C LEU A 632 25.09 -0.04 -28.98
N LYS A 633 26.09 -0.26 -29.83
CA LYS A 633 26.75 0.81 -30.56
C LYS A 633 25.83 1.46 -31.60
N LEU A 634 24.99 0.67 -32.24
CA LEU A 634 24.09 1.18 -33.28
C LEU A 634 23.04 2.11 -32.69
N LEU A 635 22.30 1.61 -31.73
CA LEU A 635 21.24 2.37 -31.08
C LEU A 635 21.79 3.64 -30.44
N SER A 636 23.03 3.58 -29.97
CA SER A 636 23.66 4.71 -29.29
C SER A 636 23.95 5.86 -30.24
N ASP A 637 24.42 5.55 -31.44
CA ASP A 637 24.85 6.58 -32.38
C ASP A 637 23.67 7.38 -32.93
N PHE A 638 22.46 6.95 -32.59
CA PHE A 638 21.27 7.67 -33.00
C PHE A 638 20.95 8.81 -32.03
N LEU A 639 21.65 8.83 -30.90
CA LEU A 639 21.53 9.95 -29.98
C LEU A 639 22.09 11.21 -30.63
N ASP A 640 23.04 11.01 -31.54
CA ASP A 640 23.66 12.12 -32.26
C ASP A 640 22.98 12.34 -33.61
N SER A 641 21.77 11.77 -33.75
CA SER A 641 21.03 11.89 -34.99
C SER A 641 20.55 13.32 -35.23
N GLU A 642 20.29 13.65 -36.48
CA GLU A 642 19.79 14.97 -36.82
C GLU A 642 18.27 15.01 -36.72
N VAL A 643 17.66 13.83 -36.75
CA VAL A 643 16.20 13.71 -36.67
C VAL A 643 15.72 13.63 -35.22
N SER A 644 14.80 14.51 -34.85
CA SER A 644 14.25 14.55 -33.50
C SER A 644 13.66 13.21 -33.06
N GLU A 645 12.89 12.59 -33.95
CA GLU A 645 12.21 11.33 -33.64
C GLU A 645 13.21 10.21 -33.37
N LEU A 646 14.40 10.33 -33.95
CA LEU A 646 15.42 9.30 -33.79
C LEU A 646 16.22 9.52 -32.50
N ARG A 647 16.59 10.76 -32.22
CA ARG A 647 17.18 11.11 -30.94
C ARG A 647 16.29 10.65 -29.80
N THR A 648 15.02 11.04 -29.86
CA THR A 648 14.05 10.73 -28.83
C THR A 648 13.76 9.23 -28.77
N GLY A 649 13.86 8.57 -29.92
CA GLY A 649 13.64 7.14 -29.98
C GLY A 649 14.80 6.40 -29.33
N ALA A 650 16.01 6.66 -29.83
CA ALA A 650 17.23 6.14 -29.23
C ALA A 650 17.31 6.45 -27.74
N ALA A 651 17.28 7.73 -27.40
CA ALA A 651 17.41 8.19 -26.02
C ALA A 651 16.43 7.50 -25.07
N GLU A 652 15.15 7.50 -25.43
CA GLU A 652 14.13 6.92 -24.57
C GLU A 652 14.31 5.41 -24.46
N GLY A 653 14.59 4.76 -25.58
CA GLY A 653 14.77 3.32 -25.62
C GLY A 653 15.92 2.88 -24.73
N LEU A 654 16.99 3.68 -24.73
CA LEU A 654 18.13 3.39 -23.88
C LEU A 654 17.79 3.65 -22.42
N ALA A 655 17.05 4.72 -22.15
CA ALA A 655 16.61 5.03 -20.81
C ALA A 655 15.75 3.91 -20.22
N LYS A 656 14.89 3.33 -21.07
CA LYS A 656 14.03 2.24 -20.63
C LYS A 656 14.84 1.00 -20.26
N LEU A 657 15.83 0.67 -21.08
CA LEU A 657 16.69 -0.47 -20.84
C LEU A 657 17.48 -0.33 -19.54
N MET A 658 17.89 0.89 -19.23
CA MET A 658 18.63 1.16 -18.00
C MET A 658 17.75 1.04 -16.77
N PHE A 659 16.54 1.60 -16.86
CA PHE A 659 15.64 1.68 -15.72
C PHE A 659 15.26 0.29 -15.20
N SER A 660 15.16 -0.67 -16.11
CA SER A 660 14.82 -2.03 -15.73
C SER A 660 16.07 -2.89 -15.61
N GLY A 661 17.20 -2.26 -15.31
CA GLY A 661 18.43 -2.96 -15.01
C GLY A 661 18.93 -3.91 -16.09
N LEU A 662 18.43 -3.75 -17.30
CA LEU A 662 18.83 -4.60 -18.41
C LEU A 662 20.06 -4.05 -19.12
N LEU A 663 20.37 -2.80 -18.84
CA LEU A 663 21.52 -2.14 -19.43
C LEU A 663 22.30 -1.38 -18.37
N VAL A 664 23.61 -1.60 -18.33
CA VAL A 664 24.48 -0.87 -17.43
C VAL A 664 25.63 -0.28 -18.22
N SER A 665 25.62 1.04 -18.38
CA SER A 665 26.62 1.72 -19.18
C SER A 665 26.83 3.15 -18.70
N SER A 666 27.98 3.40 -18.10
CA SER A 666 28.32 4.73 -17.64
C SER A 666 28.69 5.61 -18.83
N ARG A 667 28.97 4.97 -19.95
CA ARG A 667 29.23 5.71 -21.18
C ARG A 667 27.94 6.30 -21.72
N ILE A 668 26.98 5.43 -22.01
CA ILE A 668 25.70 5.85 -22.57
C ILE A 668 24.94 6.77 -21.62
N LEU A 669 25.09 6.54 -20.32
CA LEU A 669 24.45 7.40 -19.33
C LEU A 669 25.12 8.78 -19.36
N SER A 670 26.41 8.79 -19.65
CA SER A 670 27.15 10.04 -19.81
C SER A 670 26.67 10.75 -21.08
N ARG A 671 26.43 9.97 -22.13
CA ARG A 671 25.94 10.51 -23.40
C ARG A 671 24.49 10.98 -23.28
N LEU A 672 23.77 10.43 -22.31
CA LEU A 672 22.38 10.82 -22.09
C LEU A 672 22.30 12.15 -21.36
N ILE A 673 22.97 12.24 -20.21
CA ILE A 673 23.06 13.47 -19.46
C ILE A 673 23.53 14.63 -20.34
N LEU A 674 24.50 14.34 -21.21
CA LEU A 674 25.01 15.34 -22.14
C LEU A 674 23.96 15.73 -23.16
N LEU A 675 23.26 14.74 -23.69
CA LEU A 675 22.19 14.97 -24.67
C LEU A 675 21.09 15.88 -24.10
N TRP A 676 20.79 15.67 -22.82
CA TRP A 676 19.72 16.43 -22.16
C TRP A 676 20.11 17.90 -21.98
N TYR A 677 21.40 18.17 -21.81
CA TYR A 677 21.90 19.53 -21.64
C TYR A 677 22.24 20.17 -22.98
N ASN A 678 22.46 19.33 -23.99
CA ASN A 678 22.77 19.78 -25.33
C ASN A 678 21.71 20.75 -25.87
N PRO A 679 22.15 21.93 -26.34
CA PRO A 679 21.25 22.94 -26.90
C PRO A 679 20.45 22.40 -28.07
N VAL A 680 21.07 21.53 -28.86
CA VAL A 680 20.43 20.91 -30.01
C VAL A 680 19.10 20.23 -29.67
N THR A 681 18.85 20.04 -28.37
CA THR A 681 17.67 19.31 -27.92
C THR A 681 16.58 20.21 -27.31
N GLU A 682 16.80 21.52 -27.25
CA GLU A 682 15.85 22.40 -26.57
C GLU A 682 14.42 22.29 -27.10
N GLU A 683 14.27 22.01 -28.38
CA GLU A 683 12.93 21.91 -28.97
C GLU A 683 12.53 20.47 -29.20
N ASP A 684 13.21 19.55 -28.52
CA ASP A 684 12.78 18.16 -28.50
C ASP A 684 12.09 17.90 -27.17
N VAL A 685 10.80 18.25 -27.11
CA VAL A 685 10.05 18.21 -25.86
C VAL A 685 9.91 16.80 -25.29
N GLN A 686 9.62 15.83 -26.15
CA GLN A 686 9.53 14.44 -25.73
C GLN A 686 10.81 13.98 -25.04
N LEU A 687 11.94 14.12 -25.74
CA LEU A 687 13.24 13.73 -25.23
C LEU A 687 13.57 14.37 -23.88
N ARG A 688 13.65 15.71 -23.86
CA ARG A 688 14.02 16.44 -22.66
C ARG A 688 13.14 16.12 -21.46
N HIS A 689 11.86 15.86 -21.70
CA HIS A 689 10.93 15.55 -20.63
C HIS A 689 11.12 14.12 -20.12
N CYS A 690 11.34 13.20 -21.05
CA CYS A 690 11.55 11.79 -20.70
C CYS A 690 12.73 11.62 -19.75
N LEU A 691 13.89 12.11 -20.16
CA LEU A 691 15.11 11.99 -19.38
C LEU A 691 14.97 12.68 -18.03
N GLY A 692 14.32 13.84 -18.02
CA GLY A 692 14.12 14.62 -16.80
C GLY A 692 13.51 13.80 -15.70
N VAL A 693 12.63 12.87 -16.06
CA VAL A 693 12.03 11.97 -15.10
C VAL A 693 12.94 10.78 -14.81
N PHE A 694 13.59 10.27 -15.85
CA PHE A 694 14.40 9.06 -15.76
C PHE A 694 15.59 9.21 -14.81
N PHE A 695 16.39 10.25 -15.02
CA PHE A 695 17.61 10.47 -14.24
C PHE A 695 17.38 10.34 -12.74
N PRO A 696 16.37 11.07 -12.21
CA PRO A 696 16.07 11.00 -10.78
C PRO A 696 15.55 9.63 -10.34
N VAL A 697 14.51 9.14 -10.99
CA VAL A 697 13.90 7.87 -10.60
C VAL A 697 14.87 6.71 -10.80
N PHE A 698 15.77 6.85 -11.77
CA PHE A 698 16.78 5.83 -12.01
C PHE A 698 17.86 5.88 -10.94
N ALA A 699 18.30 7.09 -10.62
CA ALA A 699 19.35 7.29 -9.63
C ALA A 699 18.97 6.74 -8.25
N TYR A 700 17.83 7.18 -7.72
CA TYR A 700 17.47 6.89 -6.34
C TYR A 700 16.87 5.50 -6.17
N ALA A 701 16.83 4.73 -7.25
CA ALA A 701 16.28 3.39 -7.20
C ALA A 701 17.19 2.43 -6.43
N SER A 702 18.50 2.63 -6.57
CA SER A 702 19.47 1.73 -5.95
C SER A 702 20.89 2.29 -6.02
N ARG A 703 21.76 1.81 -5.15
CA ARG A 703 23.15 2.24 -5.08
C ARG A 703 23.87 1.98 -6.40
N THR A 704 23.66 0.80 -6.97
CA THR A 704 24.25 0.43 -8.26
C THR A 704 23.91 1.44 -9.34
N ASN A 705 22.70 2.00 -9.27
CA ASN A 705 22.27 3.03 -10.21
C ASN A 705 23.06 4.31 -10.00
N GLN A 706 23.12 4.76 -8.75
CA GLN A 706 23.92 5.93 -8.38
C GLN A 706 25.39 5.72 -8.73
N GLU A 707 25.90 4.52 -8.43
CA GLU A 707 27.28 4.18 -8.76
C GLU A 707 27.54 4.38 -10.24
N CYS A 708 26.52 4.16 -11.05
CA CYS A 708 26.61 4.36 -12.50
C CYS A 708 26.84 5.84 -12.81
N PHE A 709 26.20 6.70 -12.03
CA PHE A 709 26.39 8.15 -12.18
C PHE A 709 27.77 8.56 -11.70
N GLU A 710 28.22 7.97 -10.60
CA GLU A 710 29.53 8.27 -10.04
C GLU A 710 30.65 7.88 -11.02
N GLU A 711 30.50 6.71 -11.64
CA GLU A 711 31.43 6.27 -12.67
C GLU A 711 31.45 7.22 -13.86
N ALA A 712 30.33 7.87 -14.11
CA ALA A 712 30.18 8.74 -15.26
C ALA A 712 30.57 10.18 -14.97
N PHE A 713 30.81 10.50 -13.70
CA PHE A 713 31.06 11.87 -13.26
C PHE A 713 32.19 12.55 -14.04
N LEU A 714 33.40 12.02 -13.92
CA LEU A 714 34.57 12.64 -14.55
C LEU A 714 34.52 12.64 -16.08
N PRO A 715 34.14 11.51 -16.68
CA PRO A 715 34.07 11.46 -18.15
C PRO A 715 33.11 12.48 -18.72
N THR A 716 32.03 12.78 -17.98
CA THR A 716 31.07 13.77 -18.42
C THR A 716 31.67 15.17 -18.45
N LEU A 717 32.14 15.63 -17.28
CA LEU A 717 32.72 16.97 -17.19
C LEU A 717 34.00 17.12 -18.01
N GLN A 718 34.67 16.01 -18.31
CA GLN A 718 35.86 16.09 -19.14
C GLN A 718 35.49 16.09 -20.62
N THR A 719 34.35 15.50 -20.94
CA THR A 719 33.80 15.60 -22.29
C THR A 719 33.41 17.06 -22.54
N LEU A 720 32.91 17.70 -21.49
CA LEU A 720 32.53 19.10 -21.56
C LEU A 720 33.75 20.00 -21.73
N ALA A 721 34.72 19.83 -20.82
CA ALA A 721 35.91 20.68 -20.81
C ALA A 721 36.75 20.57 -22.07
N ASN A 722 36.64 19.43 -22.75
CA ASN A 722 37.44 19.17 -23.96
C ASN A 722 36.69 19.45 -25.25
N ALA A 723 35.57 20.16 -25.15
CA ALA A 723 34.75 20.44 -26.32
C ALA A 723 35.24 21.70 -27.02
N PRO A 724 35.46 21.61 -28.34
CA PRO A 724 35.92 22.78 -29.09
C PRO A 724 34.79 23.80 -29.22
N ALA A 725 35.10 25.02 -29.62
CA ALA A 725 34.12 26.10 -29.59
C ALA A 725 32.94 25.85 -30.53
N SER A 726 33.16 25.02 -31.55
CA SER A 726 32.15 24.77 -32.57
C SER A 726 30.96 23.94 -32.07
N SER A 727 31.23 22.92 -31.26
CA SER A 727 30.17 22.03 -30.76
C SER A 727 29.21 22.75 -29.82
N PRO A 728 27.93 22.36 -29.86
CA PRO A 728 26.93 22.86 -28.92
C PRO A 728 27.30 22.58 -27.46
N LEU A 729 28.19 21.61 -27.25
CA LEU A 729 28.59 21.22 -25.91
C LEU A 729 29.35 22.34 -25.20
N ALA A 730 30.17 23.07 -25.96
CA ALA A 730 30.93 24.18 -25.40
C ALA A 730 30.00 25.23 -24.80
N GLU A 731 28.77 25.29 -25.33
CA GLU A 731 27.75 26.19 -24.80
C GLU A 731 27.33 25.78 -23.40
N ILE A 732 27.34 24.48 -23.13
CA ILE A 732 26.83 23.95 -21.87
C ILE A 732 27.57 24.54 -20.67
N ASP A 733 26.88 24.64 -19.54
CA ASP A 733 27.48 25.08 -18.29
C ASP A 733 27.87 23.87 -17.44
N ILE A 734 29.16 23.74 -17.14
CA ILE A 734 29.66 22.54 -16.48
C ILE A 734 29.20 22.42 -15.03
N THR A 735 29.10 23.55 -14.34
CA THR A 735 28.67 23.56 -12.95
C THR A 735 27.28 22.99 -12.75
N ASN A 736 26.35 23.33 -13.65
CA ASN A 736 25.00 22.81 -13.58
C ASN A 736 24.97 21.29 -13.67
N VAL A 737 25.80 20.75 -14.55
CA VAL A 737 25.88 19.30 -14.76
C VAL A 737 26.49 18.56 -13.58
N ALA A 738 27.54 19.14 -12.99
CA ALA A 738 28.20 18.54 -11.85
C ALA A 738 27.29 18.52 -10.63
N GLU A 739 26.60 19.64 -10.40
CA GLU A 739 25.66 19.77 -9.29
C GLU A 739 24.54 18.75 -9.41
N LEU A 740 24.15 18.45 -10.65
CA LEU A 740 23.11 17.47 -10.91
C LEU A 740 23.61 16.07 -10.54
N LEU A 741 24.85 15.79 -10.90
CA LEU A 741 25.45 14.49 -10.64
C LEU A 741 25.64 14.26 -9.15
N VAL A 742 26.12 15.28 -8.45
CA VAL A 742 26.27 15.22 -7.00
C VAL A 742 24.91 15.06 -6.33
N ASP A 743 23.91 15.73 -6.90
CA ASP A 743 22.54 15.65 -6.41
C ASP A 743 22.00 14.24 -6.54
N LEU A 744 22.16 13.65 -7.73
CA LEU A 744 21.66 12.30 -7.99
C LEU A 744 22.37 11.24 -7.15
N THR A 745 23.57 11.56 -6.69
CA THR A 745 24.41 10.58 -5.99
C THR A 745 24.42 10.72 -4.48
N ARG A 746 23.64 11.67 -3.95
CA ARG A 746 23.56 11.84 -2.49
C ARG A 746 23.05 10.57 -1.83
N PRO A 747 23.62 10.24 -0.66
CA PRO A 747 23.19 9.07 0.10
C PRO A 747 21.83 9.32 0.79
N SER A 748 21.32 10.54 0.67
CA SER A 748 20.01 10.88 1.22
C SER A 748 18.92 10.67 0.17
N GLY A 749 19.07 9.61 -0.62
CA GLY A 749 18.13 9.31 -1.69
C GLY A 749 17.78 7.84 -1.76
N ALA A 762 31.73 1.21 5.99
CA ALA A 762 30.84 1.43 4.86
C ALA A 762 31.08 2.81 4.25
N LEU A 763 31.72 2.84 3.08
CA LEU A 763 32.04 4.10 2.42
C LEU A 763 30.97 4.42 1.38
N THR A 764 30.30 5.55 1.55
CA THR A 764 29.19 5.94 0.69
C THR A 764 29.66 6.33 -0.71
N VAL A 765 28.70 6.44 -1.63
CA VAL A 765 28.99 6.81 -3.01
C VAL A 765 29.62 8.20 -3.09
N HIS A 766 29.17 9.10 -2.22
CA HIS A 766 29.75 10.43 -2.15
C HIS A 766 31.17 10.40 -1.59
N ASP A 767 31.47 9.35 -0.83
CA ASP A 767 32.82 9.15 -0.29
C ASP A 767 33.77 8.77 -1.42
N ASN A 768 33.33 7.82 -2.25
CA ASN A 768 34.09 7.44 -3.44
C ASN A 768 34.29 8.64 -4.37
N LEU A 769 33.23 9.45 -4.49
CA LEU A 769 33.26 10.65 -5.32
C LEU A 769 34.31 11.63 -4.82
N ALA A 770 34.30 11.89 -3.52
CA ALA A 770 35.27 12.78 -2.89
C ALA A 770 36.69 12.33 -3.22
N MET A 771 36.90 11.02 -3.27
CA MET A 771 38.20 10.47 -3.65
C MET A 771 38.51 10.78 -5.11
N LYS A 772 37.60 10.39 -5.99
CA LYS A 772 37.76 10.64 -7.42
C LYS A 772 38.09 12.10 -7.69
N ILE A 773 37.41 12.99 -6.96
CA ILE A 773 37.57 14.43 -7.16
C ILE A 773 38.88 14.96 -6.60
N CYS A 774 39.24 14.51 -5.39
CA CYS A 774 40.53 14.91 -4.81
C CYS A 774 41.68 14.38 -5.66
N ASN A 775 41.51 13.18 -6.19
CA ASN A 775 42.53 12.59 -7.05
C ASN A 775 42.66 13.37 -8.35
N GLU A 776 41.55 13.88 -8.84
CA GLU A 776 41.55 14.70 -10.05
C GLU A 776 42.14 16.08 -9.80
N ILE A 777 41.71 16.72 -8.71
CA ILE A 777 42.24 18.02 -8.34
C ILE A 777 43.75 17.96 -8.14
N LEU A 778 44.21 16.87 -7.53
CA LEU A 778 45.64 16.66 -7.29
C LEU A 778 46.40 16.37 -8.58
N THR A 779 45.69 15.94 -9.62
CA THR A 779 46.33 15.63 -10.90
C THR A 779 46.58 16.90 -11.70
N SER A 780 45.66 17.85 -11.61
CA SER A 780 45.82 19.13 -12.28
C SER A 780 45.14 20.23 -11.47
N PRO A 781 45.82 20.72 -10.42
CA PRO A 781 45.29 21.67 -9.44
C PRO A 781 45.07 23.08 -10.02
N CYS A 782 45.61 23.32 -11.21
CA CYS A 782 45.44 24.61 -11.86
C CYS A 782 44.66 24.45 -13.15
N SER A 783 43.75 23.49 -13.16
CA SER A 783 42.91 23.26 -14.32
C SER A 783 41.87 24.36 -14.46
N PRO A 784 41.43 24.63 -15.69
CA PRO A 784 40.36 25.59 -15.99
C PRO A 784 39.06 25.23 -15.28
N GLU A 785 38.96 23.99 -14.82
CA GLU A 785 37.74 23.50 -14.18
C GLU A 785 37.92 23.38 -12.67
N ILE A 786 39.06 23.84 -12.17
CA ILE A 786 39.38 23.78 -10.75
C ILE A 786 38.24 24.29 -9.87
N ARG A 787 37.59 25.37 -10.30
CA ARG A 787 36.46 25.92 -9.56
C ARG A 787 35.30 24.93 -9.46
N VAL A 788 35.02 24.25 -10.56
CA VAL A 788 33.92 23.29 -10.60
C VAL A 788 34.12 22.13 -9.65
N TYR A 789 35.31 21.52 -9.70
CA TYR A 789 35.60 20.35 -8.90
C TYR A 789 35.57 20.62 -7.40
N THR A 790 36.04 21.81 -7.00
CA THR A 790 36.01 22.17 -5.59
C THR A 790 34.57 22.35 -5.09
N LYS A 791 33.74 23.01 -5.89
CA LYS A 791 32.34 23.18 -5.53
C LYS A 791 31.66 21.83 -5.36
N ALA A 792 31.95 20.90 -6.28
CA ALA A 792 31.42 19.56 -6.19
C ALA A 792 31.89 18.93 -4.89
N LEU A 793 33.16 19.17 -4.57
CA LEU A 793 33.77 18.64 -3.35
C LEU A 793 33.09 19.15 -2.08
N SER A 794 32.80 20.44 -2.05
CA SER A 794 32.23 21.08 -0.87
C SER A 794 30.77 20.72 -0.63
N SER A 795 30.06 20.39 -1.71
CA SER A 795 28.64 20.09 -1.63
C SER A 795 28.36 18.61 -1.40
N LEU A 796 29.41 17.81 -1.34
CA LEU A 796 29.26 16.37 -1.12
C LEU A 796 28.80 16.07 0.30
N GLU A 797 28.10 14.95 0.46
CA GLU A 797 27.69 14.47 1.77
C GLU A 797 28.71 13.46 2.30
N LEU A 798 29.76 13.98 2.91
CA LEU A 798 30.89 13.17 3.35
C LEU A 798 30.64 12.42 4.65
N SER A 799 30.95 11.12 4.64
CA SER A 799 30.87 10.30 5.84
C SER A 799 31.83 10.78 6.92
N SER A 800 31.56 10.42 8.17
CA SER A 800 32.37 10.87 9.29
C SER A 800 33.74 10.19 9.37
N HIS A 801 33.80 8.92 8.99
CA HIS A 801 35.03 8.14 9.13
C HIS A 801 36.03 8.41 8.00
N LEU A 802 35.55 9.03 6.92
CA LEU A 802 36.41 9.37 5.79
C LEU A 802 37.22 10.64 6.06
N ALA A 803 36.87 11.33 7.14
CA ALA A 803 37.43 12.65 7.45
C ALA A 803 38.96 12.66 7.61
N LYS A 804 39.51 11.64 8.27
CA LYS A 804 40.95 11.60 8.53
C LYS A 804 41.70 11.34 7.22
N ASP A 805 41.20 10.39 6.43
CA ASP A 805 41.77 10.11 5.13
C ASP A 805 41.60 11.31 4.19
N LEU A 806 40.42 11.92 4.24
CA LEU A 806 40.12 13.07 3.40
C LEU A 806 41.00 14.26 3.75
N LEU A 807 41.14 14.49 5.05
CA LEU A 807 41.96 15.57 5.57
C LEU A 807 43.38 15.51 5.00
N VAL A 808 43.93 14.30 4.93
CA VAL A 808 45.25 14.08 4.35
C VAL A 808 45.31 14.61 2.91
N LEU A 809 44.29 14.27 2.13
CA LEU A 809 44.22 14.70 0.74
C LEU A 809 44.03 16.21 0.64
N LEU A 810 43.11 16.73 1.43
CA LEU A 810 42.77 18.15 1.37
C LEU A 810 43.95 19.06 1.72
N ASN A 811 44.81 18.62 2.63
CA ASN A 811 46.01 19.38 2.98
C ASN A 811 46.95 19.53 1.80
N GLU A 812 47.18 18.43 1.10
CA GLU A 812 48.05 18.44 -0.06
C GLU A 812 47.44 19.27 -1.18
N ILE A 813 46.12 19.19 -1.31
CA ILE A 813 45.40 19.99 -2.29
C ILE A 813 45.60 21.48 -2.00
N LEU A 814 45.57 21.84 -0.72
CA LEU A 814 45.78 23.21 -0.29
C LEU A 814 47.18 23.70 -0.65
N GLU A 815 48.10 22.77 -0.87
CA GLU A 815 49.46 23.10 -1.23
C GLU A 815 49.60 23.36 -2.74
N GLN A 816 48.87 22.59 -3.53
CA GLN A 816 49.03 22.62 -4.98
C GLN A 816 48.05 23.58 -5.66
N VAL A 817 46.82 23.64 -5.16
CA VAL A 817 45.83 24.56 -5.71
C VAL A 817 46.29 26.00 -5.51
N LYS A 818 46.21 26.79 -6.57
CA LYS A 818 46.76 28.13 -6.57
C LYS A 818 45.68 29.21 -6.66
N ASP A 819 44.50 28.83 -7.16
CA ASP A 819 43.37 29.75 -7.22
C ASP A 819 42.92 30.12 -5.82
N ARG A 820 43.07 31.39 -5.46
CA ARG A 820 42.74 31.87 -4.12
C ARG A 820 41.27 31.66 -3.77
N THR A 821 40.42 31.67 -4.79
CA THR A 821 38.99 31.44 -4.58
C THR A 821 38.72 30.01 -4.11
N CYS A 822 39.30 29.04 -4.80
CA CYS A 822 39.13 27.63 -4.45
C CYS A 822 39.75 27.30 -3.09
N LEU A 823 40.84 27.99 -2.76
CA LEU A 823 41.55 27.77 -1.51
C LEU A 823 40.69 28.10 -0.29
N ARG A 824 40.09 29.29 -0.33
CA ARG A 824 39.26 29.76 0.79
C ARG A 824 38.11 28.79 1.03
N ALA A 825 37.64 28.17 -0.05
CA ALA A 825 36.58 27.17 0.03
C ALA A 825 37.11 25.87 0.61
N LEU A 826 38.33 25.51 0.22
CA LEU A 826 38.94 24.26 0.68
C LEU A 826 39.32 24.34 2.16
N GLU A 827 39.78 25.52 2.59
CA GLU A 827 40.08 25.73 4.00
C GLU A 827 38.80 25.58 4.81
N LYS A 828 37.71 26.11 4.26
CA LYS A 828 36.40 26.03 4.89
C LYS A 828 35.97 24.57 5.06
N ILE A 829 36.25 23.74 4.06
CA ILE A 829 35.99 22.31 4.15
C ILE A 829 36.85 21.67 5.24
N LYS A 830 38.08 22.15 5.37
CA LYS A 830 39.04 21.63 6.33
C LYS A 830 38.57 21.78 7.77
N ILE A 831 38.04 22.95 8.10
CA ILE A 831 37.54 23.23 9.44
C ILE A 831 36.38 22.31 9.80
N GLN A 832 35.53 22.03 8.81
CA GLN A 832 34.39 21.13 9.00
C GLN A 832 34.84 19.72 9.34
N LEU A 833 35.89 19.26 8.66
CA LEU A 833 36.47 17.94 8.93
C LEU A 833 37.09 17.91 10.32
N GLU A 834 37.81 18.97 10.65
CA GLU A 834 38.48 19.09 11.95
C GLU A 834 37.46 18.99 13.09
N LYS A 835 36.25 19.47 12.86
CA LYS A 835 35.16 19.30 13.81
C LYS A 835 34.96 17.82 14.16
N GLU B 2 -13.97 52.84 15.73
CA GLU B 2 -14.72 54.04 16.09
C GLU B 2 -13.97 55.31 15.67
N ILE B 3 -14.67 56.20 14.97
CA ILE B 3 -14.07 57.44 14.50
C ILE B 3 -14.48 58.65 15.34
N ASP B 4 -13.47 59.37 15.83
CA ASP B 4 -13.70 60.57 16.63
C ASP B 4 -13.64 61.82 15.75
N PHE B 5 -14.80 62.36 15.43
CA PHE B 5 -14.90 63.53 14.56
C PHE B 5 -14.71 64.84 15.33
N GLU B 6 -14.39 64.73 16.61
CA GLU B 6 -14.37 65.91 17.47
C GLU B 6 -13.05 66.68 17.40
N ASP B 7 -11.94 65.99 17.67
CA ASP B 7 -10.64 66.66 17.75
C ASP B 7 -10.19 67.18 16.39
N ASP B 8 -9.91 68.49 16.32
CA ASP B 8 -9.45 69.09 15.10
C ASP B 8 -8.05 68.59 14.75
N ILE B 9 -7.98 67.62 13.83
CA ILE B 9 -6.71 67.09 13.37
C ILE B 9 -6.25 67.82 12.11
N ASP B 10 -4.99 68.24 12.11
CA ASP B 10 -4.40 68.86 10.93
C ASP B 10 -4.11 67.79 9.89
N PHE B 11 -5.03 67.62 8.95
CA PHE B 11 -4.96 66.51 8.00
C PHE B 11 -3.96 66.79 6.88
N ASP B 12 -3.23 67.89 6.98
CA ASP B 12 -2.27 68.25 5.96
C ASP B 12 -1.17 67.21 5.84
N VAL B 13 -0.75 66.65 6.96
CA VAL B 13 0.23 65.57 6.97
C VAL B 13 -0.13 64.46 5.99
N TYR B 14 -1.42 64.18 5.88
CA TYR B 14 -1.91 63.10 5.02
C TYR B 14 -2.10 63.50 3.55
N PHE B 15 -2.59 64.72 3.33
CA PHE B 15 -2.98 65.15 1.98
C PHE B 15 -1.84 65.84 1.25
N ARG B 16 -0.89 66.39 2.00
CA ARG B 16 0.31 67.02 1.48
C ARG B 16 1.02 66.20 0.41
N LYS B 17 1.70 66.88 -0.50
CA LYS B 17 2.41 66.22 -1.61
C LYS B 17 3.92 66.08 -1.37
N THR B 18 4.49 64.93 -1.74
CA THR B 18 5.93 64.70 -1.61
C THR B 18 6.52 63.96 -2.82
N LYS B 19 7.18 62.83 -2.57
CA LYS B 19 7.62 61.90 -3.62
C LYS B 19 7.72 60.48 -3.05
N ALA B 20 7.44 59.44 -3.84
CA ALA B 20 6.95 59.52 -5.22
C ALA B 20 5.87 58.45 -5.41
N ALA B 21 4.73 58.83 -6.00
CA ALA B 21 3.49 58.05 -5.89
C ALA B 21 3.37 56.78 -6.74
N THR B 22 3.81 56.80 -7.99
CA THR B 22 3.52 55.67 -8.89
C THR B 22 4.72 54.75 -9.05
N ILE B 23 4.49 53.51 -9.47
CA ILE B 23 5.59 52.58 -9.67
C ILE B 23 6.45 53.05 -10.83
N LEU B 24 7.74 52.77 -10.72
CA LEU B 24 8.75 53.32 -11.62
C LEU B 24 8.60 52.83 -13.06
N THR B 25 9.04 53.65 -14.00
CA THR B 25 8.85 53.41 -15.42
C THR B 25 9.41 52.05 -15.82
N LYS B 26 10.51 51.68 -15.19
CA LYS B 26 11.25 50.46 -15.51
C LYS B 26 10.33 49.25 -15.38
N SER B 27 9.68 49.15 -14.22
CA SER B 27 8.80 48.03 -13.90
C SER B 27 7.58 47.99 -14.83
N GLN B 32 7.73 44.18 -16.79
CA GLN B 32 7.19 42.88 -16.38
C GLN B 32 6.30 42.27 -17.45
N ASN B 33 6.26 40.95 -17.48
CA ASN B 33 5.61 40.21 -18.55
C ASN B 33 4.56 39.20 -18.08
N TRP B 34 3.74 38.76 -19.02
CA TRP B 34 2.66 37.82 -18.74
C TRP B 34 3.22 36.46 -18.34
N ARG B 35 4.51 36.25 -18.59
CA ARG B 35 5.15 35.00 -18.25
C ARG B 35 4.95 34.73 -16.77
N ALA B 36 4.99 35.80 -15.99
CA ALA B 36 4.78 35.72 -14.54
C ALA B 36 3.35 35.37 -14.17
N THR B 37 2.38 35.96 -14.87
CA THR B 37 0.97 35.76 -14.58
C THR B 37 0.36 34.48 -15.16
N THR B 38 0.84 34.06 -16.34
CA THR B 38 0.26 32.92 -17.03
C THR B 38 0.96 31.60 -16.70
N LEU B 39 0.21 30.50 -16.79
CA LEU B 39 0.77 29.18 -16.58
C LEU B 39 1.39 28.63 -17.87
N PRO B 40 2.47 27.84 -17.72
CA PRO B 40 3.11 27.17 -18.85
C PRO B 40 2.41 25.88 -19.20
N THR B 41 2.07 25.69 -20.47
CA THR B 41 1.32 24.50 -20.90
C THR B 41 2.15 23.23 -20.75
N PHE B 43 3.64 19.46 -20.86
CA PHE B 43 3.79 18.08 -21.34
C PHE B 43 3.78 17.12 -20.16
N ASN B 44 3.36 15.88 -20.41
CA ASN B 44 3.24 14.88 -19.35
C ASN B 44 4.00 13.60 -19.68
N TYR B 45 4.94 13.23 -18.81
CA TYR B 45 5.63 11.96 -18.99
C TYR B 45 5.51 11.11 -17.73
N ASN B 46 4.72 10.04 -17.84
CA ASN B 46 4.53 9.11 -16.74
C ASN B 46 5.65 8.10 -16.69
N VAL B 47 6.19 7.87 -15.49
CA VAL B 47 7.29 6.93 -15.28
C VAL B 47 6.91 5.52 -15.73
N ASP B 48 5.62 5.29 -15.92
CA ASP B 48 5.12 4.00 -16.39
C ASP B 48 5.41 3.79 -17.87
N THR B 49 5.50 4.88 -18.62
CA THR B 49 5.84 4.79 -20.04
C THR B 49 7.28 4.31 -20.21
N LEU B 50 8.07 4.45 -19.15
CA LEU B 50 9.46 3.98 -19.16
C LEU B 50 9.53 2.45 -19.14
N VAL B 51 8.46 1.81 -18.68
CA VAL B 51 8.45 0.35 -18.59
C VAL B 51 7.50 -0.27 -19.62
N GLN B 52 6.91 0.57 -20.47
CA GLN B 52 5.91 0.13 -21.44
C GLN B 52 6.48 -0.04 -22.85
N LEU B 53 5.82 -0.87 -23.66
CA LEU B 53 6.26 -1.18 -25.02
C LEU B 53 5.68 -0.24 -26.07
N HIS B 54 6.31 -0.22 -27.25
CA HIS B 54 5.89 0.64 -28.35
C HIS B 54 4.85 -0.03 -29.25
N LEU B 55 4.85 -1.37 -29.25
CA LEU B 55 4.05 -2.12 -30.21
C LEU B 55 2.71 -2.59 -29.63
N LYS B 56 2.52 -2.41 -28.32
CA LYS B 56 1.30 -2.86 -27.66
C LYS B 56 0.74 -1.78 -26.74
N ARG C 20 36.45 22.35 57.66
CA ARG C 20 37.12 22.10 56.39
C ARG C 20 36.23 22.42 55.19
N LEU C 21 36.06 21.43 54.33
CA LEU C 21 35.22 21.55 53.15
C LEU C 21 33.93 20.75 53.35
N LEU C 22 33.28 20.41 52.25
CA LEU C 22 32.16 19.47 52.31
C LEU C 22 32.69 18.06 52.50
N SER C 23 32.31 17.43 53.60
CA SER C 23 32.78 16.09 53.93
C SER C 23 31.92 15.00 53.28
N ILE C 24 32.47 13.80 53.20
CA ILE C 24 31.78 12.66 52.62
C ILE C 24 30.44 12.40 53.31
N LYS C 25 30.39 12.59 54.62
CA LYS C 25 29.18 12.30 55.39
C LYS C 25 28.09 13.33 55.12
N GLU C 26 28.49 14.59 55.03
CA GLU C 26 27.56 15.66 54.69
C GLU C 26 27.07 15.48 53.26
N ALA C 27 28.01 15.09 52.39
CA ALA C 27 27.70 14.85 50.98
C ALA C 27 26.62 13.77 50.84
N PHE C 28 26.71 12.75 51.67
CA PHE C 28 25.74 11.65 51.66
C PHE C 28 24.42 12.09 52.29
N ARG C 29 24.50 12.75 53.44
CA ARG C 29 23.32 13.25 54.13
C ARG C 29 22.51 14.23 53.26
N LEU C 30 23.22 14.97 52.41
CA LEU C 30 22.56 15.92 51.51
C LEU C 30 21.92 15.21 50.30
N ALA C 31 22.63 14.23 49.75
CA ALA C 31 22.17 13.54 48.54
C ALA C 31 20.85 12.81 48.76
N GLN C 32 20.53 12.50 50.01
CA GLN C 32 19.27 11.85 50.35
C GLN C 32 18.06 12.69 49.98
N GLN C 33 18.20 14.00 50.12
CA GLN C 33 17.09 14.92 49.90
C GLN C 33 16.69 14.99 48.42
N PRO C 34 15.38 15.13 48.16
CA PRO C 34 14.83 15.13 46.80
C PRO C 34 15.30 16.34 46.00
N GLN C 36 19.21 19.19 47.03
CA GLN C 36 18.59 18.16 46.21
C GLN C 36 19.54 17.71 45.10
N ASN C 37 20.10 18.68 44.37
CA ASN C 37 20.87 18.38 43.18
C ASN C 37 22.20 17.70 43.49
N GLN C 38 22.55 16.74 42.65
CA GLN C 38 23.72 15.92 42.87
C GLN C 38 24.92 16.41 42.08
N ALA C 39 24.65 17.03 40.92
CA ALA C 39 25.73 17.58 40.09
C ALA C 39 26.60 18.53 40.90
N LYS C 40 25.98 19.37 41.72
CA LYS C 40 26.70 20.24 42.64
C LYS C 40 27.43 19.43 43.71
N LEU C 41 26.67 18.61 44.43
CA LEU C 41 27.23 17.77 45.48
C LEU C 41 28.43 16.96 44.96
N VAL C 42 28.35 16.54 43.71
CA VAL C 42 29.48 15.89 43.06
C VAL C 42 30.67 16.83 42.99
N VAL C 43 30.42 18.05 42.50
CA VAL C 43 31.47 19.06 42.37
C VAL C 43 32.03 19.48 43.73
N ALA C 44 31.13 19.71 44.68
CA ALA C 44 31.52 20.10 46.04
C ALA C 44 32.49 19.10 46.66
N LEU C 45 32.08 17.83 46.69
CA LEU C 45 32.91 16.77 47.25
C LEU C 45 34.18 16.59 46.43
N SER C 46 34.09 16.87 45.14
CA SER C 46 35.23 16.76 44.23
C SER C 46 36.36 17.68 44.68
N ARG C 47 35.99 18.85 45.21
CA ARG C 47 36.95 19.76 45.83
C ARG C 47 37.63 19.11 47.04
N THR C 48 36.82 18.57 47.94
CA THR C 48 37.33 17.92 49.14
C THR C 48 38.28 16.76 48.86
N TYR C 49 38.03 16.05 47.76
CA TYR C 49 38.82 14.87 47.42
C TYR C 49 40.15 15.24 46.79
N ARG C 50 40.11 16.07 45.76
CA ARG C 50 41.31 16.46 45.02
C ARG C 50 42.26 17.31 45.84
N THR C 51 41.73 18.14 46.73
CA THR C 51 42.54 19.00 47.58
C THR C 51 43.28 18.22 48.66
N MET C 52 42.71 17.09 49.10
CA MET C 52 43.40 16.20 50.01
C MET C 52 44.66 15.66 49.34
N ASP C 53 45.66 15.30 50.13
CA ASP C 53 46.91 14.78 49.57
C ASP C 53 47.06 13.28 49.81
N ASP C 54 46.58 12.80 50.95
CA ASP C 54 46.66 11.37 51.25
C ASP C 54 45.31 10.74 50.92
N LYS C 55 45.10 10.47 49.64
CA LYS C 55 43.80 10.02 49.14
C LYS C 55 43.31 8.76 49.86
N THR C 56 44.24 8.02 50.47
CA THR C 56 43.90 6.76 51.13
C THR C 56 42.97 7.00 52.31
N VAL C 57 43.05 8.19 52.91
CA VAL C 57 42.17 8.56 54.01
C VAL C 57 40.76 8.86 53.52
N PHE C 58 40.67 9.42 52.31
CA PHE C 58 39.37 9.67 51.69
C PHE C 58 38.74 8.35 51.28
N HIS C 59 39.55 7.46 50.72
CA HIS C 59 39.10 6.15 50.29
C HIS C 59 38.38 5.37 51.39
N GLU C 60 39.02 5.32 52.55
CA GLU C 60 38.51 4.54 53.68
C GLU C 60 37.27 5.18 54.31
N GLU C 61 37.21 6.50 54.28
CA GLU C 61 36.07 7.23 54.79
C GLU C 61 34.85 6.99 53.88
N PHE C 62 35.12 6.92 52.58
CA PHE C 62 34.08 6.74 51.58
C PHE C 62 33.39 5.40 51.78
N ILE C 63 34.18 4.34 51.94
CA ILE C 63 33.66 3.00 52.18
C ILE C 63 32.95 2.89 53.51
N HIS C 64 33.45 3.59 54.53
CA HIS C 64 32.87 3.51 55.86
C HIS C 64 31.44 4.01 55.87
N TYR C 65 31.19 5.11 55.16
CA TYR C 65 29.87 5.70 55.12
C TYR C 65 29.01 5.07 54.03
N LEU C 66 29.67 4.47 53.04
CA LEU C 66 28.98 3.75 51.99
C LEU C 66 28.37 2.46 52.52
N LYS C 67 28.98 1.92 53.57
CA LYS C 67 28.48 0.69 54.19
C LYS C 67 27.08 0.88 54.77
N TYR C 68 26.77 2.13 55.13
CA TYR C 68 25.49 2.44 55.75
C TYR C 68 24.32 2.27 54.79
N VAL C 69 24.62 2.16 53.50
CA VAL C 69 23.58 1.96 52.49
C VAL C 69 23.74 0.61 51.80
N MET C 70 24.74 -0.17 52.22
CA MET C 70 24.95 -1.49 51.67
C MET C 70 24.31 -2.56 52.55
N VAL C 71 23.88 -2.18 53.74
CA VAL C 71 23.26 -3.11 54.67
C VAL C 71 21.74 -2.95 54.68
N VAL C 72 21.22 -2.33 53.62
CA VAL C 72 19.78 -2.12 53.48
C VAL C 72 19.29 -2.81 52.22
N TYR C 73 18.44 -3.82 52.39
CA TYR C 73 17.95 -4.58 51.24
C TYR C 73 16.80 -3.92 50.50
N LYS C 74 15.82 -3.39 51.22
CA LYS C 74 14.65 -2.80 50.57
C LYS C 74 15.05 -1.54 49.79
N ARG C 75 14.38 -1.30 48.67
CA ARG C 75 14.73 -0.19 47.79
C ARG C 75 14.25 1.15 48.32
N GLU C 76 14.63 1.47 49.55
CA GLU C 76 14.39 2.79 50.11
C GLU C 76 15.01 3.85 49.21
N PRO C 77 14.23 4.89 48.88
CA PRO C 77 14.66 5.90 47.90
C PRO C 77 15.84 6.74 48.41
N ALA C 78 15.86 7.03 49.71
CA ALA C 78 17.00 7.68 50.33
C ALA C 78 18.27 6.90 50.04
N VAL C 79 18.24 5.62 50.36
CA VAL C 79 19.36 4.73 50.07
C VAL C 79 19.68 4.74 48.57
N GLU C 80 18.65 4.82 47.75
CA GLU C 80 18.84 4.77 46.31
C GLU C 80 19.54 6.03 45.80
N ARG C 81 19.31 7.15 46.46
CA ARG C 81 19.95 8.40 46.08
C ARG C 81 21.41 8.41 46.49
N VAL C 82 21.69 7.92 47.70
CA VAL C 82 23.07 7.82 48.18
C VAL C 82 23.87 6.87 47.29
N ILE C 83 23.28 5.70 47.02
CA ILE C 83 23.87 4.75 46.08
C ILE C 83 24.08 5.40 44.71
N GLU C 84 23.05 6.09 44.23
CA GLU C 84 23.07 6.78 42.95
C GLU C 84 24.14 7.86 42.91
N PHE C 85 24.31 8.56 44.03
CA PHE C 85 25.30 9.62 44.15
C PHE C 85 26.72 9.07 44.10
N ALA C 86 26.99 8.10 44.97
CA ALA C 86 28.30 7.47 45.08
C ALA C 86 28.84 7.03 43.72
N ALA C 87 27.94 6.59 42.84
CA ALA C 87 28.34 6.11 41.52
C ALA C 87 28.78 7.26 40.63
N LYS C 88 28.03 8.36 40.63
CA LYS C 88 28.37 9.52 39.81
C LYS C 88 29.70 10.14 40.23
N PHE C 89 29.85 10.36 41.53
CA PHE C 89 31.03 10.99 42.10
C PHE C 89 32.30 10.22 41.77
N VAL C 90 32.30 8.91 42.05
CA VAL C 90 33.45 8.07 41.79
C VAL C 90 33.81 8.04 40.30
N THR C 91 32.79 8.08 39.45
CA THR C 91 32.99 7.98 38.00
C THR C 91 32.97 9.32 37.30
N SER C 92 32.95 10.41 38.07
CA SER C 92 32.98 11.75 37.49
C SER C 92 34.43 12.19 37.39
N PHE C 93 35.33 11.23 37.59
CA PHE C 93 36.75 11.43 37.42
C PHE C 93 37.25 10.62 36.23
N HIS C 94 36.32 9.95 35.55
CA HIS C 94 36.67 9.06 34.45
C HIS C 94 35.88 9.37 33.18
N GLN C 95 35.48 10.63 33.01
CA GLN C 95 34.73 11.02 31.82
C GLN C 95 35.59 11.85 30.86
N SER C 96 36.89 11.57 30.84
CA SER C 96 37.82 12.27 29.96
C SER C 96 38.17 11.41 28.76
N GLY C 108 43.82 5.60 42.35
CA GLY C 108 42.54 6.26 42.14
C GLY C 108 41.46 5.68 43.02
N LEU C 109 40.29 6.31 43.00
CA LEU C 109 39.20 5.95 43.91
C LEU C 109 38.30 4.90 43.28
N LEU C 110 38.15 4.94 41.97
CA LEU C 110 37.33 3.96 41.26
C LEU C 110 37.86 2.54 41.40
N ASN C 111 39.18 2.39 41.47
CA ASN C 111 39.78 1.07 41.59
C ASN C 111 39.79 0.58 43.03
N TYR C 112 39.89 1.50 43.97
CA TYR C 112 39.80 1.17 45.39
C TYR C 112 38.40 0.68 45.76
N LEU C 113 37.39 1.41 45.31
CA LEU C 113 36.00 1.04 45.56
C LEU C 113 35.66 -0.31 44.94
N PHE C 114 36.21 -0.57 43.75
CA PHE C 114 35.99 -1.83 43.06
C PHE C 114 36.53 -3.02 43.85
N THR C 115 37.76 -2.88 44.34
CA THR C 115 38.38 -3.91 45.16
C THR C 115 37.53 -4.23 46.39
N PHE C 116 36.97 -3.21 47.02
CA PHE C 116 36.17 -3.41 48.22
C PHE C 116 34.88 -4.17 47.91
N LEU C 117 34.26 -3.82 46.80
CA LEU C 117 33.03 -4.49 46.39
C LEU C 117 33.29 -5.96 46.05
N LEU C 118 34.38 -6.22 45.33
CA LEU C 118 34.72 -7.56 44.91
C LEU C 118 35.10 -8.45 46.09
N LYS C 119 35.50 -7.81 47.19
CA LYS C 119 35.84 -8.51 48.42
C LYS C 119 34.59 -8.77 49.25
N SER C 120 33.51 -8.07 48.91
CA SER C 120 32.27 -8.14 49.68
C SER C 120 31.15 -8.88 48.94
N HIS C 121 31.46 -9.45 47.77
CA HIS C 121 30.42 -10.01 46.91
C HIS C 121 29.96 -11.39 47.38
N GLU C 122 30.54 -11.87 48.48
CA GLU C 122 30.13 -13.13 49.08
C GLU C 122 29.66 -12.93 50.52
N ALA C 123 29.34 -11.69 50.88
CA ALA C 123 28.86 -11.38 52.22
C ALA C 123 27.57 -12.14 52.51
N ASN C 124 27.43 -12.62 53.74
CA ASN C 124 26.30 -13.47 54.10
C ASN C 124 24.97 -12.73 53.97
N SER C 125 25.02 -11.41 54.17
CA SER C 125 23.84 -10.58 54.05
C SER C 125 23.34 -10.49 52.60
N ASN C 126 22.06 -10.77 52.40
CA ASN C 126 21.46 -10.61 51.09
C ASN C 126 21.55 -9.16 50.65
N ALA C 127 21.33 -8.25 51.59
CA ALA C 127 21.41 -6.82 51.32
C ALA C 127 22.77 -6.44 50.76
N VAL C 128 23.83 -6.81 51.48
CA VAL C 128 25.19 -6.49 51.06
C VAL C 128 25.48 -7.04 49.67
N ARG C 129 25.24 -8.33 49.47
CA ARG C 129 25.46 -8.96 48.17
C ARG C 129 24.69 -8.24 47.08
N PHE C 130 23.47 -7.81 47.40
CA PHE C 130 22.65 -7.07 46.46
C PHE C 130 23.24 -5.70 46.16
N ARG C 131 23.65 -5.00 47.22
CA ARG C 131 24.20 -3.66 47.08
C ARG C 131 25.52 -3.67 46.32
N VAL C 132 26.37 -4.64 46.64
CA VAL C 132 27.65 -4.81 45.96
C VAL C 132 27.48 -4.85 44.44
N CYS C 133 26.60 -5.74 43.98
CA CYS C 133 26.35 -5.90 42.56
C CYS C 133 25.70 -4.67 41.95
N LEU C 134 24.70 -4.12 42.62
CA LEU C 134 24.03 -2.91 42.18
C LEU C 134 25.04 -1.78 41.95
N LEU C 135 25.87 -1.52 42.96
CA LEU C 135 26.91 -0.50 42.87
C LEU C 135 27.85 -0.77 41.69
N ILE C 136 28.32 -1.99 41.58
CA ILE C 136 29.16 -2.39 40.45
C ILE C 136 28.43 -2.08 39.14
N ASN C 137 27.15 -2.40 39.10
CA ASN C 137 26.32 -2.15 37.93
C ASN C 137 26.26 -0.67 37.58
N LYS C 138 25.89 0.15 38.55
CA LYS C 138 25.75 1.59 38.34
C LYS C 138 27.08 2.28 38.06
N LEU C 139 28.16 1.81 38.69
CA LEU C 139 29.49 2.33 38.39
C LEU C 139 29.81 2.16 36.91
N LEU C 140 29.82 0.90 36.46
CA LEU C 140 30.02 0.59 35.04
C LEU C 140 29.00 1.29 34.14
N GLY C 141 27.87 1.66 34.71
CA GLY C 141 26.79 2.27 33.96
C GLY C 141 26.92 3.79 33.92
N SER C 142 27.77 4.31 34.80
CA SER C 142 28.02 5.73 34.89
C SER C 142 29.28 6.04 34.11
N MET C 143 29.92 4.97 33.64
CA MET C 143 31.17 5.07 32.90
C MET C 143 30.90 5.57 31.50
N PRO C 144 31.82 6.37 30.94
CA PRO C 144 31.69 6.89 29.57
C PRO C 144 31.85 5.80 28.52
N GLU C 145 31.56 6.14 27.27
CA GLU C 145 31.61 5.18 26.18
C GLU C 145 32.98 5.15 25.52
N ALA C 147 36.52 4.44 29.21
CA ALA C 147 36.06 3.38 28.32
C ALA C 147 36.93 2.14 28.47
N GLN C 148 37.65 2.06 29.59
CA GLN C 148 38.58 0.95 29.79
C GLN C 148 38.91 0.77 31.28
N ILE C 149 38.82 -0.47 31.75
CA ILE C 149 39.19 -0.80 33.12
C ILE C 149 40.37 -1.77 33.12
N ASP C 150 41.20 -1.68 34.17
CA ASP C 150 42.40 -2.50 34.28
C ASP C 150 42.10 -3.98 34.09
N ASP C 151 42.99 -4.68 33.38
CA ASP C 151 42.82 -6.11 33.13
C ASP C 151 42.84 -6.91 34.43
N ASP C 152 43.30 -6.27 35.51
CA ASP C 152 43.34 -6.91 36.82
C ASP C 152 41.96 -6.81 37.49
N VAL C 153 41.33 -5.66 37.34
CA VAL C 153 40.00 -5.43 37.91
C VAL C 153 38.92 -6.02 37.02
N PHE C 154 39.13 -5.96 35.70
CA PHE C 154 38.19 -6.52 34.74
C PHE C 154 38.04 -8.03 34.88
N ASP C 155 39.14 -8.71 35.17
CA ASP C 155 39.10 -10.15 35.34
C ASP C 155 38.41 -10.51 36.66
N LYS C 156 38.64 -9.68 37.68
CA LYS C 156 38.04 -9.90 38.99
C LYS C 156 36.54 -9.62 39.00
N ILE C 157 36.12 -8.62 38.24
CA ILE C 157 34.70 -8.28 38.13
C ILE C 157 33.91 -9.36 37.39
N ASN C 158 34.37 -9.67 36.17
CA ASN C 158 33.74 -10.70 35.35
C ASN C 158 33.59 -12.03 36.09
N LYS C 159 34.61 -12.35 36.88
CA LYS C 159 34.62 -13.58 37.68
C LYS C 159 33.58 -13.55 38.79
N ALA C 160 33.52 -12.44 39.52
CA ALA C 160 32.65 -12.34 40.68
C ALA C 160 31.17 -12.27 40.30
N MET C 161 30.85 -11.46 39.30
CA MET C 161 29.48 -11.30 38.84
C MET C 161 28.95 -12.60 38.23
N LEU C 162 29.83 -13.36 37.60
CA LEU C 162 29.47 -14.64 37.01
C LEU C 162 28.97 -15.60 38.09
N ILE C 163 29.56 -15.49 39.28
CA ILE C 163 29.12 -16.26 40.43
C ILE C 163 27.75 -15.77 40.89
N ARG C 164 27.60 -14.46 41.02
CA ARG C 164 26.36 -13.87 41.51
C ARG C 164 25.24 -14.07 40.50
N LEU C 165 25.59 -14.51 39.29
CA LEU C 165 24.61 -14.92 38.31
C LEU C 165 23.88 -16.16 38.84
N LYS C 166 24.53 -16.84 39.76
CA LYS C 166 23.99 -18.05 40.37
C LYS C 166 23.43 -17.79 41.78
N ASP C 167 23.26 -16.53 42.14
CA ASP C 167 22.88 -16.18 43.51
C ASP C 167 21.49 -16.71 43.88
N LYS C 168 21.33 -17.09 45.14
CA LYS C 168 20.03 -17.53 45.67
C LYS C 168 18.97 -16.45 45.52
N ILE C 169 19.33 -15.21 45.86
CA ILE C 169 18.38 -14.11 45.78
C ILE C 169 18.25 -13.64 44.33
N PRO C 170 17.05 -13.76 43.75
CA PRO C 170 16.76 -13.34 42.38
C PRO C 170 17.24 -11.92 42.10
N ASN C 171 16.92 -11.00 43.01
CA ASN C 171 17.31 -9.61 42.89
C ASN C 171 18.83 -9.44 42.77
N VAL C 172 19.57 -10.26 43.51
CA VAL C 172 21.03 -10.24 43.43
C VAL C 172 21.51 -10.70 42.06
N ARG C 173 20.84 -11.71 41.50
CA ARG C 173 21.17 -12.21 40.18
C ARG C 173 20.94 -11.15 39.11
N ILE C 174 19.90 -10.34 39.29
CA ILE C 174 19.55 -9.29 38.33
C ILE C 174 20.68 -8.26 38.22
N GLN C 175 21.18 -7.79 39.36
CA GLN C 175 22.29 -6.84 39.35
C GLN C 175 23.52 -7.47 38.71
N ALA C 176 23.68 -8.77 38.92
CA ALA C 176 24.81 -9.50 38.36
C ALA C 176 24.78 -9.50 36.84
N VAL C 177 23.59 -9.71 36.26
CA VAL C 177 23.44 -9.66 34.82
C VAL C 177 23.70 -8.23 34.32
N LEU C 178 23.13 -7.26 35.01
CA LEU C 178 23.30 -5.85 34.65
C LEU C 178 24.75 -5.43 34.78
N ALA C 179 25.41 -5.91 35.81
CA ALA C 179 26.83 -5.63 36.01
C ALA C 179 27.64 -6.15 34.82
N LEU C 180 27.40 -7.41 34.48
CA LEU C 180 28.11 -8.09 33.39
C LEU C 180 27.63 -7.64 32.02
N SER C 181 26.66 -6.73 31.99
CA SER C 181 26.05 -6.32 30.72
C SER C 181 27.06 -5.67 29.78
N ARG C 182 27.84 -4.72 30.31
CA ARG C 182 28.84 -4.04 29.50
C ARG C 182 30.00 -4.95 29.12
N LEU C 183 30.18 -6.05 29.84
CA LEU C 183 31.37 -6.87 29.63
C LEU C 183 31.14 -8.07 28.74
N GLN C 184 30.10 -8.02 27.90
CA GLN C 184 29.83 -9.09 26.94
C GLN C 184 30.55 -8.85 25.62
N ASP C 185 30.70 -9.90 24.81
CA ASP C 185 31.41 -9.80 23.52
C ASP C 185 30.99 -10.88 22.52
N PRO C 186 30.25 -10.49 21.48
CA PRO C 186 29.83 -11.45 20.44
C PRO C 186 31.02 -12.09 19.73
N GLU C 190 33.03 -14.96 21.79
CA GLU C 190 32.50 -16.13 22.50
C GLU C 190 32.86 -16.06 23.98
N CYS C 191 32.50 -14.94 24.62
CA CYS C 191 32.67 -14.75 26.05
C CYS C 191 31.70 -15.60 26.88
N PRO C 192 32.10 -15.90 28.12
CA PRO C 192 31.32 -16.73 29.04
C PRO C 192 30.19 -15.94 29.70
N VAL C 193 30.15 -14.63 29.44
CA VAL C 193 29.03 -13.81 29.90
C VAL C 193 27.82 -14.04 29.01
N VAL C 194 28.02 -13.97 27.69
CA VAL C 194 26.92 -14.20 26.76
C VAL C 194 26.45 -15.66 26.84
N ASN C 195 27.35 -16.56 27.19
CA ASN C 195 26.99 -17.95 27.43
C ASN C 195 26.04 -18.06 28.61
N ALA C 196 26.45 -17.52 29.74
CA ALA C 196 25.62 -17.46 30.94
C ALA C 196 24.28 -16.81 30.61
N TYR C 197 24.33 -15.72 29.86
CA TYR C 197 23.12 -15.04 29.39
C TYR C 197 22.23 -16.01 28.63
N ALA C 198 22.84 -16.84 27.79
CA ALA C 198 22.10 -17.80 26.98
C ALA C 198 21.37 -18.81 27.86
N THR C 199 22.02 -19.23 28.96
CA THR C 199 21.41 -20.13 29.91
C THR C 199 20.28 -19.49 30.72
N LEU C 200 20.59 -18.37 31.36
CA LEU C 200 19.65 -17.72 32.28
C LEU C 200 18.38 -17.25 31.58
N ILE C 201 18.53 -16.69 30.38
CA ILE C 201 17.40 -16.12 29.65
C ILE C 201 16.32 -17.16 29.40
N GLU C 202 16.70 -18.44 29.43
CA GLU C 202 15.77 -19.52 29.17
C GLU C 202 15.48 -20.38 30.40
N ASN C 203 16.43 -20.44 31.33
CA ASN C 203 16.37 -21.44 32.39
C ASN C 203 16.11 -20.90 33.80
N ASP C 204 16.13 -19.58 33.95
CA ASP C 204 15.94 -19.00 35.28
C ASP C 204 14.49 -19.01 35.70
N SER C 205 14.23 -19.53 36.89
CA SER C 205 12.90 -19.60 37.46
C SER C 205 12.18 -18.25 37.52
N ASN C 206 12.96 -17.17 37.66
CA ASN C 206 12.36 -15.85 37.92
C ASN C 206 12.22 -15.00 36.66
N PRO C 207 10.97 -14.60 36.35
CA PRO C 207 10.60 -13.82 35.17
C PRO C 207 11.33 -12.48 35.10
N GLU C 208 11.50 -11.83 36.24
CA GLU C 208 12.18 -10.53 36.27
C GLU C 208 13.65 -10.69 35.92
N VAL C 209 14.25 -11.78 36.41
CA VAL C 209 15.62 -12.12 36.06
C VAL C 209 15.80 -12.28 34.56
N ARG C 210 14.89 -13.02 33.94
CA ARG C 210 14.90 -13.23 32.50
C ARG C 210 14.67 -11.92 31.75
N ARG C 211 13.60 -11.23 32.10
CA ARG C 211 13.28 -9.93 31.51
C ARG C 211 14.49 -9.00 31.61
N ALA C 212 15.29 -9.19 32.65
CA ALA C 212 16.52 -8.43 32.84
C ALA C 212 17.58 -8.85 31.83
N VAL C 213 17.86 -10.15 31.77
CA VAL C 213 18.85 -10.67 30.84
C VAL C 213 18.42 -10.41 29.40
N LEU C 214 17.12 -10.27 29.19
CA LEU C 214 16.56 -10.03 27.87
C LEU C 214 16.88 -8.60 27.40
N SER C 215 17.14 -7.72 28.36
CA SER C 215 17.44 -6.33 28.03
C SER C 215 18.93 -6.08 27.85
N CYS C 216 19.74 -7.05 28.27
CA CYS C 216 21.20 -6.90 28.21
C CYS C 216 21.83 -7.57 26.99
N ILE C 217 21.40 -8.80 26.69
CA ILE C 217 22.00 -9.61 25.62
C ILE C 217 22.29 -8.83 24.35
N ALA C 218 23.52 -8.94 23.86
CA ALA C 218 23.90 -8.27 22.62
C ALA C 218 23.34 -9.05 21.44
N PRO C 219 22.57 -8.37 20.58
CA PRO C 219 22.00 -9.06 19.42
C PRO C 219 23.08 -9.56 18.47
N SER C 220 23.44 -10.83 18.61
CA SER C 220 24.39 -11.47 17.72
C SER C 220 23.76 -12.70 17.07
N ALA C 221 24.57 -13.43 16.30
CA ALA C 221 24.10 -14.63 15.61
C ALA C 221 23.65 -15.69 16.63
N LYS C 222 24.46 -15.84 17.66
CA LYS C 222 24.24 -16.84 18.70
C LYS C 222 23.12 -16.46 19.69
N THR C 223 22.92 -15.16 19.90
CA THR C 223 21.90 -14.68 20.84
C THR C 223 20.49 -14.65 20.23
N LEU C 224 20.40 -14.31 18.94
CA LEU C 224 19.13 -14.07 18.26
C LEU C 224 18.05 -15.13 18.49
N PRO C 225 18.40 -16.41 18.33
CA PRO C 225 17.41 -17.47 18.54
C PRO C 225 16.90 -17.48 19.97
N LYS C 226 17.78 -17.19 20.92
CA LYS C 226 17.40 -17.11 22.32
C LYS C 226 16.48 -15.91 22.55
N ILE C 227 16.83 -14.77 21.94
CA ILE C 227 16.03 -13.57 22.05
C ILE C 227 14.64 -13.75 21.43
N VAL C 228 14.60 -14.29 20.21
CA VAL C 228 13.34 -14.51 19.51
C VAL C 228 12.52 -15.58 20.22
N GLY C 229 13.19 -16.43 20.98
CA GLY C 229 12.52 -17.47 21.74
C GLY C 229 11.74 -16.96 22.93
N ARG C 230 12.00 -15.71 23.32
CA ARG C 230 11.33 -15.11 24.48
C ARG C 230 9.97 -14.51 24.12
N THR C 231 9.62 -14.57 22.84
CA THR C 231 8.28 -14.19 22.41
C THR C 231 7.33 -15.34 22.72
N LYS C 232 7.89 -16.43 23.22
CA LYS C 232 7.12 -17.60 23.63
C LYS C 232 7.19 -17.82 25.14
N ASP C 233 7.75 -16.85 25.86
CA ASP C 233 7.87 -16.94 27.31
C ASP C 233 6.51 -17.05 27.98
N VAL C 234 6.44 -17.81 29.06
CA VAL C 234 5.19 -17.99 29.79
C VAL C 234 4.68 -16.68 30.37
N LYS C 235 5.59 -15.81 30.77
CA LYS C 235 5.22 -14.55 31.42
C LYS C 235 5.07 -13.43 30.41
N GLU C 236 3.92 -12.77 30.46
CA GLU C 236 3.54 -11.74 29.50
C GLU C 236 4.56 -10.59 29.35
N ALA C 237 5.17 -10.21 30.46
CA ALA C 237 6.09 -9.07 30.46
C ALA C 237 7.39 -9.36 29.70
N VAL C 238 7.82 -10.61 29.75
CA VAL C 238 9.03 -11.02 29.01
C VAL C 238 8.77 -11.01 27.52
N ARG C 239 7.62 -11.52 27.11
CA ARG C 239 7.26 -11.55 25.70
C ARG C 239 7.05 -10.16 25.14
N LYS C 240 6.30 -9.33 25.87
CA LYS C 240 6.04 -7.96 25.48
C LYS C 240 7.35 -7.19 25.24
N LEU C 241 8.35 -7.47 26.07
CA LEU C 241 9.63 -6.78 25.98
C LEU C 241 10.45 -7.30 24.80
N ALA C 242 10.31 -8.57 24.49
CA ALA C 242 11.07 -9.21 23.41
C ALA C 242 10.82 -8.54 22.07
N TYR C 243 9.58 -8.09 21.86
CA TYR C 243 9.22 -7.43 20.60
C TYR C 243 9.87 -6.05 20.51
N GLN C 244 10.02 -5.39 21.65
CA GLN C 244 10.69 -4.09 21.69
C GLN C 244 12.18 -4.25 21.38
N VAL C 245 12.81 -5.22 22.02
CA VAL C 245 14.23 -5.46 21.84
C VAL C 245 14.55 -5.88 20.41
N LEU C 246 13.70 -6.72 19.83
CA LEU C 246 13.85 -7.14 18.45
C LEU C 246 13.72 -5.96 17.50
N ALA C 247 12.69 -5.15 17.73
CA ALA C 247 12.38 -4.02 16.86
C ALA C 247 13.43 -2.92 16.95
N GLU C 248 14.06 -2.80 18.12
CA GLU C 248 14.97 -1.67 18.36
C GLU C 248 16.45 -2.05 18.37
N LYS C 249 16.76 -3.34 18.41
CA LYS C 249 18.16 -3.76 18.51
C LYS C 249 18.57 -4.68 17.37
N VAL C 250 17.61 -5.28 16.69
CA VAL C 250 17.91 -6.13 15.54
C VAL C 250 17.28 -5.64 14.24
N HIS C 251 18.04 -5.70 13.15
CA HIS C 251 17.53 -5.36 11.83
C HIS C 251 16.82 -6.54 11.18
N MET C 252 15.85 -6.24 10.33
CA MET C 252 15.11 -7.27 9.59
C MET C 252 16.07 -8.14 8.79
N ARG C 253 17.21 -7.57 8.41
CA ARG C 253 18.21 -8.29 7.63
C ARG C 253 18.71 -9.50 8.41
N ALA C 254 18.98 -9.29 9.69
CA ALA C 254 19.49 -10.33 10.57
C ALA C 254 18.57 -11.55 10.67
N MET C 255 17.29 -11.36 10.37
CA MET C 255 16.29 -12.40 10.59
C MET C 255 15.96 -13.17 9.31
N SER C 256 15.88 -14.50 9.45
CA SER C 256 15.49 -15.37 8.34
C SER C 256 14.09 -15.02 7.87
N ILE C 257 13.79 -15.32 6.61
CA ILE C 257 12.49 -15.02 6.04
C ILE C 257 11.35 -15.69 6.78
N ALA C 258 11.53 -16.95 7.15
CA ALA C 258 10.49 -17.72 7.83
C ALA C 258 10.22 -17.25 9.25
N GLN C 259 11.27 -16.93 9.99
CA GLN C 259 11.13 -16.47 11.37
C GLN C 259 10.55 -15.06 11.40
N ARG C 260 10.90 -14.26 10.41
CA ARG C 260 10.42 -12.90 10.31
C ARG C 260 8.89 -12.87 10.25
N VAL C 261 8.30 -13.88 9.59
CA VAL C 261 6.85 -14.00 9.53
C VAL C 261 6.29 -14.54 10.84
N MET C 262 7.08 -15.38 11.53
CA MET C 262 6.64 -15.95 12.80
C MET C 262 6.38 -14.89 13.85
N LEU C 263 7.24 -13.89 13.92
CA LEU C 263 7.07 -12.79 14.86
C LEU C 263 5.81 -12.02 14.53
N LEU C 264 5.64 -11.72 13.25
CA LEU C 264 4.48 -11.00 12.75
C LEU C 264 3.20 -11.74 13.12
N GLN C 265 3.19 -13.05 12.88
CA GLN C 265 2.02 -13.88 13.16
C GLN C 265 1.75 -14.03 14.65
N GLN C 266 2.73 -14.60 15.35
CA GLN C 266 2.63 -14.93 16.77
C GLN C 266 2.08 -13.78 17.61
N GLY C 267 2.63 -12.59 17.42
CA GLY C 267 2.16 -11.43 18.15
C GLY C 267 0.73 -11.11 17.80
N LEU C 268 0.33 -11.45 16.58
CA LEU C 268 -1.00 -11.12 16.07
C LEU C 268 -2.09 -11.98 16.70
N ASN C 269 -1.82 -13.27 16.87
CA ASN C 269 -2.74 -14.12 17.62
C ASN C 269 -2.09 -14.58 18.93
N ASP C 270 -1.77 -13.60 19.78
CA ASP C 270 -1.18 -13.86 21.08
C ASP C 270 -2.17 -13.59 22.20
N ARG C 271 -2.03 -14.34 23.29
CA ARG C 271 -2.99 -14.34 24.39
C ARG C 271 -3.44 -12.97 24.88
N SER C 272 -2.55 -11.98 24.83
CA SER C 272 -2.85 -10.66 25.38
C SER C 272 -2.74 -9.55 24.35
N ASP C 273 -3.68 -8.61 24.38
CA ASP C 273 -3.62 -7.42 23.53
C ASP C 273 -2.43 -6.55 23.94
N ALA C 274 -1.95 -6.76 25.16
CA ALA C 274 -0.78 -6.04 25.66
C ALA C 274 0.46 -6.45 24.86
N VAL C 275 0.55 -7.74 24.55
CA VAL C 275 1.65 -8.26 23.74
C VAL C 275 1.38 -7.93 22.28
N LYS C 276 0.10 -7.98 21.90
CA LYS C 276 -0.32 -7.53 20.58
C LYS C 276 0.09 -6.08 20.38
N GLN C 277 -0.28 -5.22 21.33
CA GLN C 277 0.04 -3.80 21.26
C GLN C 277 1.54 -3.54 21.21
N ALA C 278 2.30 -4.35 21.95
CA ALA C 278 3.75 -4.20 22.01
C ALA C 278 4.37 -4.51 20.65
N MET C 279 3.93 -5.61 20.06
CA MET C 279 4.42 -6.05 18.76
C MET C 279 3.99 -5.11 17.65
N GLN C 280 2.73 -4.67 17.69
CA GLN C 280 2.20 -3.79 16.67
C GLN C 280 2.83 -2.39 16.76
N LYS C 281 3.11 -1.95 17.98
CA LYS C 281 3.66 -0.62 18.22
C LYS C 281 5.16 -0.56 17.94
N HIS C 282 5.89 -1.55 18.42
CA HIS C 282 7.35 -1.53 18.34
C HIS C 282 7.88 -2.26 17.09
N LEU C 283 7.41 -3.48 16.86
CA LEU C 283 8.00 -4.31 15.82
C LEU C 283 7.41 -4.02 14.44
N LEU C 284 6.08 -4.05 14.32
CA LEU C 284 5.45 -3.82 13.03
C LEU C 284 5.50 -2.35 12.63
N GLN C 285 5.12 -1.48 13.57
CA GLN C 285 5.18 -0.04 13.33
C GLN C 285 6.63 0.39 13.10
N GLY C 286 7.55 -0.44 13.58
CA GLY C 286 8.97 -0.20 13.37
C GLY C 286 9.44 -0.70 12.01
N TRP C 287 9.01 -1.90 11.64
CA TRP C 287 9.33 -2.45 10.33
C TRP C 287 8.71 -1.64 9.21
N LEU C 288 7.52 -1.09 9.45
CA LEU C 288 6.87 -0.24 8.47
C LEU C 288 7.67 1.06 8.35
N ARG C 289 8.25 1.48 9.46
CA ARG C 289 9.05 2.71 9.50
C ARG C 289 10.38 2.55 8.79
N PHE C 290 11.06 1.44 9.07
CA PHE C 290 12.36 1.16 8.46
C PHE C 290 12.19 1.02 6.95
N SER C 291 10.97 0.72 6.52
CA SER C 291 10.65 0.68 5.11
C SER C 291 10.55 2.10 4.55
N GLU C 292 10.66 3.08 5.45
CA GLU C 292 10.56 4.49 5.10
C GLU C 292 9.11 4.88 4.88
N GLY C 293 8.23 4.13 5.54
CA GLY C 293 6.80 4.38 5.48
C GLY C 293 6.09 3.88 4.24
N ASN C 294 6.72 2.96 3.52
CA ASN C 294 6.05 2.31 2.40
C ASN C 294 5.55 0.93 2.83
N ILE C 295 4.25 0.71 2.68
CA ILE C 295 3.65 -0.55 3.09
C ILE C 295 3.98 -1.68 2.13
N LEU C 296 3.99 -1.37 0.84
CA LEU C 296 4.30 -2.33 -0.21
C LEU C 296 5.68 -2.95 0.02
N GLU C 297 6.65 -2.12 0.34
CA GLU C 297 8.01 -2.58 0.57
C GLU C 297 8.07 -3.53 1.77
N LEU C 298 7.23 -3.27 2.78
CA LEU C 298 7.18 -4.14 3.94
C LEU C 298 6.68 -5.52 3.51
N LEU C 299 5.67 -5.52 2.66
CA LEU C 299 5.17 -6.75 2.07
C LEU C 299 6.29 -7.41 1.28
N HIS C 300 7.08 -6.57 0.61
CA HIS C 300 8.21 -7.03 -0.20
C HIS C 300 9.24 -7.82 0.61
N ARG C 301 9.46 -7.42 1.85
CA ARG C 301 10.48 -8.07 2.68
C ARG C 301 9.93 -9.37 3.25
N LEU C 302 8.61 -9.51 3.21
CA LEU C 302 7.96 -10.73 3.63
C LEU C 302 7.75 -11.59 2.39
N ASP C 303 7.89 -12.90 2.52
CA ASP C 303 7.69 -13.77 1.38
C ASP C 303 6.21 -13.94 1.14
N VAL C 304 5.56 -12.86 0.70
CA VAL C 304 4.10 -12.78 0.64
C VAL C 304 3.51 -13.86 -0.27
N GLU C 305 4.26 -14.25 -1.29
CA GLU C 305 3.79 -15.22 -2.27
C GLU C 305 3.38 -16.52 -1.60
N ASN C 306 4.27 -17.05 -0.75
CA ASN C 306 4.03 -18.33 -0.09
C ASN C 306 3.21 -18.17 1.18
N SER C 307 3.68 -17.31 2.09
CA SER C 307 3.00 -17.09 3.35
C SER C 307 2.08 -15.87 3.26
N SER C 308 1.03 -16.00 2.45
CA SER C 308 0.09 -14.91 2.19
C SER C 308 -0.96 -14.80 3.29
N GLU C 309 -1.24 -15.92 3.95
CA GLU C 309 -2.24 -15.95 5.02
C GLU C 309 -1.91 -14.96 6.12
N VAL C 310 -0.64 -14.94 6.54
CA VAL C 310 -0.18 -13.96 7.53
C VAL C 310 -0.26 -12.52 7.00
N ALA C 311 0.14 -12.34 5.74
CA ALA C 311 0.17 -11.03 5.12
C ALA C 311 -1.20 -10.37 5.08
N VAL C 312 -2.25 -11.15 4.80
CA VAL C 312 -3.59 -10.62 4.80
C VAL C 312 -3.95 -10.15 6.20
N SER C 313 -3.63 -10.98 7.18
CA SER C 313 -3.81 -10.64 8.59
C SER C 313 -3.05 -9.38 8.96
N VAL C 314 -1.76 -9.34 8.60
CA VAL C 314 -0.92 -8.17 8.84
C VAL C 314 -1.49 -6.94 8.17
N LEU C 315 -1.99 -7.09 6.95
CA LEU C 315 -2.59 -5.98 6.23
C LEU C 315 -3.82 -5.46 6.98
N ASN C 316 -4.75 -6.37 7.24
CA ASN C 316 -5.97 -6.03 7.97
C ASN C 316 -5.64 -5.45 9.34
N ALA C 317 -4.65 -6.04 10.01
CA ALA C 317 -4.22 -5.55 11.30
C ALA C 317 -3.59 -4.17 11.18
N LEU C 318 -2.79 -3.99 10.13
CA LEU C 318 -2.14 -2.71 9.87
C LEU C 318 -3.13 -1.68 9.33
N PHE C 319 -4.06 -2.14 8.49
CA PHE C 319 -5.07 -1.28 7.90
C PHE C 319 -5.88 -0.53 8.96
N SER C 320 -6.33 -1.26 9.98
CA SER C 320 -7.25 -0.72 10.98
C SER C 320 -6.65 0.37 11.88
N ILE C 321 -5.38 0.69 11.70
CA ILE C 321 -4.74 1.71 12.52
C ILE C 321 -4.04 2.78 11.70
N THR C 322 -4.49 2.95 10.45
CA THR C 322 -4.00 4.03 9.60
C THR C 322 -5.11 4.49 8.65
N PRO C 323 -5.17 5.81 8.37
CA PRO C 323 -6.23 6.43 7.57
C PRO C 323 -6.24 5.99 6.11
N LEU C 324 -7.44 5.96 5.53
CA LEU C 324 -7.64 5.46 4.16
C LEU C 324 -6.88 6.27 3.12
N SER C 325 -6.72 7.57 3.38
CA SER C 325 -6.04 8.46 2.46
C SER C 325 -4.66 7.94 2.06
N GLU C 326 -4.02 7.24 2.99
CA GLU C 326 -2.69 6.68 2.73
C GLU C 326 -2.75 5.30 2.10
N LEU C 327 -3.62 4.45 2.64
CA LEU C 327 -3.74 3.07 2.19
C LEU C 327 -4.21 2.98 0.74
N VAL C 328 -5.14 3.84 0.36
CA VAL C 328 -5.68 3.84 -0.99
C VAL C 328 -4.70 4.44 -2.00
N GLY C 329 -3.80 5.29 -1.50
CA GLY C 329 -2.84 5.95 -2.36
C GLY C 329 -1.93 5.03 -3.16
N LEU C 330 -1.58 3.89 -2.58
CA LEU C 330 -0.69 2.94 -3.23
C LEU C 330 -1.29 2.33 -4.50
N CYS C 331 -2.56 2.61 -4.76
CA CYS C 331 -3.23 2.13 -5.97
C CYS C 331 -3.74 3.29 -6.82
N ILE C 340 -8.76 1.84 -10.71
CA ILE C 340 -8.27 1.71 -12.08
C ILE C 340 -7.08 0.75 -12.15
N PRO C 341 -7.13 -0.21 -13.07
CA PRO C 341 -6.09 -1.25 -13.19
C PRO C 341 -4.70 -0.68 -13.55
N VAL C 342 -3.66 -1.36 -13.08
CA VAL C 342 -2.29 -1.09 -13.52
C VAL C 342 -1.66 -2.42 -13.92
N GLU C 343 -1.25 -2.53 -15.18
CA GLU C 343 -0.98 -3.85 -15.76
C GLU C 343 0.31 -4.51 -15.28
N THR C 344 1.39 -3.74 -15.20
CA THR C 344 2.66 -4.30 -14.77
C THR C 344 2.82 -4.20 -13.25
N LEU C 345 2.59 -5.32 -12.56
CA LEU C 345 2.51 -5.31 -11.10
C LEU C 345 3.18 -6.50 -10.45
N THR C 346 3.52 -6.35 -9.17
CA THR C 346 4.11 -7.42 -8.37
C THR C 346 3.05 -8.15 -7.54
N PRO C 347 3.42 -9.32 -6.98
CA PRO C 347 2.50 -10.08 -6.11
C PRO C 347 2.14 -9.32 -4.84
N GLU C 348 3.02 -8.45 -4.37
CA GLU C 348 2.73 -7.63 -3.21
C GLU C 348 1.66 -6.57 -3.51
N ILE C 349 1.67 -6.05 -4.73
CA ILE C 349 0.67 -5.07 -5.13
C ILE C 349 -0.71 -5.74 -5.20
N ALA C 350 -0.77 -6.89 -5.85
CA ALA C 350 -2.00 -7.66 -5.96
C ALA C 350 -2.55 -8.03 -4.59
N LEU C 351 -1.72 -8.66 -3.77
CA LEU C 351 -2.12 -9.12 -2.45
C LEU C 351 -2.57 -7.96 -1.58
N TYR C 352 -1.88 -6.83 -1.70
CA TYR C 352 -2.28 -5.60 -1.02
C TYR C 352 -3.65 -5.15 -1.50
N TRP C 353 -3.73 -4.92 -2.81
CA TRP C 353 -4.93 -4.40 -3.45
C TRP C 353 -6.14 -5.29 -3.19
N CYS C 354 -5.92 -6.61 -3.17
CA CYS C 354 -6.98 -7.57 -2.90
C CYS C 354 -7.45 -7.50 -1.44
N ALA C 355 -6.51 -7.38 -0.52
CA ALA C 355 -6.82 -7.36 0.90
C ALA C 355 -7.41 -6.01 1.30
N LEU C 356 -7.03 -4.96 0.57
CA LEU C 356 -7.54 -3.63 0.83
C LEU C 356 -8.97 -3.49 0.31
N CYS C 357 -9.22 -4.01 -0.88
CA CYS C 357 -10.57 -3.98 -1.46
C CYS C 357 -11.54 -4.81 -0.62
N GLU C 358 -11.04 -5.92 -0.07
CA GLU C 358 -11.85 -6.74 0.81
C GLU C 358 -12.04 -6.07 2.16
N TYR C 359 -11.00 -5.38 2.62
CA TYR C 359 -11.07 -4.64 3.87
C TYR C 359 -11.98 -3.41 3.75
N LEU C 360 -11.71 -2.59 2.75
CA LEU C 360 -12.45 -1.35 2.53
C LEU C 360 -13.93 -1.63 2.29
N LYS C 361 -14.23 -2.85 1.85
CA LYS C 361 -15.61 -3.24 1.59
C LYS C 361 -16.40 -3.40 2.88
N SER C 362 -15.71 -3.71 3.97
CA SER C 362 -16.38 -3.89 5.26
C SER C 362 -16.45 -2.58 6.04
N GLU C 366 -21.36 3.28 2.60
CA GLU C 366 -20.50 3.82 3.65
C GLU C 366 -19.13 3.15 3.61
N GLY C 367 -18.17 3.85 3.03
CA GLY C 367 -16.85 3.28 2.79
C GLY C 367 -16.83 2.88 1.33
N GLU C 368 -18.03 2.71 0.78
CA GLU C 368 -18.24 2.39 -0.62
C GLU C 368 -17.58 3.38 -1.58
N GLU C 369 -17.69 4.66 -1.24
CA GLU C 369 -17.10 5.73 -2.06
C GLU C 369 -15.58 5.64 -2.11
N PHE C 370 -14.95 5.34 -0.98
CA PHE C 370 -13.51 5.23 -0.91
C PHE C 370 -13.01 3.99 -1.65
N LEU C 371 -13.89 3.01 -1.82
CA LEU C 371 -13.54 1.78 -2.53
C LEU C 371 -13.47 2.03 -4.05
N GLU C 372 -14.45 2.75 -4.58
CA GLU C 372 -14.47 3.09 -6.00
C GLU C 372 -13.29 3.99 -6.37
N GLN C 373 -12.67 4.55 -5.33
CA GLN C 373 -11.50 5.40 -5.51
C GLN C 373 -10.29 4.61 -6.00
N PRO C 376 -13.13 0.70 -8.63
CA PRO C 376 -13.28 -0.39 -9.61
C PRO C 376 -14.73 -0.60 -10.02
N GLU C 377 -14.95 -1.18 -11.20
CA GLU C 377 -16.30 -1.45 -11.66
C GLU C 377 -16.40 -2.79 -12.36
N PRO C 378 -17.50 -3.52 -12.11
CA PRO C 378 -17.78 -4.91 -12.52
C PRO C 378 -17.36 -5.28 -13.94
N VAL C 379 -17.76 -4.48 -14.92
CA VAL C 379 -17.54 -4.85 -16.32
C VAL C 379 -16.09 -4.60 -16.75
N VAL C 380 -15.59 -3.40 -16.48
CA VAL C 380 -14.24 -3.04 -16.88
C VAL C 380 -13.20 -3.89 -16.16
N TYR C 381 -13.56 -4.40 -14.99
CA TYR C 381 -12.67 -5.30 -14.26
C TYR C 381 -12.63 -6.67 -14.90
N ALA C 382 -13.78 -7.15 -15.36
CA ALA C 382 -13.89 -8.43 -16.03
C ALA C 382 -12.93 -8.46 -17.22
N ASP C 383 -12.98 -7.42 -18.02
CA ASP C 383 -12.09 -7.26 -19.17
C ASP C 383 -10.63 -7.22 -18.70
N TYR C 384 -10.41 -6.58 -17.56
CA TYR C 384 -9.07 -6.49 -16.97
C TYR C 384 -8.60 -7.86 -16.50
N LEU C 385 -9.49 -8.58 -15.81
CA LEU C 385 -9.20 -9.93 -15.34
C LEU C 385 -8.86 -10.84 -16.51
N LEU C 386 -9.71 -10.80 -17.53
CA LEU C 386 -9.56 -11.65 -18.72
C LEU C 386 -8.22 -11.41 -19.40
N SER C 387 -7.89 -10.14 -19.63
CA SER C 387 -6.66 -9.77 -20.32
C SER C 387 -5.42 -10.23 -19.56
N TYR C 388 -5.57 -10.49 -18.26
CA TYR C 388 -4.45 -10.95 -17.45
C TYR C 388 -4.23 -12.44 -17.66
N ILE C 389 -5.30 -13.22 -17.53
CA ILE C 389 -5.23 -14.66 -17.76
C ILE C 389 -4.65 -14.93 -19.15
N GLN C 390 -4.86 -13.98 -20.05
CA GLN C 390 -4.33 -14.08 -21.40
C GLN C 390 -2.80 -14.15 -21.40
N SER C 391 -2.20 -13.34 -20.53
CA SER C 391 -0.74 -13.22 -20.48
C SER C 391 -0.08 -14.35 -19.69
N ILE C 392 -0.86 -15.09 -18.92
CA ILE C 392 -0.30 -16.16 -18.10
C ILE C 392 0.12 -17.35 -18.96
N PRO C 393 1.41 -17.68 -18.95
CA PRO C 393 1.96 -18.83 -19.69
C PRO C 393 1.42 -20.15 -19.16
N SER C 404 14.06 -23.04 -13.83
CA SER C 404 14.02 -21.72 -13.23
C SER C 404 13.10 -20.78 -13.99
N TYR C 405 12.17 -21.37 -14.75
CA TYR C 405 11.15 -20.60 -15.47
C TYR C 405 9.79 -20.81 -14.81
N ILE C 406 9.63 -21.95 -14.16
CA ILE C 406 8.40 -22.26 -13.43
C ILE C 406 8.16 -21.23 -12.32
N GLY C 407 9.22 -20.52 -11.95
CA GLY C 407 9.14 -19.47 -10.96
C GLY C 407 8.26 -18.30 -11.38
N ASN C 408 8.44 -17.85 -12.62
CA ASN C 408 7.67 -16.73 -13.14
C ASN C 408 6.24 -17.09 -13.45
N LEU C 409 5.95 -18.38 -13.50
CA LEU C 409 4.58 -18.83 -13.73
C LEU C 409 3.86 -18.90 -12.39
N MET C 410 4.57 -19.38 -11.38
CA MET C 410 4.10 -19.31 -10.00
C MET C 410 3.76 -17.89 -9.57
N THR C 411 4.67 -16.95 -9.84
CA THR C 411 4.46 -15.55 -9.49
C THR C 411 3.28 -14.93 -10.23
N LYS C 412 3.08 -15.33 -11.47
CA LYS C 412 2.00 -14.78 -12.30
C LYS C 412 0.67 -15.48 -12.05
N GLU C 413 0.73 -16.74 -11.62
CA GLU C 413 -0.47 -17.46 -11.22
C GLU C 413 -0.99 -16.91 -9.90
N PHE C 414 -0.08 -16.64 -8.97
CA PHE C 414 -0.44 -16.09 -7.68
C PHE C 414 -1.14 -14.75 -7.85
N ILE C 415 -0.48 -13.84 -8.55
CA ILE C 415 -1.07 -12.54 -8.87
C ILE C 415 -2.41 -12.72 -9.55
N GLY C 416 -2.52 -13.78 -10.37
CA GLY C 416 -3.75 -14.12 -11.04
C GLY C 416 -4.86 -14.45 -10.06
N GLN C 417 -4.53 -15.28 -9.07
CA GLN C 417 -5.50 -15.66 -8.04
C GLN C 417 -5.98 -14.43 -7.29
N GLN C 418 -5.05 -13.55 -6.92
CA GLN C 418 -5.38 -12.35 -6.17
C GLN C 418 -6.33 -11.45 -6.97
N LEU C 419 -6.13 -11.41 -8.28
CA LEU C 419 -6.99 -10.63 -9.16
C LEU C 419 -8.33 -11.35 -9.35
N ILE C 420 -8.28 -12.67 -9.41
CA ILE C 420 -9.49 -13.48 -9.45
C ILE C 420 -10.31 -13.32 -8.17
N LEU C 421 -9.62 -13.10 -7.05
CA LEU C 421 -10.27 -13.02 -5.75
C LEU C 421 -10.86 -11.64 -5.46
N ILE C 422 -10.39 -10.62 -6.17
CA ILE C 422 -10.89 -9.27 -5.97
C ILE C 422 -12.32 -9.15 -6.46
N ILE C 423 -12.74 -10.12 -7.28
CA ILE C 423 -14.09 -10.11 -7.87
C ILE C 423 -15.19 -9.95 -6.83
N LYS C 424 -15.00 -10.53 -5.65
CA LYS C 424 -16.00 -10.41 -4.60
C LYS C 424 -15.81 -9.12 -3.81
N SER C 425 -15.52 -8.04 -4.52
CA SER C 425 -15.49 -6.70 -3.95
C SER C 425 -16.09 -5.73 -4.95
N LEU C 426 -17.02 -6.24 -5.76
CA LEU C 426 -17.60 -5.47 -6.84
C LEU C 426 -19.07 -5.17 -6.54
N ASP C 427 -19.77 -4.59 -7.51
CA ASP C 427 -21.14 -4.16 -7.29
C ASP C 427 -22.15 -5.30 -7.51
N THR C 428 -23.43 -4.95 -7.42
CA THR C 428 -24.51 -5.92 -7.56
C THR C 428 -24.49 -6.57 -8.95
N GLU C 431 -27.11 -4.47 -11.21
CA GLU C 431 -27.66 -5.81 -11.46
C GLU C 431 -27.26 -6.31 -12.84
N GLY C 432 -27.11 -5.38 -13.77
CA GLY C 432 -26.58 -5.69 -15.09
C GLY C 432 -25.20 -6.33 -15.04
N GLY C 433 -24.38 -5.86 -14.11
CA GLY C 433 -23.00 -6.30 -14.02
C GLY C 433 -22.76 -7.76 -13.69
N ARG C 434 -23.60 -8.37 -12.85
CA ARG C 434 -23.47 -9.79 -12.56
C ARG C 434 -23.54 -10.62 -13.84
N LYS C 435 -24.49 -10.28 -14.69
CA LYS C 435 -24.79 -11.03 -15.89
C LYS C 435 -23.61 -10.99 -16.87
N LYS C 436 -22.86 -9.90 -16.85
CA LYS C 436 -21.73 -9.73 -17.77
C LYS C 436 -20.41 -10.17 -17.15
N LEU C 437 -20.38 -10.30 -15.83
CA LEU C 437 -19.24 -10.88 -15.13
C LEU C 437 -19.26 -12.40 -15.19
N LEU C 438 -20.41 -12.98 -14.88
CA LEU C 438 -20.61 -14.42 -15.02
C LEU C 438 -20.33 -14.83 -16.47
N ALA C 439 -20.52 -13.89 -17.38
CA ALA C 439 -20.24 -14.10 -18.79
C ALA C 439 -18.74 -14.26 -18.99
N VAL C 440 -17.97 -13.31 -18.46
CA VAL C 440 -16.51 -13.33 -18.59
C VAL C 440 -15.92 -14.52 -17.85
N LEU C 441 -16.47 -14.83 -16.69
CA LEU C 441 -16.01 -15.97 -15.89
C LEU C 441 -16.10 -17.28 -16.68
N GLN C 442 -17.25 -17.50 -17.32
CA GLN C 442 -17.41 -18.67 -18.20
C GLN C 442 -16.33 -18.68 -19.26
N GLU C 443 -16.09 -17.53 -19.88
CA GLU C 443 -15.08 -17.41 -20.92
C GLU C 443 -13.73 -17.92 -20.46
N ILE C 444 -13.32 -17.48 -19.28
CA ILE C 444 -12.03 -17.88 -18.75
C ILE C 444 -11.99 -19.40 -18.50
N LEU C 445 -13.01 -19.92 -17.83
CA LEU C 445 -13.05 -21.34 -17.48
C LEU C 445 -13.16 -22.26 -18.68
N ILE C 446 -13.86 -21.81 -19.72
CA ILE C 446 -14.08 -22.63 -20.90
C ILE C 446 -12.80 -22.88 -21.68
N LEU C 447 -12.00 -21.83 -21.88
CA LEU C 447 -10.74 -21.96 -22.60
C LEU C 447 -9.83 -22.98 -21.91
N PRO C 448 -9.30 -23.94 -22.70
CA PRO C 448 -8.37 -24.96 -22.22
C PRO C 448 -6.96 -24.43 -22.01
N THR C 449 -6.84 -23.17 -21.60
CA THR C 449 -5.54 -22.57 -21.33
C THR C 449 -5.36 -22.23 -19.85
N ILE C 450 -6.45 -22.23 -19.10
CA ILE C 450 -6.35 -21.96 -17.66
C ILE C 450 -5.65 -23.06 -16.88
N PRO C 451 -4.75 -22.65 -15.97
CA PRO C 451 -4.09 -23.59 -15.07
C PRO C 451 -5.06 -23.92 -13.95
N ILE C 452 -5.01 -25.14 -13.43
CA ILE C 452 -6.01 -25.59 -12.46
C ILE C 452 -5.92 -24.80 -11.16
N SER C 453 -4.76 -24.20 -10.91
CA SER C 453 -4.54 -23.37 -9.73
C SER C 453 -5.60 -22.29 -9.57
N LEU C 454 -6.09 -21.78 -10.69
CA LEU C 454 -7.06 -20.68 -10.69
C LEU C 454 -8.50 -21.18 -10.72
N VAL C 455 -8.69 -22.44 -11.12
CA VAL C 455 -10.03 -23.02 -11.25
C VAL C 455 -10.91 -22.84 -10.01
N SER C 456 -10.46 -23.41 -8.89
CA SER C 456 -11.19 -23.31 -7.63
C SER C 456 -11.58 -21.88 -7.29
N PHE C 457 -10.67 -20.95 -7.56
CA PHE C 457 -10.88 -19.55 -7.24
C PHE C 457 -11.92 -18.89 -8.15
N LEU C 458 -11.91 -19.28 -9.43
CA LEU C 458 -12.86 -18.72 -10.40
C LEU C 458 -14.27 -19.22 -10.14
N VAL C 459 -14.40 -20.54 -9.95
CA VAL C 459 -15.69 -21.16 -9.66
C VAL C 459 -16.27 -20.63 -8.35
N GLU C 460 -15.42 -20.50 -7.33
CA GLU C 460 -15.85 -20.01 -6.02
C GLU C 460 -16.43 -18.61 -6.16
N ARG C 461 -15.74 -17.78 -6.92
CA ARG C 461 -16.20 -16.43 -7.23
C ARG C 461 -17.50 -16.47 -8.01
N LEU C 462 -17.63 -17.48 -8.87
CA LEU C 462 -18.79 -17.62 -9.76
C LEU C 462 -20.08 -17.96 -9.01
N LEU C 463 -20.02 -18.95 -8.12
CA LEU C 463 -21.21 -19.34 -7.38
C LEU C 463 -21.61 -18.25 -6.39
N HIS C 464 -20.61 -17.49 -5.95
CA HIS C 464 -20.85 -16.39 -5.01
C HIS C 464 -21.78 -15.36 -5.64
N ILE C 465 -21.53 -15.05 -6.91
CA ILE C 465 -22.30 -14.02 -7.59
C ILE C 465 -23.70 -14.52 -7.91
N ILE C 466 -23.81 -15.77 -8.33
CA ILE C 466 -25.11 -16.34 -8.68
C ILE C 466 -25.93 -16.40 -7.39
N ILE C 467 -27.25 -16.48 -7.51
CA ILE C 467 -28.09 -16.48 -6.31
C ILE C 467 -28.61 -17.84 -5.83
N ASP C 468 -28.92 -18.75 -6.74
CA ASP C 468 -29.59 -20.00 -6.37
C ASP C 468 -28.83 -21.27 -6.76
N ASP C 469 -28.82 -22.25 -5.86
CA ASP C 469 -28.19 -23.55 -6.11
C ASP C 469 -28.63 -24.17 -7.43
N ASN C 470 -29.89 -24.00 -7.78
CA ASN C 470 -30.43 -24.57 -9.00
C ASN C 470 -29.96 -23.79 -10.23
N LYS C 471 -29.83 -22.48 -10.09
CA LYS C 471 -29.34 -21.64 -11.17
C LYS C 471 -27.85 -21.89 -11.39
N ARG C 472 -27.16 -22.28 -10.32
CA ARG C 472 -25.74 -22.60 -10.38
C ARG C 472 -25.47 -23.94 -11.06
N THR C 473 -26.23 -24.96 -10.68
CA THR C 473 -26.08 -26.29 -11.25
C THR C 473 -26.22 -26.30 -12.77
N GLN C 474 -26.98 -25.33 -13.29
CA GLN C 474 -27.21 -25.25 -14.73
C GLN C 474 -26.01 -24.60 -15.43
N ILE C 475 -25.63 -23.42 -14.96
CA ILE C 475 -24.47 -22.70 -15.52
C ILE C 475 -23.20 -23.53 -15.48
N VAL C 476 -23.03 -24.32 -14.42
CA VAL C 476 -21.86 -25.16 -14.25
C VAL C 476 -21.83 -26.29 -15.28
N THR C 477 -22.96 -26.97 -15.44
CA THR C 477 -23.05 -28.10 -16.37
C THR C 477 -22.72 -27.69 -17.80
N GLU C 478 -23.14 -26.50 -18.20
CA GLU C 478 -22.80 -25.96 -19.51
C GLU C 478 -21.28 -25.90 -19.67
N ILE C 479 -20.63 -25.41 -18.62
CA ILE C 479 -19.19 -25.23 -18.65
C ILE C 479 -18.50 -26.58 -18.66
N ILE C 480 -19.05 -27.54 -17.91
CA ILE C 480 -18.50 -28.89 -17.87
C ILE C 480 -18.68 -29.56 -19.23
N SER C 481 -19.90 -29.46 -19.76
CA SER C 481 -20.20 -29.97 -21.09
C SER C 481 -19.34 -29.28 -22.13
N GLU C 482 -19.10 -27.98 -21.92
CA GLU C 482 -18.28 -27.18 -22.81
C GLU C 482 -16.82 -27.65 -22.85
N ILE C 483 -16.21 -27.78 -21.68
CA ILE C 483 -14.81 -28.16 -21.58
C ILE C 483 -14.57 -29.62 -21.94
N ARG C 484 -15.63 -30.42 -21.94
CA ARG C 484 -15.48 -31.85 -22.19
C ARG C 484 -15.86 -32.24 -23.63
N ALA C 485 -16.27 -31.25 -24.42
CA ALA C 485 -16.70 -31.52 -25.78
C ALA C 485 -15.51 -31.84 -26.67
N PRO C 486 -14.56 -30.90 -26.79
CA PRO C 486 -13.40 -31.07 -27.68
C PRO C 486 -12.55 -32.27 -27.26
N ILE C 487 -12.10 -33.07 -28.23
CA ILE C 487 -11.38 -34.30 -27.91
C ILE C 487 -10.00 -34.33 -28.56
N VAL C 492 -6.07 -33.37 -21.11
CA VAL C 492 -6.53 -34.75 -21.01
C VAL C 492 -7.06 -35.05 -19.62
N ALA C 493 -6.17 -35.45 -18.72
CA ALA C 493 -6.54 -35.71 -17.34
C ALA C 493 -6.90 -34.43 -16.61
N GLU C 494 -6.22 -33.33 -16.96
CA GLU C 494 -6.49 -32.04 -16.34
C GLU C 494 -7.81 -31.44 -16.80
N THR C 495 -8.36 -31.95 -17.90
CA THR C 495 -9.66 -31.50 -18.36
C THR C 495 -10.76 -32.19 -17.56
N LEU C 496 -10.49 -33.40 -17.09
CA LEU C 496 -11.39 -34.07 -16.16
C LEU C 496 -11.23 -33.45 -14.78
N GLN C 497 -9.98 -33.12 -14.43
CA GLN C 497 -9.67 -32.47 -13.16
C GLN C 497 -10.37 -31.11 -13.08
N LYS C 498 -10.20 -30.31 -14.12
CA LYS C 498 -10.84 -29.00 -14.20
C LYS C 498 -12.34 -29.11 -13.95
N CYS C 499 -12.97 -30.06 -14.64
CA CYS C 499 -14.41 -30.28 -14.51
C CYS C 499 -14.77 -30.73 -13.09
N LEU C 500 -14.07 -31.75 -12.60
CA LEU C 500 -14.34 -32.31 -11.29
C LEU C 500 -14.12 -31.30 -10.16
N ILE C 501 -13.14 -30.41 -10.34
CA ILE C 501 -12.93 -29.32 -9.39
C ILE C 501 -14.18 -28.45 -9.32
N LEU C 502 -14.86 -28.30 -10.44
CA LEU C 502 -16.11 -27.55 -10.51
C LEU C 502 -17.23 -28.30 -9.80
N CYS C 503 -17.33 -29.60 -10.08
CA CYS C 503 -18.29 -30.46 -9.40
C CYS C 503 -18.16 -30.34 -7.89
N TYR C 504 -16.92 -30.43 -7.41
CA TYR C 504 -16.65 -30.34 -5.98
C TYR C 504 -17.10 -29.00 -5.39
N GLU C 505 -16.62 -27.90 -5.96
CA GLU C 505 -16.92 -26.56 -5.45
C GLU C 505 -18.39 -26.20 -5.58
N LEU C 506 -19.12 -26.94 -6.40
CA LEU C 506 -20.56 -26.73 -6.54
C LEU C 506 -21.31 -27.46 -5.44
N LEU C 507 -20.87 -28.68 -5.15
CA LEU C 507 -21.53 -29.54 -4.19
C LEU C 507 -21.36 -29.04 -2.75
N LYS C 508 -20.17 -28.57 -2.41
CA LYS C 508 -19.87 -28.14 -1.05
C LYS C 508 -20.57 -26.82 -0.73
N GLN C 509 -20.70 -25.97 -1.73
CA GLN C 509 -21.36 -24.68 -1.58
C GLN C 509 -22.87 -24.86 -1.75
N MET C 510 -23.26 -26.08 -2.14
CA MET C 510 -24.66 -26.42 -2.35
C MET C 510 -25.36 -26.75 -1.04
N SER C 511 -26.51 -26.13 -0.81
CA SER C 511 -27.29 -26.35 0.41
C SER C 511 -28.02 -27.69 0.39
N ILE C 512 -28.30 -28.21 1.57
CA ILE C 512 -28.92 -29.52 1.74
C ILE C 512 -30.31 -29.58 1.10
N SER C 513 -30.91 -28.41 0.93
CA SER C 513 -32.29 -28.26 0.46
C SER C 513 -32.56 -28.86 -0.91
N THR C 514 -31.60 -28.74 -1.83
CA THR C 514 -31.87 -29.05 -3.23
C THR C 514 -31.79 -30.55 -3.53
N GLY C 515 -31.17 -31.28 -2.62
CA GLY C 515 -30.96 -32.72 -2.74
C GLY C 515 -30.97 -33.36 -4.11
N LEU C 516 -29.86 -33.21 -4.83
CA LEU C 516 -29.64 -33.96 -6.07
C LEU C 516 -30.70 -33.73 -7.14
N SER C 517 -31.00 -32.46 -7.43
CA SER C 517 -31.89 -32.13 -8.55
C SER C 517 -31.48 -32.91 -9.80
N ALA C 518 -32.47 -33.43 -10.52
CA ALA C 518 -32.26 -34.35 -11.63
C ALA C 518 -31.23 -33.87 -12.66
N THR C 519 -30.90 -32.59 -12.61
CA THR C 519 -29.81 -32.06 -13.44
C THR C 519 -28.48 -32.59 -12.93
N MET C 520 -28.37 -32.68 -11.61
CA MET C 520 -27.17 -33.20 -10.95
C MET C 520 -26.89 -34.66 -11.33
N ASN C 521 -27.94 -35.46 -11.37
CA ASN C 521 -27.82 -36.88 -11.71
C ASN C 521 -27.21 -37.11 -13.09
N GLY C 522 -27.26 -36.10 -13.94
CA GLY C 522 -26.61 -36.15 -15.23
C GLY C 522 -25.10 -36.18 -15.10
N ILE C 523 -24.56 -35.21 -14.36
CA ILE C 523 -23.12 -35.13 -14.14
C ILE C 523 -22.59 -36.31 -13.35
N ILE C 524 -23.38 -36.79 -12.40
CA ILE C 524 -23.00 -37.93 -11.58
C ILE C 524 -22.74 -39.17 -12.42
N GLU C 525 -23.63 -39.43 -13.38
CA GLU C 525 -23.49 -40.58 -14.26
C GLU C 525 -22.41 -40.34 -15.31
N SER C 526 -22.32 -39.11 -15.79
CA SER C 526 -21.39 -38.76 -16.86
C SER C 526 -19.95 -38.58 -16.36
N LEU C 527 -19.80 -37.85 -15.26
CA LEU C 527 -18.47 -37.47 -14.79
C LEU C 527 -18.07 -38.14 -13.46
N ILE C 528 -18.93 -38.02 -12.46
CA ILE C 528 -18.58 -38.41 -11.09
C ILE C 528 -18.33 -39.91 -10.92
N LEU C 529 -19.26 -40.74 -11.38
CA LEU C 529 -19.12 -42.19 -11.21
C LEU C 529 -17.93 -42.74 -11.98
N PRO C 530 -17.85 -42.47 -13.30
CA PRO C 530 -16.70 -42.89 -14.09
C PRO C 530 -15.38 -42.38 -13.52
N GLY C 531 -15.44 -41.27 -12.79
CA GLY C 531 -14.26 -40.74 -12.11
C GLY C 531 -13.75 -41.72 -11.07
N ILE C 532 -14.68 -42.42 -10.43
CA ILE C 532 -14.35 -43.39 -9.39
C ILE C 532 -13.49 -44.52 -9.96
N ILE C 533 -13.66 -44.79 -11.26
CA ILE C 533 -12.93 -45.86 -11.93
C ILE C 533 -11.72 -45.34 -12.69
N SER C 534 -11.52 -44.03 -12.66
CA SER C 534 -10.42 -43.38 -13.38
C SER C 534 -9.05 -43.99 -13.12
N ILE C 535 -8.21 -44.00 -14.15
CA ILE C 535 -6.87 -44.54 -14.04
C ILE C 535 -5.95 -43.60 -13.26
N HIS C 536 -6.21 -42.30 -13.38
CA HIS C 536 -5.43 -41.26 -12.69
C HIS C 536 -5.92 -41.06 -11.25
N PRO C 537 -4.98 -41.06 -10.29
CA PRO C 537 -5.34 -40.99 -8.87
C PRO C 537 -5.94 -39.63 -8.47
N VAL C 538 -5.41 -38.55 -9.03
CA VAL C 538 -5.92 -37.22 -8.76
C VAL C 538 -7.37 -37.09 -9.23
N VAL C 539 -7.71 -37.84 -10.28
CA VAL C 539 -9.06 -37.84 -10.82
C VAL C 539 -10.03 -38.54 -9.86
N ARG C 540 -9.72 -39.79 -9.53
CA ARG C 540 -10.51 -40.57 -8.59
C ARG C 540 -10.75 -39.81 -7.29
N ASN C 541 -9.71 -39.16 -6.80
CA ASN C 541 -9.77 -38.42 -5.54
C ASN C 541 -10.91 -37.41 -5.51
N LEU C 542 -10.96 -36.53 -6.50
CA LEU C 542 -12.02 -35.53 -6.58
C LEU C 542 -13.36 -36.22 -6.82
N ALA C 543 -13.34 -37.34 -7.53
CA ALA C 543 -14.52 -38.15 -7.76
C ALA C 543 -15.11 -38.63 -6.44
N VAL C 544 -14.26 -39.22 -5.61
CA VAL C 544 -14.67 -39.68 -4.28
C VAL C 544 -15.25 -38.54 -3.46
N LEU C 545 -14.50 -37.45 -3.36
CA LEU C 545 -14.95 -36.25 -2.64
C LEU C 545 -16.30 -35.77 -3.15
N CYS C 546 -16.50 -35.85 -4.46
CA CYS C 546 -17.75 -35.44 -5.07
C CYS C 546 -18.85 -36.46 -4.80
N LEU C 547 -18.50 -37.74 -4.88
CA LEU C 547 -19.44 -38.81 -4.59
C LEU C 547 -20.00 -38.67 -3.16
N GLY C 548 -19.10 -38.42 -2.22
CA GLY C 548 -19.47 -38.24 -0.83
C GLY C 548 -20.35 -37.02 -0.63
N CYS C 549 -20.10 -35.98 -1.41
CA CYS C 549 -20.89 -34.75 -1.33
C CYS C 549 -22.30 -34.96 -1.87
N CYS C 550 -22.42 -35.84 -2.86
CA CYS C 550 -23.72 -36.17 -3.45
C CYS C 550 -24.53 -37.01 -2.48
N GLY C 551 -23.88 -38.03 -1.92
CA GLY C 551 -24.50 -38.88 -0.92
C GLY C 551 -25.12 -38.07 0.22
N LEU C 552 -24.56 -36.90 0.49
CA LEU C 552 -25.08 -36.01 1.50
C LEU C 552 -26.35 -35.32 1.01
N GLN C 553 -26.58 -35.35 -0.30
CA GLN C 553 -27.69 -34.63 -0.89
C GLN C 553 -28.98 -35.44 -0.83
N ASN C 554 -28.92 -36.68 -1.29
CA ASN C 554 -30.06 -37.60 -1.20
C ASN C 554 -29.65 -38.83 -0.39
N GLN C 555 -30.41 -39.11 0.66
CA GLN C 555 -30.09 -40.22 1.55
C GLN C 555 -30.06 -41.56 0.81
N ASP C 556 -31.00 -41.75 -0.12
CA ASP C 556 -31.03 -42.98 -0.91
C ASP C 556 -29.77 -43.10 -1.74
N PHE C 557 -29.30 -41.95 -2.24
CA PHE C 557 -28.08 -41.90 -3.02
C PHE C 557 -26.88 -42.37 -2.19
N ALA C 558 -26.82 -41.90 -0.95
CA ALA C 558 -25.76 -42.30 -0.03
C ALA C 558 -25.71 -43.81 0.17
N ARG C 559 -26.89 -44.44 0.36
CA ARG C 559 -26.94 -45.87 0.64
C ARG C 559 -26.41 -46.74 -0.50
N LYS C 560 -26.79 -46.41 -1.73
CA LYS C 560 -26.34 -47.17 -2.88
C LYS C 560 -24.82 -47.14 -3.00
N HIS C 561 -24.25 -45.94 -2.92
CA HIS C 561 -22.84 -45.73 -3.20
C HIS C 561 -21.96 -45.81 -1.95
N PHE C 562 -22.57 -45.98 -0.78
CA PHE C 562 -21.83 -46.10 0.46
C PHE C 562 -20.89 -47.31 0.43
N VAL C 563 -21.40 -48.41 -0.10
CA VAL C 563 -20.60 -49.62 -0.25
C VAL C 563 -19.40 -49.38 -1.16
N LEU C 564 -19.59 -48.50 -2.15
CA LEU C 564 -18.52 -48.13 -3.06
C LEU C 564 -17.41 -47.38 -2.31
N LEU C 565 -17.83 -46.48 -1.42
CA LEU C 565 -16.89 -45.70 -0.62
C LEU C 565 -16.03 -46.59 0.26
N LEU C 566 -16.63 -47.66 0.79
CA LEU C 566 -15.89 -48.62 1.59
C LEU C 566 -14.88 -49.33 0.69
N GLN C 567 -15.29 -49.62 -0.54
CA GLN C 567 -14.40 -50.22 -1.53
C GLN C 567 -13.18 -49.34 -1.76
N VAL C 568 -13.42 -48.06 -2.02
CA VAL C 568 -12.35 -47.07 -2.18
C VAL C 568 -11.46 -47.03 -0.94
N LEU C 569 -12.07 -47.19 0.22
CA LEU C 569 -11.38 -47.11 1.50
C LEU C 569 -10.26 -48.13 1.61
N GLN C 570 -10.50 -49.34 1.11
CA GLN C 570 -9.59 -50.46 1.29
C GLN C 570 -8.63 -50.66 0.13
N ILE C 571 -9.11 -50.45 -1.08
CA ILE C 571 -8.32 -50.69 -2.29
C ILE C 571 -7.34 -49.59 -2.64
N ASP C 572 -7.83 -48.37 -2.76
CA ASP C 572 -7.11 -47.28 -3.42
C ASP C 572 -5.85 -46.80 -2.70
N ASP C 573 -5.16 -45.86 -3.33
CA ASP C 573 -3.99 -45.20 -2.75
C ASP C 573 -4.35 -44.51 -1.44
N VAL C 574 -3.33 -44.14 -0.67
CA VAL C 574 -3.54 -43.60 0.67
C VAL C 574 -4.24 -42.24 0.65
N THR C 575 -3.85 -41.36 -0.26
CA THR C 575 -4.39 -40.01 -0.29
C THR C 575 -5.86 -40.00 -0.72
N ILE C 576 -6.27 -41.01 -1.47
CA ILE C 576 -7.67 -41.17 -1.84
C ILE C 576 -8.47 -41.70 -0.65
N LYS C 577 -7.87 -42.65 0.07
CA LYS C 577 -8.46 -43.20 1.29
C LYS C 577 -8.92 -42.11 2.25
N ILE C 578 -8.02 -41.17 2.54
CA ILE C 578 -8.30 -40.05 3.42
C ILE C 578 -9.61 -39.35 3.07
N SER C 579 -9.84 -39.16 1.76
CA SER C 579 -11.08 -38.57 1.28
C SER C 579 -12.27 -39.49 1.55
N ALA C 580 -12.06 -40.78 1.34
CA ALA C 580 -13.09 -41.78 1.61
C ALA C 580 -13.56 -41.70 3.06
N LEU C 581 -12.61 -41.65 3.99
CA LEU C 581 -12.93 -41.52 5.41
C LEU C 581 -13.78 -40.28 5.68
N LYS C 582 -13.36 -39.14 5.15
CA LYS C 582 -14.12 -37.90 5.32
C LYS C 582 -15.54 -38.05 4.78
N ALA C 583 -15.64 -38.57 3.56
CA ALA C 583 -16.94 -38.83 2.94
C ALA C 583 -17.79 -39.71 3.85
N ILE C 584 -17.30 -40.91 4.12
CA ILE C 584 -18.01 -41.88 4.95
C ILE C 584 -18.44 -41.32 6.31
N PHE C 585 -17.56 -40.58 6.96
CA PHE C 585 -17.85 -40.07 8.30
C PHE C 585 -18.87 -38.93 8.25
N ASP C 586 -18.75 -38.07 7.25
CA ASP C 586 -19.69 -36.95 7.10
C ASP C 586 -21.10 -37.46 6.83
N GLN C 587 -21.19 -38.62 6.20
CA GLN C 587 -22.48 -39.20 5.84
C GLN C 587 -23.08 -39.96 7.02
N LEU C 588 -22.23 -40.62 7.79
CA LEU C 588 -22.67 -41.31 9.01
C LEU C 588 -23.11 -40.26 10.04
N MET C 589 -22.49 -39.09 9.99
CA MET C 589 -22.80 -38.01 10.91
C MET C 589 -24.12 -37.32 10.55
N THR C 590 -24.60 -37.55 9.33
CA THR C 590 -25.76 -36.85 8.82
C THR C 590 -27.01 -37.73 8.76
N PHE C 591 -26.81 -39.03 8.56
CA PHE C 591 -27.92 -39.95 8.40
C PHE C 591 -27.88 -41.02 9.49
N GLY C 592 -26.84 -40.97 10.31
CA GLY C 592 -26.62 -41.98 11.33
C GLY C 592 -26.01 -43.25 10.76
N ILE C 593 -25.62 -44.16 11.65
CA ILE C 593 -24.99 -45.41 11.25
C ILE C 593 -26.02 -46.44 10.80
N GLU C 594 -27.23 -46.32 11.33
CA GLU C 594 -28.25 -47.36 11.20
C GLU C 594 -28.66 -47.68 9.77
N PRO C 595 -28.84 -46.63 8.93
CA PRO C 595 -29.31 -46.87 7.55
C PRO C 595 -28.30 -47.55 6.63
N PHE C 596 -27.05 -47.71 7.08
CA PHE C 596 -26.02 -48.30 6.24
C PHE C 596 -25.71 -49.75 6.63
N LYS C 597 -26.51 -50.30 7.53
CA LYS C 597 -26.32 -51.68 7.97
C LYS C 597 -27.57 -52.51 7.71
N THR C 598 -28.20 -52.28 6.56
CA THR C 598 -29.47 -52.92 6.22
C THR C 598 -29.43 -53.53 4.83
N ASN C 630 -21.43 -54.37 9.32
CA ASN C 630 -20.00 -54.61 9.50
C ASN C 630 -19.18 -53.36 9.20
N VAL C 631 -19.88 -52.25 8.97
CA VAL C 631 -19.25 -50.98 8.64
C VAL C 631 -18.31 -50.48 9.74
N LEU C 632 -18.70 -50.70 10.99
CA LEU C 632 -17.99 -50.17 12.14
C LEU C 632 -16.67 -50.90 12.39
N LYS C 633 -16.64 -52.19 12.11
CA LYS C 633 -15.39 -52.95 12.27
C LYS C 633 -14.37 -52.43 11.29
N LEU C 634 -14.83 -52.03 10.12
CA LEU C 634 -13.95 -51.51 9.08
C LEU C 634 -13.33 -50.19 9.52
N LEU C 635 -14.20 -49.22 9.81
CA LEU C 635 -13.73 -47.91 10.27
C LEU C 635 -12.94 -48.01 11.56
N SER C 636 -13.31 -48.94 12.43
CA SER C 636 -12.66 -49.08 13.72
C SER C 636 -11.23 -49.62 13.60
N ASP C 637 -11.02 -50.60 12.73
CA ASP C 637 -9.72 -51.25 12.64
C ASP C 637 -8.69 -50.33 11.99
N PHE C 638 -9.14 -49.15 11.56
CA PHE C 638 -8.24 -48.16 10.99
C PHE C 638 -7.54 -47.35 12.08
N LEU C 639 -7.99 -47.53 13.32
CA LEU C 639 -7.30 -46.93 14.46
C LEU C 639 -5.92 -47.54 14.60
N ASP C 640 -5.79 -48.78 14.14
CA ASP C 640 -4.54 -49.51 14.22
C ASP C 640 -3.73 -49.36 12.93
N SER C 641 -4.10 -48.36 12.14
CA SER C 641 -3.42 -48.10 10.87
C SER C 641 -1.99 -47.61 11.12
N GLU C 642 -1.13 -47.78 10.13
CA GLU C 642 0.24 -47.31 10.24
C GLU C 642 0.32 -45.85 9.80
N VAL C 643 -0.70 -45.42 9.05
CA VAL C 643 -0.75 -44.06 8.53
C VAL C 643 -1.38 -43.09 9.53
N SER C 644 -0.65 -42.02 9.81
CA SER C 644 -1.10 -40.99 10.76
C SER C 644 -2.47 -40.44 10.40
N GLU C 645 -2.66 -40.16 9.11
CA GLU C 645 -3.91 -39.55 8.63
C GLU C 645 -5.12 -40.46 8.83
N LEU C 646 -4.89 -41.77 8.81
CA LEU C 646 -5.98 -42.74 8.95
C LEU C 646 -6.29 -43.02 10.41
N ARG C 647 -5.24 -43.19 11.22
CA ARG C 647 -5.38 -43.26 12.67
C ARG C 647 -6.15 -42.05 13.18
N THR C 648 -5.68 -40.86 12.82
CA THR C 648 -6.30 -39.63 13.26
C THR C 648 -7.69 -39.45 12.64
N GLY C 649 -7.86 -39.96 11.42
CA GLY C 649 -9.12 -39.87 10.73
C GLY C 649 -10.17 -40.77 11.36
N ALA C 650 -9.84 -42.05 11.47
CA ALA C 650 -10.68 -43.01 12.18
C ALA C 650 -11.02 -42.52 13.58
N ALA C 651 -9.98 -42.27 14.38
CA ALA C 651 -10.14 -41.84 15.77
C ALA C 651 -11.09 -40.65 15.90
N GLU C 652 -10.84 -39.60 15.12
CA GLU C 652 -11.65 -38.39 15.20
C GLU C 652 -13.07 -38.64 14.72
N GLY C 653 -13.19 -39.35 13.59
CA GLY C 653 -14.49 -39.64 13.02
C GLY C 653 -15.37 -40.46 13.93
N LEU C 654 -14.77 -41.41 14.64
CA LEU C 654 -15.51 -42.24 15.60
C LEU C 654 -15.89 -41.42 16.83
N ALA C 655 -14.97 -40.59 17.29
CA ALA C 655 -15.23 -39.71 18.42
C ALA C 655 -16.37 -38.76 18.08
N LYS C 656 -16.41 -38.31 16.83
CA LYS C 656 -17.46 -37.41 16.37
C LYS C 656 -18.82 -38.09 16.45
N LEU C 657 -18.87 -39.35 16.01
CA LEU C 657 -20.10 -40.12 16.03
C LEU C 657 -20.61 -40.33 17.45
N MET C 658 -19.70 -40.51 18.40
CA MET C 658 -20.09 -40.69 19.80
C MET C 658 -20.61 -39.41 20.42
N PHE C 659 -19.92 -38.30 20.18
CA PHE C 659 -20.27 -37.04 20.83
C PHE C 659 -21.65 -36.53 20.42
N SER C 660 -22.04 -36.78 19.18
CA SER C 660 -23.34 -36.34 18.69
C SER C 660 -24.37 -37.47 18.80
N GLY C 661 -24.13 -38.37 19.75
CA GLY C 661 -25.07 -39.41 20.10
C GLY C 661 -25.52 -40.34 18.99
N LEU C 662 -24.80 -40.35 17.87
CA LEU C 662 -25.17 -41.22 16.75
C LEU C 662 -24.54 -42.61 16.89
N LEU C 663 -23.55 -42.73 17.76
CA LEU C 663 -22.88 -44.00 18.00
C LEU C 663 -22.68 -44.24 19.49
N VAL C 664 -23.06 -45.43 19.94
CA VAL C 664 -22.85 -45.82 21.33
C VAL C 664 -22.14 -47.16 21.40
N SER C 665 -20.87 -47.13 21.81
CA SER C 665 -20.06 -48.34 21.86
C SER C 665 -18.98 -48.22 22.94
N SER C 666 -19.15 -48.97 24.01
CA SER C 666 -18.17 -48.97 25.09
C SER C 666 -16.92 -49.72 24.68
N ARG C 667 -17.05 -50.51 23.62
CA ARG C 667 -15.90 -51.22 23.09
C ARG C 667 -14.97 -50.26 22.36
N ILE C 668 -15.52 -49.59 21.34
CA ILE C 668 -14.76 -48.66 20.53
C ILE C 668 -14.21 -47.53 21.39
N LEU C 669 -14.95 -47.17 22.44
CA LEU C 669 -14.50 -46.15 23.39
C LEU C 669 -13.30 -46.64 24.17
N SER C 670 -13.26 -47.94 24.46
CA SER C 670 -12.11 -48.55 25.13
C SER C 670 -10.91 -48.58 24.18
N ARG C 671 -11.19 -48.84 22.90
CA ARG C 671 -10.15 -48.91 21.89
C ARG C 671 -9.54 -47.53 21.66
N LEU C 672 -10.32 -46.50 21.96
CA LEU C 672 -9.87 -45.12 21.81
C LEU C 672 -8.98 -44.71 22.98
N ILE C 673 -9.49 -44.87 24.19
CA ILE C 673 -8.73 -44.60 25.41
C ILE C 673 -7.37 -45.28 25.37
N LEU C 674 -7.34 -46.51 24.88
CA LEU C 674 -6.10 -47.26 24.74
C LEU C 674 -5.20 -46.61 23.69
N LEU C 675 -5.80 -46.24 22.57
CA LEU C 675 -5.08 -45.57 21.49
C LEU C 675 -4.44 -44.28 21.98
N TRP C 676 -5.15 -43.57 22.84
CA TRP C 676 -4.68 -42.29 23.37
C TRP C 676 -3.47 -42.44 24.31
N TYR C 677 -3.43 -43.55 25.04
CA TYR C 677 -2.32 -43.82 25.94
C TYR C 677 -1.23 -44.57 25.19
N ASN C 678 -1.63 -45.22 24.10
CA ASN C 678 -0.72 -45.97 23.23
C ASN C 678 0.44 -45.10 22.74
N PRO C 679 1.68 -45.56 22.96
CA PRO C 679 2.88 -44.82 22.52
C PRO C 679 2.96 -44.61 21.00
N VAL C 680 2.49 -45.58 20.21
CA VAL C 680 2.51 -45.47 18.76
C VAL C 680 1.84 -44.19 18.24
N THR C 681 1.07 -43.53 19.11
CA THR C 681 0.32 -42.34 18.75
C THR C 681 0.97 -41.10 19.35
N GLU C 682 2.08 -41.32 20.05
CA GLU C 682 2.76 -40.29 20.82
C GLU C 682 3.06 -39.01 20.03
N GLU C 683 3.35 -39.16 18.74
CA GLU C 683 3.66 -38.02 17.90
C GLU C 683 2.54 -37.69 16.93
N ASP C 684 1.32 -38.11 17.24
CA ASP C 684 0.14 -37.71 16.50
C ASP C 684 -0.56 -36.59 17.27
N VAL C 685 -0.10 -35.36 17.05
CA VAL C 685 -0.57 -34.22 17.82
C VAL C 685 -2.07 -34.01 17.61
N GLN C 686 -2.49 -34.10 16.35
CA GLN C 686 -3.90 -34.02 16.01
C GLN C 686 -4.72 -35.06 16.77
N LEU C 687 -4.33 -36.32 16.62
CA LEU C 687 -5.00 -37.45 17.26
C LEU C 687 -5.12 -37.26 18.78
N ARG C 688 -3.98 -37.24 19.46
CA ARG C 688 -3.95 -37.13 20.91
C ARG C 688 -4.69 -35.90 21.46
N HIS C 689 -4.66 -34.80 20.72
CA HIS C 689 -5.34 -33.59 21.15
C HIS C 689 -6.84 -33.73 20.97
N CYS C 690 -7.26 -34.33 19.86
CA CYS C 690 -8.67 -34.54 19.58
C CYS C 690 -9.35 -35.33 20.70
N LEU C 691 -8.83 -36.51 20.98
CA LEU C 691 -9.39 -37.37 22.02
C LEU C 691 -9.30 -36.71 23.39
N GLY C 692 -8.19 -36.04 23.65
CA GLY C 692 -7.96 -35.35 24.91
C GLY C 692 -9.09 -34.39 25.25
N VAL C 693 -9.66 -33.78 24.21
CA VAL C 693 -10.79 -32.88 24.37
C VAL C 693 -12.09 -33.67 24.46
N PHE C 694 -12.16 -34.73 23.68
CA PHE C 694 -13.38 -35.54 23.56
C PHE C 694 -13.76 -36.22 24.88
N PHE C 695 -12.82 -36.95 25.45
CA PHE C 695 -13.08 -37.75 26.66
C PHE C 695 -13.77 -36.97 27.78
N PRO C 696 -13.20 -35.82 28.15
CA PRO C 696 -13.82 -35.04 29.24
C PRO C 696 -15.19 -34.49 28.84
N VAL C 697 -15.26 -33.76 27.73
CA VAL C 697 -16.51 -33.10 27.33
C VAL C 697 -17.57 -34.14 26.99
N PHE C 698 -17.14 -35.30 26.53
CA PHE C 698 -18.06 -36.39 26.25
C PHE C 698 -18.57 -37.01 27.54
N ALA C 699 -17.66 -37.25 28.47
CA ALA C 699 -18.01 -37.89 29.73
C ALA C 699 -19.04 -37.07 30.49
N TYR C 700 -18.75 -35.79 30.70
CA TYR C 700 -19.56 -34.95 31.57
C TYR C 700 -20.79 -34.40 30.85
N ALA C 701 -20.98 -34.83 29.61
CA ALA C 701 -22.13 -34.36 28.81
C ALA C 701 -23.44 -34.94 29.34
N SER C 702 -23.40 -36.18 29.81
CA SER C 702 -24.60 -36.85 30.29
C SER C 702 -24.25 -38.14 31.02
N ARG C 703 -25.15 -38.59 31.88
CA ARG C 703 -24.95 -39.82 32.64
C ARG C 703 -24.75 -41.01 31.73
N THR C 704 -25.58 -41.09 30.70
CA THR C 704 -25.51 -42.16 29.71
C THR C 704 -24.11 -42.25 29.10
N ASN C 705 -23.47 -41.10 28.93
CA ASN C 705 -22.11 -41.05 28.41
C ASN C 705 -21.12 -41.64 29.40
N GLN C 706 -21.21 -41.21 30.67
CA GLN C 706 -20.37 -41.75 31.72
C GLN C 706 -20.52 -43.26 31.85
N GLU C 707 -21.75 -43.72 31.75
CA GLU C 707 -22.06 -45.15 31.79
C GLU C 707 -21.27 -45.90 30.74
N CYS C 708 -21.03 -45.24 29.61
CA CYS C 708 -20.27 -45.84 28.51
C CYS C 708 -18.82 -46.12 28.94
N PHE C 709 -18.26 -45.22 29.75
CA PHE C 709 -16.90 -45.39 30.29
C PHE C 709 -16.85 -46.50 31.32
N GLU C 710 -17.85 -46.54 32.19
CA GLU C 710 -17.93 -47.55 33.23
C GLU C 710 -18.05 -48.96 32.65
N GLU C 711 -18.86 -49.08 31.61
CA GLU C 711 -18.99 -50.35 30.89
C GLU C 711 -17.64 -50.76 30.32
N ALA C 712 -16.82 -49.76 29.98
CA ALA C 712 -15.52 -49.99 29.36
C ALA C 712 -14.41 -50.12 30.41
N PHE C 713 -14.73 -49.82 31.66
CA PHE C 713 -13.74 -49.78 32.74
C PHE C 713 -12.92 -51.06 32.85
N LEU C 714 -13.57 -52.16 33.20
CA LEU C 714 -12.85 -53.42 33.42
C LEU C 714 -12.21 -53.99 32.16
N PRO C 715 -12.97 -54.04 31.04
CA PRO C 715 -12.39 -54.59 29.81
C PRO C 715 -11.16 -53.81 29.35
N THR C 716 -11.14 -52.51 29.62
CA THR C 716 -9.99 -51.67 29.27
C THR C 716 -8.76 -52.04 30.08
N LEU C 717 -8.88 -51.96 31.41
CA LEU C 717 -7.77 -52.25 32.30
C LEU C 717 -7.31 -53.70 32.20
N GLN C 718 -8.19 -54.57 31.70
CA GLN C 718 -7.85 -55.98 31.54
C GLN C 718 -7.12 -56.21 30.22
N THR C 719 -7.38 -55.36 29.23
CA THR C 719 -6.62 -55.39 27.99
C THR C 719 -5.17 -55.01 28.27
N LEU C 720 -4.99 -54.06 29.18
CA LEU C 720 -3.65 -53.61 29.56
C LEU C 720 -2.90 -54.70 30.32
N ALA C 721 -3.52 -55.23 31.38
CA ALA C 721 -2.89 -56.22 32.23
C ALA C 721 -2.54 -57.50 31.47
N ASN C 722 -3.26 -57.76 30.38
CA ASN C 722 -3.02 -58.96 29.60
C ASN C 722 -2.10 -58.70 28.41
N ALA C 723 -1.46 -57.54 28.42
CA ALA C 723 -0.57 -57.15 27.32
C ALA C 723 0.86 -57.62 27.58
N PRO C 724 1.44 -58.34 26.60
CA PRO C 724 2.81 -58.85 26.66
C PRO C 724 3.85 -57.76 26.41
N ALA C 725 5.12 -58.05 26.68
CA ALA C 725 6.18 -57.06 26.60
C ALA C 725 6.36 -56.60 25.16
N SER C 726 5.90 -57.41 24.22
CA SER C 726 6.06 -57.12 22.80
C SER C 726 5.20 -55.92 22.43
N SER C 727 3.98 -55.89 22.96
CA SER C 727 3.06 -54.78 22.73
C SER C 727 3.55 -53.51 23.40
N PRO C 728 3.33 -52.37 22.75
CA PRO C 728 3.57 -51.02 23.30
C PRO C 728 2.70 -50.77 24.54
N LEU C 729 1.67 -51.59 24.68
CA LEU C 729 0.69 -51.46 25.74
C LEU C 729 1.30 -51.61 27.14
N ALA C 730 2.36 -52.41 27.25
CA ALA C 730 3.05 -52.62 28.52
C ALA C 730 3.58 -51.33 29.17
N GLU C 731 3.89 -50.33 28.35
CA GLU C 731 4.38 -49.03 28.85
C GLU C 731 3.39 -48.21 29.68
N ILE C 732 2.10 -48.27 29.33
CA ILE C 732 1.11 -47.42 29.99
C ILE C 732 1.10 -47.62 31.51
N ASP C 733 0.71 -46.57 32.23
CA ASP C 733 0.53 -46.68 33.66
C ASP C 733 -0.93 -46.99 33.90
N ILE C 734 -1.18 -48.17 34.48
CA ILE C 734 -2.54 -48.68 34.59
C ILE C 734 -3.33 -47.82 35.54
N THR C 735 -2.66 -47.35 36.59
CA THR C 735 -3.30 -46.48 37.57
C THR C 735 -3.78 -45.19 36.91
N ASN C 736 -2.95 -44.61 36.05
CA ASN C 736 -3.32 -43.39 35.34
C ASN C 736 -4.58 -43.60 34.49
N VAL C 737 -4.65 -44.74 33.81
CA VAL C 737 -5.82 -45.05 32.99
C VAL C 737 -7.01 -45.31 33.89
N ALA C 738 -6.76 -45.98 35.01
CA ALA C 738 -7.81 -46.25 35.98
C ALA C 738 -8.25 -44.95 36.64
N GLU C 739 -7.27 -44.10 36.98
CA GLU C 739 -7.55 -42.80 37.57
C GLU C 739 -8.40 -41.96 36.62
N LEU C 740 -8.15 -42.13 35.33
CA LEU C 740 -8.88 -41.38 34.30
C LEU C 740 -10.32 -41.85 34.18
N LEU C 741 -10.52 -43.16 34.17
CA LEU C 741 -11.85 -43.74 34.05
C LEU C 741 -12.68 -43.44 35.29
N VAL C 742 -12.05 -43.55 36.45
CA VAL C 742 -12.70 -43.20 37.72
C VAL C 742 -13.04 -41.72 37.74
N ASP C 743 -12.14 -40.92 37.19
CA ASP C 743 -12.32 -39.46 37.11
C ASP C 743 -13.50 -39.08 36.22
N LEU C 744 -13.54 -39.65 35.01
CA LEU C 744 -14.59 -39.33 34.05
C LEU C 744 -15.98 -39.75 34.51
N THR C 745 -16.05 -40.71 35.43
CA THR C 745 -17.34 -41.28 35.80
C THR C 745 -17.91 -40.79 37.12
N ARG C 746 -17.19 -39.94 37.85
CA ARG C 746 -17.74 -39.41 39.10
C ARG C 746 -18.97 -38.56 38.82
N PRO C 747 -19.99 -38.67 39.68
CA PRO C 747 -21.23 -37.90 39.53
C PRO C 747 -21.08 -36.43 39.89
N SER C 748 -19.91 -36.05 40.39
CA SER C 748 -19.62 -34.65 40.68
C SER C 748 -18.93 -33.99 39.48
N GLY C 749 -19.36 -34.35 38.29
CA GLY C 749 -18.75 -33.84 37.08
C GLY C 749 -19.75 -33.44 36.01
N LEU C 750 -21.03 -33.54 36.34
CA LEU C 750 -22.09 -33.13 35.42
C LEU C 750 -23.11 -32.22 36.09
N ASN C 751 -23.04 -30.93 35.80
CA ASN C 751 -23.90 -29.95 36.44
C ASN C 751 -25.28 -29.87 35.81
N PRO C 752 -25.35 -29.48 34.52
CA PRO C 752 -26.66 -29.34 33.87
C PRO C 752 -27.29 -30.69 33.56
N ALA C 762 -31.93 -44.70 43.57
CA ALA C 762 -31.06 -44.13 42.54
C ALA C 762 -29.61 -44.43 42.83
N LEU C 763 -29.04 -45.36 42.07
CA LEU C 763 -27.65 -45.80 42.25
C LEU C 763 -26.70 -45.09 41.30
N THR C 764 -25.71 -44.38 41.84
CA THR C 764 -24.79 -43.62 41.00
C THR C 764 -23.89 -44.54 40.18
N VAL C 765 -23.24 -43.98 39.18
CA VAL C 765 -22.32 -44.73 38.33
C VAL C 765 -21.14 -45.28 39.12
N HIS C 766 -20.67 -44.51 40.09
CA HIS C 766 -19.56 -44.94 40.93
C HIS C 766 -19.97 -46.06 41.88
N ASP C 767 -21.26 -46.15 42.18
CA ASP C 767 -21.78 -47.24 42.99
C ASP C 767 -21.72 -48.53 42.19
N ASN C 768 -22.11 -48.45 40.93
CA ASN C 768 -21.99 -49.58 40.00
C ASN C 768 -20.55 -50.06 39.89
N LEU C 769 -19.62 -49.10 39.85
CA LEU C 769 -18.20 -49.41 39.77
C LEU C 769 -17.73 -50.17 41.01
N ALA C 770 -18.10 -49.67 42.18
CA ALA C 770 -17.75 -50.32 43.44
C ALA C 770 -18.23 -51.76 43.46
N MET C 771 -19.42 -51.99 42.91
CA MET C 771 -19.94 -53.34 42.79
C MET C 771 -19.08 -54.12 41.79
N LYS C 772 -18.94 -53.57 40.60
CA LYS C 772 -18.15 -54.17 39.54
C LYS C 772 -16.74 -54.53 40.03
N ILE C 773 -16.14 -53.61 40.78
CA ILE C 773 -14.77 -53.77 41.25
C ILE C 773 -14.65 -54.78 42.39
N CYS C 774 -15.58 -54.72 43.33
CA CYS C 774 -15.60 -55.68 44.44
C CYS C 774 -15.82 -57.09 43.92
N ASN C 775 -16.63 -57.22 42.88
CA ASN C 775 -16.87 -58.52 42.27
C ASN C 775 -15.61 -59.06 41.61
N GLU C 776 -14.83 -58.16 41.02
CA GLU C 776 -13.59 -58.56 40.38
C GLU C 776 -12.53 -58.90 41.42
N ILE C 777 -12.41 -58.06 42.44
CA ILE C 777 -11.47 -58.31 43.53
C ILE C 777 -11.78 -59.65 44.19
N LEU C 778 -13.06 -59.96 44.33
CA LEU C 778 -13.49 -61.22 44.91
C LEU C 778 -13.20 -62.40 43.98
N THR C 779 -13.06 -62.12 42.69
CA THR C 779 -12.77 -63.16 41.71
C THR C 779 -11.28 -63.51 41.70
N SER C 780 -10.44 -62.50 41.90
CA SER C 780 -9.00 -62.69 41.97
C SER C 780 -8.39 -61.71 42.96
N PRO C 781 -8.51 -62.01 44.26
CA PRO C 781 -8.11 -61.09 45.33
C PRO C 781 -6.59 -60.93 45.44
N CYS C 782 -5.85 -61.82 44.78
CA CYS C 782 -4.39 -61.75 44.82
C CYS C 782 -3.82 -61.54 43.41
N SER C 783 -4.58 -60.84 42.58
CA SER C 783 -4.17 -60.53 41.22
C SER C 783 -3.04 -59.51 41.19
N PRO C 784 -2.23 -59.52 40.14
CA PRO C 784 -1.17 -58.54 39.94
C PRO C 784 -1.67 -57.10 39.94
N GLU C 785 -2.98 -56.92 39.75
CA GLU C 785 -3.59 -55.60 39.66
C GLU C 785 -4.40 -55.21 40.90
N ILE C 786 -4.36 -56.05 41.93
CA ILE C 786 -5.13 -55.80 43.17
C ILE C 786 -4.96 -54.38 43.70
N ARG C 787 -3.74 -53.84 43.60
CA ARG C 787 -3.47 -52.49 44.05
C ARG C 787 -4.28 -51.46 43.27
N VAL C 788 -4.39 -51.66 41.96
CA VAL C 788 -5.13 -50.75 41.10
C VAL C 788 -6.59 -50.71 41.50
N TYR C 789 -7.19 -51.88 41.61
CA TYR C 789 -8.60 -52.02 41.92
C TYR C 789 -8.92 -51.47 43.31
N THR C 790 -8.00 -51.64 44.24
CA THR C 790 -8.16 -51.11 45.58
C THR C 790 -8.12 -49.58 45.56
N LYS C 791 -7.17 -49.03 44.79
CA LYS C 791 -7.03 -47.58 44.65
C LYS C 791 -8.28 -46.92 44.06
N ALA C 792 -8.80 -47.53 43.00
CA ALA C 792 -10.00 -47.02 42.33
C ALA C 792 -11.18 -47.01 43.27
N LEU C 793 -11.29 -48.08 44.06
CA LEU C 793 -12.39 -48.24 45.00
C LEU C 793 -12.36 -47.09 46.01
N SER C 794 -11.16 -46.73 46.45
CA SER C 794 -10.98 -45.69 47.46
C SER C 794 -11.29 -44.31 46.91
N SER C 795 -11.12 -44.14 45.60
CA SER C 795 -11.31 -42.84 44.96
C SER C 795 -12.74 -42.65 44.46
N LEU C 796 -13.56 -43.69 44.61
CA LEU C 796 -14.95 -43.64 44.18
C LEU C 796 -15.82 -42.75 45.08
N GLU C 797 -16.86 -42.17 44.49
CA GLU C 797 -17.86 -41.40 45.24
C GLU C 797 -19.06 -42.28 45.56
N LEU C 798 -18.95 -43.05 46.64
CA LEU C 798 -19.97 -44.04 46.98
C LEU C 798 -21.18 -43.40 47.67
N SER C 799 -22.37 -43.71 47.19
CA SER C 799 -23.60 -43.25 47.82
C SER C 799 -23.76 -43.84 49.22
N SER C 800 -24.58 -43.18 50.04
CA SER C 800 -24.80 -43.60 51.42
C SER C 800 -25.64 -44.87 51.53
N HIS C 801 -26.57 -45.05 50.59
CA HIS C 801 -27.51 -46.18 50.67
C HIS C 801 -26.88 -47.49 50.19
N LEU C 802 -25.79 -47.39 49.46
CA LEU C 802 -25.08 -48.58 48.98
C LEU C 802 -24.20 -49.14 50.08
N ALA C 803 -24.05 -48.37 51.16
CA ALA C 803 -23.11 -48.69 52.23
C ALA C 803 -23.36 -50.06 52.84
N LYS C 804 -24.63 -50.42 53.01
CA LYS C 804 -24.95 -51.69 53.63
C LYS C 804 -24.60 -52.86 52.70
N ASP C 805 -24.99 -52.73 51.43
CA ASP C 805 -24.68 -53.75 50.43
C ASP C 805 -23.18 -53.88 50.19
N LEU C 806 -22.51 -52.73 50.08
CA LEU C 806 -21.08 -52.71 49.83
C LEU C 806 -20.32 -53.31 51.01
N LEU C 807 -20.73 -52.93 52.21
CA LEU C 807 -20.13 -53.45 53.43
C LEU C 807 -20.09 -54.98 53.44
N VAL C 808 -21.18 -55.59 52.99
CA VAL C 808 -21.26 -57.04 52.90
C VAL C 808 -20.11 -57.60 52.07
N LEU C 809 -19.89 -56.97 50.92
CA LEU C 809 -18.82 -57.36 50.00
C LEU C 809 -17.44 -57.08 50.59
N LEU C 810 -17.27 -55.90 51.14
CA LEU C 810 -15.98 -55.45 51.67
C LEU C 810 -15.50 -56.36 52.79
N ASN C 811 -16.45 -56.87 53.57
CA ASN C 811 -16.13 -57.79 54.65
C ASN C 811 -15.56 -59.09 54.12
N GLU C 812 -16.17 -59.63 53.07
CA GLU C 812 -15.70 -60.86 52.44
C GLU C 812 -14.35 -60.62 51.76
N ILE C 813 -14.21 -59.46 51.14
CA ILE C 813 -12.96 -59.05 50.52
C ILE C 813 -11.80 -58.96 51.52
N LEU C 814 -12.10 -58.45 52.71
CA LEU C 814 -11.09 -58.31 53.75
C LEU C 814 -10.49 -59.64 54.17
N GLU C 815 -11.22 -60.72 53.91
CA GLU C 815 -10.75 -62.06 54.24
C GLU C 815 -9.85 -62.64 53.14
N GLN C 816 -10.15 -62.33 51.89
CA GLN C 816 -9.47 -62.96 50.77
C GLN C 816 -8.24 -62.19 50.27
N VAL C 817 -8.33 -60.88 50.21
CA VAL C 817 -7.18 -60.07 49.81
C VAL C 817 -6.07 -60.21 50.85
N LYS C 818 -4.85 -60.46 50.40
CA LYS C 818 -3.77 -60.75 51.33
C LYS C 818 -2.70 -59.67 51.33
N ASP C 819 -2.67 -58.84 50.28
CA ASP C 819 -1.73 -57.73 50.24
C ASP C 819 -2.03 -56.75 51.36
N ARG C 820 -1.10 -56.62 52.29
CA ARG C 820 -1.28 -55.78 53.46
C ARG C 820 -1.50 -54.32 53.10
N THR C 821 -0.94 -53.88 51.98
CA THR C 821 -1.14 -52.52 51.51
C THR C 821 -2.59 -52.29 51.12
N CYS C 822 -3.13 -53.21 50.32
CA CYS C 822 -4.52 -53.13 49.88
C CYS C 822 -5.49 -53.29 51.05
N LEU C 823 -5.10 -54.11 52.03
CA LEU C 823 -5.96 -54.36 53.18
C LEU C 823 -6.17 -53.10 54.01
N ARG C 824 -5.08 -52.41 54.35
CA ARG C 824 -5.17 -51.19 55.15
C ARG C 824 -6.02 -50.14 54.46
N ALA C 825 -5.98 -50.12 53.13
CA ALA C 825 -6.79 -49.20 52.35
C ALA C 825 -8.25 -49.65 52.36
N LEU C 826 -8.46 -50.96 52.27
CA LEU C 826 -9.79 -51.54 52.28
C LEU C 826 -10.41 -51.42 53.66
N GLU C 827 -9.58 -51.56 54.69
CA GLU C 827 -10.01 -51.40 56.07
C GLU C 827 -10.53 -49.98 56.26
N LYS C 828 -9.80 -49.03 55.68
CA LYS C 828 -10.15 -47.61 55.74
C LYS C 828 -11.50 -47.31 55.09
N ILE C 829 -11.76 -47.96 53.95
CA ILE C 829 -13.04 -47.80 53.27
C ILE C 829 -14.18 -48.35 54.11
N LYS C 830 -13.90 -49.42 54.85
CA LYS C 830 -14.90 -50.04 55.71
C LYS C 830 -15.38 -49.05 56.75
N ILE C 831 -14.43 -48.33 57.35
CA ILE C 831 -14.74 -47.31 58.34
C ILE C 831 -15.54 -46.16 57.72
N GLN C 832 -15.21 -45.80 56.49
CA GLN C 832 -15.94 -44.74 55.79
C GLN C 832 -17.39 -45.15 55.59
N LEU C 833 -17.59 -46.43 55.24
CA LEU C 833 -18.93 -46.96 55.08
C LEU C 833 -19.67 -47.08 56.42
N GLU C 834 -18.99 -47.62 57.42
CA GLU C 834 -19.58 -47.81 58.75
C GLU C 834 -20.04 -46.52 59.41
N LYS C 835 -19.27 -45.44 59.22
CA LYS C 835 -19.67 -44.11 59.68
C LYS C 835 -21.01 -43.69 59.08
N GLU D 2 16.85 10.25 56.75
CA GLU D 2 16.30 8.93 57.01
C GLU D 2 17.42 7.99 57.44
N ILE D 3 18.62 8.22 56.93
CA ILE D 3 19.78 7.41 57.28
C ILE D 3 20.66 8.13 58.29
N ASP D 4 20.91 7.49 59.42
CA ASP D 4 21.76 8.06 60.45
C ASP D 4 23.19 7.51 60.33
N PHE D 5 24.09 8.34 59.80
CA PHE D 5 25.48 7.92 59.62
C PHE D 5 26.28 8.05 60.91
N GLU D 6 25.60 8.41 61.99
CA GLU D 6 26.28 8.76 63.24
C GLU D 6 26.63 7.56 64.13
N ASP D 7 25.64 6.77 64.50
CA ASP D 7 25.90 5.68 65.44
C ASP D 7 26.80 4.63 64.79
N ASP D 8 27.96 4.41 65.40
CA ASP D 8 28.91 3.44 64.87
C ASP D 8 28.36 2.02 65.01
N ILE D 9 27.83 1.51 63.91
CA ILE D 9 27.30 0.16 63.86
C ILE D 9 28.37 -0.81 63.37
N ASP D 10 28.54 -1.92 64.09
CA ASP D 10 29.50 -2.94 63.68
C ASP D 10 28.94 -3.72 62.50
N PHE D 11 29.30 -3.29 61.29
CA PHE D 11 28.73 -3.84 60.07
C PHE D 11 29.34 -5.17 59.62
N ASP D 12 30.23 -5.72 60.44
CA ASP D 12 30.88 -6.99 60.08
C ASP D 12 29.84 -8.10 60.00
N VAL D 13 28.87 -8.06 60.89
CA VAL D 13 27.75 -9.00 60.90
C VAL D 13 27.13 -9.17 59.51
N TYR D 14 27.08 -8.07 58.77
CA TYR D 14 26.47 -8.07 57.44
C TYR D 14 27.44 -8.56 56.37
N PHE D 15 28.71 -8.18 56.51
CA PHE D 15 29.72 -8.42 55.47
C PHE D 15 30.48 -9.75 55.65
N ARG D 16 30.56 -10.21 56.89
CA ARG D 16 31.20 -11.48 57.24
C ARG D 16 30.74 -12.65 56.36
N LYS D 17 31.60 -13.64 56.18
CA LYS D 17 31.24 -14.81 55.38
C LYS D 17 30.78 -15.98 56.23
N THR D 18 29.76 -16.69 55.76
CA THR D 18 29.23 -17.89 56.43
C THR D 18 28.92 -18.98 55.39
N LYS D 19 27.68 -19.46 55.37
CA LYS D 19 27.18 -20.34 54.31
C LYS D 19 25.68 -20.14 54.19
N ALA D 20 25.09 -20.24 53.00
CA ALA D 20 25.79 -20.42 51.74
C ALA D 20 25.11 -19.55 50.67
N ALA D 21 25.91 -18.79 49.92
CA ALA D 21 25.40 -17.64 49.14
C ALA D 21 24.68 -17.96 47.82
N THR D 22 25.15 -18.94 47.07
CA THR D 22 24.69 -19.13 45.69
C THR D 22 23.60 -20.20 45.55
N ILE D 23 22.91 -20.18 44.42
CA ILE D 23 21.79 -21.09 44.14
C ILE D 23 22.23 -22.55 44.14
N LEU D 24 21.29 -23.43 44.46
CA LEU D 24 21.59 -24.82 44.79
C LEU D 24 22.24 -25.56 43.62
N THR D 25 23.19 -26.44 43.94
CA THR D 25 24.03 -27.06 42.92
C THR D 25 23.33 -27.95 41.90
N LYS D 26 22.43 -28.84 42.36
CA LYS D 26 21.76 -29.76 41.45
C LYS D 26 20.87 -29.02 40.46
N SER D 27 20.03 -28.12 40.97
CA SER D 27 19.10 -27.36 40.13
C SER D 27 19.82 -26.41 39.19
N GLU D 30 22.16 -29.01 36.84
CA GLU D 30 21.46 -30.00 36.02
C GLU D 30 19.99 -29.65 35.84
N ASN D 31 19.23 -29.81 36.93
CA ASN D 31 17.77 -29.73 36.95
C ASN D 31 17.08 -28.81 35.94
N GLN D 32 17.32 -27.50 36.08
CA GLN D 32 16.42 -26.49 35.51
C GLN D 32 16.17 -26.62 34.01
N ASN D 33 14.94 -26.32 33.61
CA ASN D 33 14.51 -26.46 32.23
C ASN D 33 13.80 -25.21 31.72
N TRP D 34 13.83 -24.99 30.41
CA TRP D 34 13.13 -23.88 29.79
C TRP D 34 11.62 -24.13 29.70
N ARG D 35 11.25 -25.41 29.85
CA ARG D 35 9.87 -25.84 29.73
C ARG D 35 8.92 -25.10 30.67
N ALA D 36 9.43 -24.79 31.86
CA ALA D 36 8.65 -24.07 32.86
C ALA D 36 8.41 -22.63 32.40
N THR D 37 9.44 -22.05 31.79
CA THR D 37 9.38 -20.66 31.35
C THR D 37 8.66 -20.44 30.01
N THR D 38 8.75 -21.40 29.10
CA THR D 38 8.18 -21.22 27.76
C THR D 38 6.76 -21.78 27.62
N LEU D 39 5.97 -21.16 26.73
CA LEU D 39 4.63 -21.62 26.40
C LEU D 39 4.65 -22.69 25.30
N PRO D 40 3.67 -23.61 25.33
CA PRO D 40 3.52 -24.64 24.30
C PRO D 40 2.80 -24.12 23.06
N ASN D 46 -11.89 -26.36 19.47
CA ASN D 46 -11.85 -27.77 19.09
C ASN D 46 -13.20 -28.44 19.28
N VAL D 47 -13.87 -28.12 20.40
CA VAL D 47 -15.17 -28.72 20.70
C VAL D 47 -16.18 -28.39 19.62
N ASP D 48 -15.92 -27.33 18.86
CA ASP D 48 -16.74 -26.97 17.72
C ASP D 48 -16.39 -27.86 16.54
N THR D 49 -15.12 -28.29 16.49
CA THR D 49 -14.64 -29.19 15.45
C THR D 49 -15.22 -30.59 15.59
N LEU D 50 -15.72 -30.91 16.78
CA LEU D 50 -16.34 -32.21 17.05
C LEU D 50 -17.68 -32.36 16.34
N VAL D 51 -18.29 -31.24 15.98
CA VAL D 51 -19.59 -31.24 15.33
C VAL D 51 -19.50 -30.81 13.86
N GLN D 52 -18.28 -30.63 13.36
CA GLN D 52 -18.10 -30.12 12.01
C GLN D 52 -17.88 -31.23 10.98
N LEU D 53 -18.30 -30.97 9.74
CA LEU D 53 -18.15 -31.92 8.65
C LEU D 53 -16.89 -31.63 7.85
N HIS D 54 -16.43 -32.63 7.09
CA HIS D 54 -15.20 -32.50 6.32
C HIS D 54 -15.43 -31.97 4.90
N LEU D 55 -16.63 -32.20 4.36
CA LEU D 55 -16.88 -31.94 2.95
C LEU D 55 -17.56 -30.60 2.62
N LYS D 56 -18.02 -29.88 3.64
CA LYS D 56 -18.72 -28.63 3.40
C LYS D 56 -18.22 -27.51 4.31
N PRO D 57 -17.96 -26.33 3.74
CA PRO D 57 -17.43 -25.16 4.44
C PRO D 57 -18.46 -24.52 5.37
N1 EPE E . 29.44 -0.64 25.40
C2 EPE E . 29.18 -1.97 24.84
C3 EPE E . 30.30 -2.92 25.28
N4 EPE E . 31.55 -2.18 25.39
C5 EPE E . 31.67 -1.09 24.45
C6 EPE E . 30.61 -0.02 24.75
C7 EPE E . 32.15 -1.97 26.69
C8 EPE E . 33.63 -2.34 26.73
O8 EPE E . 34.11 -2.20 28.05
C9 EPE E . 28.26 0.23 25.21
C10 EPE E . 27.26 0.00 26.32
S EPE E . 26.10 1.37 26.56
O1S EPE E . 24.75 0.93 26.21
O2S EPE E . 26.47 2.49 25.70
O3S EPE E . 26.12 1.79 27.96
H21 EPE E . 29.15 -1.92 23.75
H22 EPE E . 28.22 -2.35 25.19
H31 EPE E . 30.41 -3.72 24.56
H32 EPE E . 30.05 -3.35 26.24
H51 EPE E . 31.54 -1.45 23.44
H52 EPE E . 32.65 -0.64 24.53
H61 EPE E . 30.31 0.46 23.82
H62 EPE E . 31.03 0.74 25.40
H71 EPE E . 31.61 -2.57 27.43
H72 EPE E . 32.04 -0.93 26.97
H81 EPE E . 34.19 -1.69 26.06
H82 EPE E . 33.76 -3.37 26.40
HO8 EPE E . 33.39 -1.90 28.63
H91 EPE E . 28.58 1.27 25.22
H92 EPE E . 27.80 0.02 24.25
H101 EPE E . 26.69 -0.91 26.10
H102 EPE E . 27.79 -0.18 27.27
#